data_6O25
#
_entry.id   6O25
#
_cell.length_a   156.249
_cell.length_b   230.737
_cell.length_c   48.249
_cell.angle_alpha   90.000
_cell.angle_beta   90.000
_cell.angle_gamma   90.000
#
_symmetry.space_group_name_H-M   'P 21 21 2'
#
loop_
_entity.id
_entity.type
_entity.pdbx_description
1 polymer '3945 Fab heavy chain'
2 polymer '3945 Kappa light chain'
3 polymer 'Anti-Kappa VHH domain'
4 polymer 'Circumsporozoite protein'
5 water water
#
loop_
_entity_poly.entity_id
_entity_poly.type
_entity_poly.pdbx_seq_one_letter_code
_entity_poly.pdbx_strand_id
1 'polypeptide(L)'
;QVQLVESGGGVVQPGRSLRLSCEASGFTFSSYGIHWVRQAPGKGLEWVAVIWYDGSNKYYADSVKGRFTISRDNSKNTLY
LQMNSLRAEDTAVYYCARAGYSNYGHYFDYWGQGTLVTVSSASTKGPSVFPLAPSSKSTSGGTAALGCLVKDYFPEPVTV
SWNSGALTSGVHTFPAVLQSSGLYSLSSVVTVPSSSLGTQTYICNVNHKPSNTKVDKRVEPKSC
;
A,E,I
2 'polypeptide(L)'
;EIVLTQSPGTLSLSPGERATLSCRASQSVSSSYLAWYQQKPGQAPRLLIYGASSRATGIPDRFSGSGSGTDFTLTISRLE
PEDFAVYYCQQYGSSPPTFGQGTKVEIKRTVAAPSVFIFPPSDEQLKSGTASVVCLLNNFYPREAKVQWKVDNALQSGNS
QESVTEQDSKDSTYSLSSTLTLSKADYEKHKVYACEVTHQGLSSPVTKSFNRGEC
;
F,B,J
3 'polypeptide(L)'
;(UNK)VQL(UNK)(UNK)SGGG(UNK)VQ(UNK)G(UNK)SL(UNK)LSC(UNK)A(UNK)(UNK)(UNK)(UNK)
(UNK)(UNK)(UNK)(UNK)(UNK)(UNK)(UNK)W(UNK)RQ(UNK)PG(UNK)(UNK)RE(UNK)V(UNK)(UNK)
(UNK)(UNK)(UNK)(UNK)(UNK)(UNK)(UNK)(UNK)(UNK)(UNK)(UNK)DS(UNK)(UNK)GRFT(UNK)S
(UNK)D(UNK)(UNK)(UNK)(UNK)(UNK)(UNK)(UNK)LQ(UNK)(UNK)(UNK)L(UNK)(UNK)(UNK)D(UNK)
A(UNK)YYC(UNK)(UNK)(UNK)(UNK)(UNK)(UNK)(UNK)(UNK)(UNK)(UNK)(UNK)(UNK)(UNK)(UNK)W
G(UNK)GT(UNK)VTVSS
;
K,C,G
4 'polypeptide(L)' NANPNANPNANP D,H,L
#
# COMPACT_ATOMS: atom_id res chain seq x y z
N GLN A 1 23.61 -22.61 13.41
CA GLN A 1 24.18 -23.16 12.18
C GLN A 1 23.30 -24.26 11.58
N VAL A 2 22.18 -23.85 10.99
CA VAL A 2 21.24 -24.78 10.39
C VAL A 2 21.75 -25.08 8.98
N GLN A 3 22.24 -26.30 8.77
CA GLN A 3 22.75 -26.70 7.46
C GLN A 3 22.10 -27.99 7.01
N LEU A 4 21.81 -28.06 5.71
CA LEU A 4 21.25 -29.24 5.06
C LEU A 4 22.19 -29.64 3.93
N VAL A 5 22.57 -30.92 3.90
CA VAL A 5 23.58 -31.41 2.97
C VAL A 5 22.95 -32.48 2.08
N GLU A 6 22.89 -32.20 0.79
CA GLU A 6 22.35 -33.14 -0.19
C GLU A 6 23.44 -34.07 -0.71
N SER A 7 23.01 -35.22 -1.20
CA SER A 7 23.92 -36.20 -1.81
C SER A 7 23.08 -37.13 -2.67
N GLY A 8 23.76 -37.92 -3.49
CA GLY A 8 23.11 -38.91 -4.32
C GLY A 8 22.91 -38.50 -5.76
N GLY A 9 23.18 -37.24 -6.10
CA GLY A 9 23.01 -36.80 -7.47
C GLY A 9 24.03 -37.39 -8.41
N GLY A 10 23.71 -37.32 -9.70
CA GLY A 10 24.57 -37.87 -10.72
C GLY A 10 23.81 -38.00 -12.03
N VAL A 11 24.36 -38.80 -12.92
CA VAL A 11 23.77 -39.05 -14.23
C VAL A 11 22.88 -40.29 -14.16
N VAL A 12 21.70 -40.19 -14.78
CA VAL A 12 20.73 -41.27 -14.79
C VAL A 12 20.07 -41.33 -16.16
N GLN A 13 19.90 -42.54 -16.68
CA GLN A 13 19.28 -42.73 -17.99
C GLN A 13 17.77 -42.52 -17.91
N PRO A 14 17.15 -42.03 -18.99
CA PRO A 14 15.70 -41.80 -18.96
C PRO A 14 14.96 -43.11 -18.73
N GLY A 15 14.04 -43.09 -17.76
CA GLY A 15 13.27 -44.26 -17.39
C GLY A 15 13.78 -44.99 -16.16
N ARG A 16 15.04 -44.75 -15.77
CA ARG A 16 15.64 -45.43 -14.64
C ARG A 16 15.39 -44.64 -13.35
N SER A 17 15.94 -45.15 -12.24
CA SER A 17 15.67 -44.60 -10.92
C SER A 17 16.95 -44.06 -10.29
N LEU A 18 16.76 -43.21 -9.28
CA LEU A 18 17.87 -42.59 -8.55
C LEU A 18 17.38 -42.15 -7.18
N ARG A 19 18.21 -42.32 -6.17
CA ARG A 19 17.85 -42.02 -4.78
C ARG A 19 18.72 -40.89 -4.26
N LEU A 20 18.08 -39.82 -3.78
CA LEU A 20 18.78 -38.67 -3.20
C LEU A 20 18.72 -38.75 -1.67
N SER A 21 19.67 -38.07 -1.03
CA SER A 21 19.77 -38.03 0.41
C SER A 21 19.95 -36.60 0.88
N CYS A 22 19.56 -36.34 2.14
CA CYS A 22 19.69 -35.01 2.73
C CYS A 22 19.95 -35.21 4.23
N GLU A 23 21.22 -35.06 4.62
CA GLU A 23 21.60 -35.22 6.03
C GLU A 23 21.58 -33.84 6.70
N ALA A 24 20.77 -33.72 7.75
CA ALA A 24 20.57 -32.45 8.44
C ALA A 24 21.36 -32.41 9.75
N SER A 25 21.59 -31.19 10.23
CA SER A 25 22.26 -30.94 11.49
C SER A 25 22.01 -29.50 11.89
N GLY A 26 22.36 -29.16 13.14
CA GLY A 26 22.23 -27.82 13.65
C GLY A 26 20.86 -27.48 14.21
N PHE A 27 19.89 -28.37 14.13
CA PHE A 27 18.55 -28.12 14.65
C PHE A 27 17.91 -29.45 14.97
N THR A 28 16.78 -29.40 15.68
CA THR A 28 16.03 -30.60 16.04
C THR A 28 15.30 -31.11 14.79
N PHE A 29 15.89 -32.13 14.15
CA PHE A 29 15.38 -32.59 12.86
C PHE A 29 13.98 -33.18 12.97
N SER A 30 13.64 -33.77 14.11
CA SER A 30 12.36 -34.45 14.25
C SER A 30 11.19 -33.50 14.50
N SER A 31 11.46 -32.21 14.68
CA SER A 31 10.41 -31.24 14.96
C SER A 31 10.08 -30.36 13.75
N TYR A 32 10.68 -30.64 12.60
CA TYR A 32 10.47 -29.84 11.40
C TYR A 32 10.18 -30.73 10.21
N GLY A 33 9.25 -30.29 9.36
CA GLY A 33 9.05 -30.94 8.08
C GLY A 33 10.04 -30.44 7.04
N ILE A 34 10.38 -31.31 6.09
CA ILE A 34 11.39 -31.02 5.09
C ILE A 34 10.78 -31.17 3.70
N HIS A 35 11.16 -30.28 2.80
CA HIS A 35 10.68 -30.27 1.42
C HIS A 35 11.79 -30.70 0.47
N TRP A 36 11.40 -30.90 -0.79
CA TRP A 36 12.33 -30.99 -1.90
C TRP A 36 11.91 -29.96 -2.93
N VAL A 37 12.85 -29.13 -3.37
CA VAL A 37 12.60 -28.11 -4.37
C VAL A 37 13.66 -28.24 -5.46
N ARG A 38 13.24 -28.24 -6.72
CA ARG A 38 14.16 -28.42 -7.83
C ARG A 38 14.15 -27.18 -8.73
N GLN A 39 15.22 -27.01 -9.47
CA GLN A 39 15.39 -25.87 -10.37
C GLN A 39 16.01 -26.35 -11.66
N ALA A 40 15.24 -26.36 -12.74
CA ALA A 40 15.73 -26.80 -14.03
C ALA A 40 16.81 -25.84 -14.55
N PRO A 41 17.72 -26.33 -15.38
CA PRO A 41 18.77 -25.44 -15.92
C PRO A 41 18.18 -24.26 -16.65
N GLY A 42 18.54 -23.06 -16.20
CA GLY A 42 18.06 -21.82 -16.77
C GLY A 42 16.62 -21.47 -16.47
N LYS A 43 15.91 -22.30 -15.72
CA LYS A 43 14.50 -22.10 -15.40
C LYS A 43 14.37 -21.58 -13.97
N GLY A 44 13.15 -21.60 -13.44
CA GLY A 44 12.88 -21.14 -12.10
C GLY A 44 12.75 -22.29 -11.12
N LEU A 45 12.31 -21.97 -9.91
CA LEU A 45 12.17 -22.93 -8.83
C LEU A 45 10.81 -23.60 -8.89
N GLU A 46 10.79 -24.90 -8.56
CA GLU A 46 9.55 -25.67 -8.56
C GLU A 46 9.54 -26.58 -7.34
N TRP A 47 8.48 -26.52 -6.56
CA TRP A 47 8.32 -27.38 -5.40
C TRP A 47 8.03 -28.80 -5.85
N VAL A 48 8.59 -29.78 -5.14
CA VAL A 48 8.47 -31.18 -5.52
C VAL A 48 7.64 -31.95 -4.50
N ALA A 49 8.17 -32.12 -3.29
CA ALA A 49 7.54 -32.97 -2.29
C ALA A 49 7.67 -32.36 -0.90
N VAL A 50 6.91 -32.92 0.04
CA VAL A 50 6.96 -32.52 1.45
C VAL A 50 6.64 -33.73 2.30
N ILE A 51 7.23 -33.79 3.49
CA ILE A 51 6.96 -34.85 4.44
C ILE A 51 6.82 -34.24 5.83
N TRP A 52 5.87 -34.74 6.62
CA TRP A 52 5.59 -34.21 7.94
C TRP A 52 6.79 -34.43 8.87
N TYR A 53 6.74 -33.78 10.04
CA TYR A 53 7.81 -33.90 11.01
C TYR A 53 7.94 -35.35 11.51
N ASP A 54 6.80 -36.03 11.68
CA ASP A 54 6.79 -37.41 12.14
C ASP A 54 6.72 -38.41 11.00
N GLY A 55 6.76 -37.96 9.75
CA GLY A 55 6.70 -38.84 8.61
C GLY A 55 5.32 -39.37 8.30
N SER A 56 4.28 -38.80 8.89
CA SER A 56 2.93 -39.32 8.70
C SER A 56 2.41 -39.03 7.29
N ASN A 57 2.43 -37.76 6.89
CA ASN A 57 1.86 -37.33 5.62
C ASN A 57 2.96 -36.97 4.63
N LYS A 58 2.73 -37.29 3.37
CA LYS A 58 3.68 -37.03 2.29
C LYS A 58 2.89 -36.54 1.09
N TYR A 59 3.02 -35.26 0.74
CA TYR A 59 2.34 -34.69 -0.40
C TYR A 59 3.36 -34.30 -1.46
N TYR A 60 2.97 -34.46 -2.72
CA TYR A 60 3.85 -34.27 -3.85
C TYR A 60 3.26 -33.24 -4.82
N ALA A 61 4.03 -32.92 -5.85
CA ALA A 61 3.55 -32.06 -6.91
C ALA A 61 3.02 -32.91 -8.06
N ASP A 62 2.04 -32.36 -8.79
CA ASP A 62 1.39 -33.13 -9.84
C ASP A 62 2.39 -33.59 -10.90
N SER A 63 3.47 -32.82 -11.11
CA SER A 63 4.48 -33.19 -12.08
C SER A 63 5.21 -34.47 -11.72
N VAL A 64 5.22 -34.86 -10.44
CA VAL A 64 6.01 -36.01 -10.01
C VAL A 64 5.15 -37.00 -9.24
N LYS A 65 3.85 -36.76 -9.18
CA LYS A 65 2.98 -37.63 -8.38
C LYS A 65 2.95 -39.03 -8.97
N GLY A 66 3.01 -40.02 -8.08
CA GLY A 66 3.04 -41.42 -8.47
C GLY A 66 4.38 -41.93 -8.94
N ARG A 67 5.39 -41.07 -9.01
CA ARG A 67 6.73 -41.49 -9.42
C ARG A 67 7.78 -41.26 -8.36
N PHE A 68 7.67 -40.18 -7.58
CA PHE A 68 8.62 -39.87 -6.52
C PHE A 68 8.04 -40.25 -5.16
N THR A 69 8.91 -40.68 -4.25
CA THR A 69 8.51 -41.08 -2.92
C THR A 69 9.46 -40.45 -1.91
N ILE A 70 8.91 -39.63 -1.01
CA ILE A 70 9.69 -38.96 0.02
C ILE A 70 9.53 -39.72 1.32
N SER A 71 10.65 -39.94 2.01
CA SER A 71 10.66 -40.62 3.31
C SER A 71 11.78 -40.03 4.14
N ARG A 72 11.71 -40.27 5.45
CA ARG A 72 12.70 -39.72 6.37
C ARG A 72 13.04 -40.74 7.44
N ASP A 73 14.09 -40.44 8.20
CA ASP A 73 14.55 -41.29 9.29
C ASP A 73 15.08 -40.37 10.38
N ASN A 74 14.23 -40.06 11.36
CA ASN A 74 14.57 -39.07 12.38
C ASN A 74 15.72 -39.52 13.26
N SER A 75 16.00 -40.82 13.33
CA SER A 75 17.10 -41.28 14.16
C SER A 75 18.45 -40.97 13.52
N LYS A 76 18.53 -40.96 12.19
CA LYS A 76 19.76 -40.67 11.49
C LYS A 76 19.82 -39.24 10.96
N ASN A 77 18.79 -38.43 11.21
CA ASN A 77 18.71 -37.06 10.72
C ASN A 77 18.97 -37.01 9.21
N THR A 78 18.16 -37.78 8.47
CA THR A 78 18.38 -37.96 7.04
C THR A 78 17.03 -37.99 6.33
N LEU A 79 16.96 -37.28 5.21
CA LEU A 79 15.81 -37.29 4.34
C LEU A 79 16.16 -38.00 3.03
N TYR A 80 15.16 -38.65 2.43
CA TYR A 80 15.35 -39.39 1.20
C TYR A 80 14.32 -38.95 0.17
N LEU A 81 14.65 -39.17 -1.10
CA LEU A 81 13.73 -38.92 -2.21
C LEU A 81 13.99 -39.99 -3.26
N GLN A 82 13.13 -40.99 -3.33
CA GLN A 82 13.24 -42.06 -4.31
C GLN A 82 12.57 -41.62 -5.61
N MET A 83 13.36 -41.45 -6.66
CA MET A 83 12.87 -40.98 -7.95
C MET A 83 12.85 -42.16 -8.92
N ASN A 84 11.65 -42.50 -9.40
CA ASN A 84 11.46 -43.64 -10.29
C ASN A 84 10.97 -43.17 -11.66
N SER A 85 11.32 -43.94 -12.69
CA SER A 85 10.94 -43.67 -14.08
C SER A 85 11.23 -42.21 -14.44
N LEU A 86 12.51 -41.87 -14.40
CA LEU A 86 12.93 -40.49 -14.59
C LEU A 86 12.79 -40.07 -16.05
N ARG A 87 12.40 -38.82 -16.24
CA ARG A 87 12.17 -38.24 -17.56
C ARG A 87 13.11 -37.07 -17.77
N ALA A 88 13.17 -36.59 -19.02
CA ALA A 88 14.12 -35.53 -19.36
C ALA A 88 13.81 -34.24 -18.60
N GLU A 89 12.53 -33.94 -18.41
CA GLU A 89 12.15 -32.71 -17.70
C GLU A 89 12.50 -32.77 -16.21
N ASP A 90 12.94 -33.93 -15.70
CA ASP A 90 13.35 -34.06 -14.32
C ASP A 90 14.80 -33.65 -14.09
N THR A 91 15.53 -33.29 -15.14
CA THR A 91 16.90 -32.81 -14.99
C THR A 91 16.89 -31.44 -14.31
N ALA A 92 17.47 -31.35 -13.12
CA ALA A 92 17.44 -30.12 -12.35
C ALA A 92 18.40 -30.25 -11.17
N VAL A 93 18.61 -29.12 -10.49
CA VAL A 93 19.30 -29.10 -9.20
C VAL A 93 18.25 -29.26 -8.12
N TYR A 94 18.44 -30.24 -7.24
CA TYR A 94 17.47 -30.58 -6.21
C TYR A 94 17.98 -30.09 -4.87
N TYR A 95 17.21 -29.24 -4.21
CA TYR A 95 17.49 -28.75 -2.87
C TYR A 95 16.51 -29.38 -1.90
N CYS A 96 17.01 -29.74 -0.72
CA CYS A 96 16.13 -30.06 0.41
C CYS A 96 16.01 -28.82 1.28
N ALA A 97 14.78 -28.42 1.55
CA ALA A 97 14.50 -27.18 2.26
C ALA A 97 13.67 -27.46 3.51
N ARG A 98 13.97 -26.73 4.58
CA ARG A 98 13.24 -26.85 5.82
C ARG A 98 11.94 -26.03 5.76
N ALA A 99 10.90 -26.54 6.42
CA ALA A 99 9.64 -25.82 6.46
C ALA A 99 9.74 -24.62 7.41
N GLY A 100 8.98 -23.58 7.11
CA GLY A 100 9.01 -22.36 7.87
C GLY A 100 7.83 -22.23 8.83
N TYR A 101 7.97 -21.30 9.77
CA TYR A 101 6.92 -21.05 10.76
C TYR A 101 5.70 -20.44 10.08
N SER A 102 4.58 -21.15 10.11
CA SER A 102 3.34 -20.62 9.56
C SER A 102 2.18 -21.39 10.19
N ASN A 103 0.98 -20.81 10.05
CA ASN A 103 -0.21 -21.49 10.50
C ASN A 103 -0.68 -22.50 9.46
N TYR A 104 -0.51 -22.16 8.18
CA TYR A 104 -0.84 -23.06 7.08
C TYR A 104 -0.11 -22.54 5.85
N GLY A 105 0.78 -23.34 5.29
CA GLY A 105 1.52 -22.93 4.12
C GLY A 105 2.93 -23.49 4.14
N HIS A 106 3.52 -23.56 2.96
CA HIS A 106 4.85 -24.13 2.76
C HIS A 106 5.78 -23.06 2.19
N TYR A 107 6.60 -22.46 3.04
CA TYR A 107 7.71 -21.64 2.60
C TYR A 107 9.00 -22.19 3.20
N PHE A 108 10.12 -21.87 2.57
CA PHE A 108 11.39 -22.55 2.82
C PHE A 108 12.39 -21.54 3.38
N ASP A 109 12.69 -21.66 4.67
CA ASP A 109 13.53 -20.69 5.36
C ASP A 109 15.01 -21.05 5.32
N TYR A 110 15.36 -22.32 5.16
CA TYR A 110 16.75 -22.75 5.07
C TYR A 110 16.85 -23.79 3.97
N TRP A 111 17.81 -23.60 3.07
CA TRP A 111 18.04 -24.49 1.95
C TRP A 111 19.39 -25.17 2.08
N GLY A 112 19.63 -26.14 1.19
CA GLY A 112 20.91 -26.80 1.08
C GLY A 112 21.65 -26.36 -0.16
N GLN A 113 22.87 -26.89 -0.30
CA GLN A 113 23.68 -26.55 -1.46
C GLN A 113 23.04 -27.04 -2.75
N GLY A 114 22.33 -28.14 -2.69
CA GLY A 114 21.70 -28.70 -3.88
C GLY A 114 22.58 -29.71 -4.56
N THR A 115 21.94 -30.71 -5.17
CA THR A 115 22.63 -31.73 -5.93
C THR A 115 22.06 -31.79 -7.33
N LEU A 116 22.93 -31.99 -8.31
CA LEU A 116 22.54 -31.95 -9.72
C LEU A 116 22.14 -33.35 -10.18
N VAL A 117 20.92 -33.47 -10.68
CA VAL A 117 20.43 -34.69 -11.30
C VAL A 117 20.29 -34.43 -12.79
N THR A 118 21.01 -35.21 -13.59
CA THR A 118 21.02 -35.07 -15.05
C THR A 118 20.41 -36.32 -15.65
N VAL A 119 19.24 -36.18 -16.25
CA VAL A 119 18.58 -37.29 -16.93
C VAL A 119 18.99 -37.22 -18.40
N SER A 120 19.90 -38.11 -18.79
CA SER A 120 20.43 -38.11 -20.14
C SER A 120 20.90 -39.52 -20.49
N SER A 121 20.83 -39.84 -21.78
CA SER A 121 21.27 -41.13 -22.28
C SER A 121 22.72 -41.11 -22.76
N ALA A 122 23.41 -39.97 -22.63
CA ALA A 122 24.78 -39.85 -23.06
C ALA A 122 25.73 -40.53 -22.07
N SER A 123 26.85 -41.01 -22.59
CA SER A 123 27.91 -41.59 -21.79
C SER A 123 28.92 -40.53 -21.40
N THR A 124 29.70 -40.83 -20.35
CA THR A 124 30.74 -39.91 -19.90
C THR A 124 31.85 -39.87 -20.94
N LYS A 125 32.02 -38.72 -21.58
CA LYS A 125 32.95 -38.57 -22.69
C LYS A 125 33.89 -37.41 -22.45
N GLY A 126 35.15 -37.58 -22.84
CA GLY A 126 36.14 -36.54 -22.72
C GLY A 126 35.99 -35.50 -23.82
N PRO A 127 36.55 -34.32 -23.61
CA PRO A 127 36.39 -33.23 -24.58
C PRO A 127 37.42 -33.26 -25.70
N SER A 128 37.01 -32.71 -26.83
CA SER A 128 37.92 -32.42 -27.93
C SER A 128 38.24 -30.93 -27.90
N VAL A 129 39.53 -30.59 -27.86
CA VAL A 129 39.98 -29.21 -27.71
C VAL A 129 40.55 -28.74 -29.04
N PHE A 130 40.00 -27.64 -29.55
CA PHE A 130 40.43 -27.05 -30.81
C PHE A 130 40.87 -25.61 -30.59
N PRO A 131 41.91 -25.16 -31.29
CA PRO A 131 42.40 -23.79 -31.09
C PRO A 131 41.55 -22.77 -31.82
N LEU A 132 41.31 -21.64 -31.14
CA LEU A 132 40.71 -20.46 -31.76
C LEU A 132 41.87 -19.52 -32.08
N ALA A 133 42.42 -19.66 -33.28
CA ALA A 133 43.62 -18.92 -33.64
C ALA A 133 43.28 -17.46 -33.94
N PRO A 134 44.09 -16.53 -33.43
CA PRO A 134 43.82 -15.11 -33.71
C PRO A 134 44.25 -14.72 -35.12
N SER A 135 43.60 -13.67 -35.62
CA SER A 135 43.91 -13.13 -36.94
C SER A 135 45.01 -12.09 -36.92
N SER A 136 45.42 -11.64 -35.73
CA SER A 136 46.40 -10.58 -35.59
C SER A 136 47.82 -11.13 -35.75
N LYS A 137 48.74 -10.24 -36.11
CA LYS A 137 50.12 -10.62 -36.35
C LYS A 137 51.08 -9.81 -35.48
N THR A 139 53.14 -5.60 -36.28
CA THR A 139 52.01 -6.29 -35.67
C THR A 139 50.68 -5.67 -36.10
N SER A 140 49.59 -6.40 -35.85
CA SER A 140 48.30 -6.02 -36.40
C SER A 140 47.73 -4.78 -35.71
N GLY A 141 47.60 -4.81 -34.39
CA GLY A 141 46.98 -3.70 -33.70
C GLY A 141 47.33 -3.58 -32.24
N GLY A 142 46.33 -3.41 -31.38
CA GLY A 142 46.54 -3.25 -29.96
C GLY A 142 46.36 -4.50 -29.15
N THR A 143 45.15 -5.03 -29.11
CA THR A 143 44.83 -6.24 -28.35
C THR A 143 44.20 -7.27 -29.27
N ALA A 144 44.78 -8.47 -29.29
CA ALA A 144 44.25 -9.61 -30.02
C ALA A 144 43.52 -10.53 -29.06
N ALA A 145 42.73 -11.43 -29.63
CA ALA A 145 41.96 -12.39 -28.84
C ALA A 145 42.16 -13.77 -29.41
N LEU A 146 42.48 -14.73 -28.55
CA LEU A 146 42.60 -16.13 -28.90
C LEU A 146 41.88 -16.95 -27.85
N GLY A 147 41.76 -18.26 -28.10
CA GLY A 147 41.06 -19.10 -27.15
C GLY A 147 41.04 -20.55 -27.57
N CYS A 148 40.30 -21.33 -26.78
CA CYS A 148 40.14 -22.76 -26.99
C CYS A 148 38.66 -23.11 -27.04
N LEU A 149 38.31 -24.05 -27.92
CA LEU A 149 36.95 -24.54 -28.09
C LEU A 149 36.87 -25.96 -27.52
N VAL A 150 36.25 -26.10 -26.36
CA VAL A 150 36.09 -27.38 -25.69
C VAL A 150 34.75 -27.97 -26.10
N LYS A 151 34.76 -29.03 -26.92
CA LYS A 151 33.56 -29.50 -27.59
C LYS A 151 33.30 -30.97 -27.30
N ASP A 152 32.01 -31.31 -27.17
CA ASP A 152 31.52 -32.69 -27.12
C ASP A 152 32.02 -33.45 -25.90
N TYR A 153 31.67 -32.94 -24.73
CA TYR A 153 31.98 -33.64 -23.49
C TYR A 153 30.69 -33.79 -22.67
N PHE A 154 30.71 -34.76 -21.76
CA PHE A 154 29.58 -35.04 -20.90
C PHE A 154 30.08 -35.93 -19.77
N PRO A 155 29.69 -35.66 -18.52
CA PRO A 155 28.87 -34.51 -18.16
C PRO A 155 29.72 -33.32 -17.77
N GLU A 156 29.09 -32.30 -17.19
CA GLU A 156 29.81 -31.16 -16.68
C GLU A 156 30.51 -31.50 -15.37
N PRO A 157 31.58 -30.77 -15.02
CA PRO A 157 32.17 -29.67 -15.78
C PRO A 157 33.56 -29.97 -16.33
N VAL A 158 34.06 -29.05 -17.16
CA VAL A 158 35.47 -29.01 -17.50
C VAL A 158 36.07 -27.77 -16.85
N THR A 159 37.34 -27.86 -16.48
CA THR A 159 38.09 -26.73 -15.96
C THR A 159 39.13 -26.33 -17.00
N VAL A 160 39.24 -25.04 -17.28
CA VAL A 160 40.12 -24.52 -18.32
C VAL A 160 41.06 -23.50 -17.69
N SER A 161 42.36 -23.78 -17.76
CA SER A 161 43.39 -22.85 -17.34
C SER A 161 44.29 -22.52 -18.53
N TRP A 162 44.99 -21.39 -18.42
CA TRP A 162 45.87 -20.92 -19.47
C TRP A 162 47.31 -20.89 -18.97
N ASN A 163 48.22 -21.51 -19.72
CA ASN A 163 49.64 -21.56 -19.38
C ASN A 163 49.84 -22.13 -17.99
N SER A 164 49.12 -23.21 -17.69
CA SER A 164 49.21 -23.91 -16.40
C SER A 164 48.89 -23.00 -15.22
N GLY A 165 48.09 -21.96 -15.45
CA GLY A 165 47.65 -21.07 -14.39
C GLY A 165 48.34 -19.73 -14.35
N ALA A 166 49.42 -19.54 -15.13
CA ALA A 166 50.16 -18.29 -15.09
C ALA A 166 49.36 -17.14 -15.71
N LEU A 167 48.58 -17.43 -16.74
CA LEU A 167 47.81 -16.43 -17.47
C LEU A 167 46.37 -16.43 -16.93
N THR A 168 46.00 -15.35 -16.24
CA THR A 168 44.65 -15.22 -15.70
C THR A 168 44.00 -13.91 -16.15
N SER A 169 44.82 -12.90 -16.43
CA SER A 169 44.30 -11.59 -16.82
C SER A 169 43.64 -11.66 -18.18
N GLY A 170 42.37 -11.25 -18.25
CA GLY A 170 41.63 -11.23 -19.49
C GLY A 170 41.03 -12.56 -19.91
N VAL A 171 41.00 -13.55 -19.03
CA VAL A 171 40.48 -14.86 -19.36
C VAL A 171 38.96 -14.87 -19.17
N HIS A 172 38.24 -15.26 -20.22
CA HIS A 172 36.79 -15.41 -20.19
C HIS A 172 36.46 -16.85 -20.56
N THR A 173 35.85 -17.57 -19.63
CA THR A 173 35.34 -18.90 -19.89
C THR A 173 33.82 -18.83 -19.87
N PHE A 174 33.20 -19.24 -20.95
CA PHE A 174 31.76 -19.07 -21.06
C PHE A 174 31.04 -20.26 -20.45
N PRO A 175 29.82 -20.04 -19.96
CA PRO A 175 29.00 -21.16 -19.49
C PRO A 175 28.78 -22.15 -20.63
N ALA A 176 28.77 -23.43 -20.29
CA ALA A 176 28.57 -24.46 -21.29
C ALA A 176 27.14 -24.40 -21.83
N VAL A 177 26.98 -24.81 -23.08
CA VAL A 177 25.68 -24.89 -23.72
C VAL A 177 25.44 -26.34 -24.12
N LEU A 178 24.24 -26.83 -23.84
CA LEU A 178 23.88 -28.19 -24.18
C LEU A 178 23.55 -28.25 -25.67
N GLN A 179 24.30 -29.04 -26.42
CA GLN A 179 24.09 -29.14 -27.85
C GLN A 179 22.94 -30.09 -28.17
N SER A 180 22.46 -30.01 -29.41
CA SER A 180 21.39 -30.88 -29.85
C SER A 180 21.79 -32.35 -29.83
N SER A 181 23.09 -32.65 -29.80
CA SER A 181 23.56 -34.02 -29.69
C SER A 181 23.50 -34.57 -28.27
N GLY A 182 23.14 -33.73 -27.29
CA GLY A 182 23.15 -34.12 -25.90
C GLY A 182 24.45 -33.91 -25.18
N LEU A 183 25.49 -33.43 -25.86
CA LEU A 183 26.78 -33.19 -25.26
C LEU A 183 26.99 -31.70 -25.00
N TYR A 184 27.89 -31.39 -24.09
CA TYR A 184 28.16 -30.01 -23.71
C TYR A 184 29.34 -29.45 -24.48
N SER A 185 29.37 -28.13 -24.59
CA SER A 185 30.42 -27.44 -25.32
C SER A 185 30.54 -26.02 -24.78
N LEU A 186 31.77 -25.56 -24.60
CA LEU A 186 32.03 -24.18 -24.18
C LEU A 186 33.26 -23.68 -24.92
N SER A 187 33.58 -22.41 -24.68
CA SER A 187 34.76 -21.77 -25.23
C SER A 187 35.43 -20.98 -24.12
N SER A 188 36.75 -20.93 -24.16
CA SER A 188 37.54 -20.12 -23.24
C SER A 188 38.41 -19.20 -24.08
N VAL A 189 38.22 -17.89 -23.91
CA VAL A 189 38.93 -16.88 -24.69
C VAL A 189 39.74 -16.01 -23.74
N VAL A 190 40.78 -15.38 -24.30
CA VAL A 190 41.64 -14.48 -23.54
C VAL A 190 42.14 -13.40 -24.49
N THR A 191 42.27 -12.18 -23.97
CA THR A 191 42.78 -11.05 -24.73
C THR A 191 44.21 -10.76 -24.33
N VAL A 192 45.09 -10.65 -25.32
CA VAL A 192 46.51 -10.43 -25.08
C VAL A 192 46.98 -9.30 -26.00
N PRO A 193 48.09 -8.65 -25.66
CA PRO A 193 48.66 -7.65 -26.57
C PRO A 193 49.05 -8.28 -27.90
N SER A 194 48.73 -7.58 -28.99
CA SER A 194 49.06 -8.09 -30.32
C SER A 194 50.55 -8.14 -30.54
N SER A 195 51.32 -7.28 -29.86
CA SER A 195 52.77 -7.25 -30.01
C SER A 195 53.45 -8.50 -29.45
N SER A 196 52.71 -9.38 -28.78
CA SER A 196 53.28 -10.56 -28.16
C SER A 196 52.80 -11.86 -28.79
N LEU A 197 52.17 -11.80 -29.96
CA LEU A 197 51.68 -13.03 -30.59
C LEU A 197 52.81 -13.86 -31.19
N GLY A 198 53.87 -13.22 -31.67
CA GLY A 198 54.98 -13.93 -32.25
C GLY A 198 56.08 -14.33 -31.29
N THR A 199 55.95 -13.96 -30.00
CA THR A 199 56.96 -14.26 -29.00
C THR A 199 56.45 -15.19 -27.92
N GLN A 200 55.30 -14.90 -27.33
CA GLN A 200 54.76 -15.69 -26.24
C GLN A 200 54.09 -16.96 -26.77
N THR A 201 54.10 -18.00 -25.94
CA THR A 201 53.43 -19.25 -26.23
C THR A 201 52.16 -19.35 -25.40
N TYR A 202 51.03 -19.60 -26.05
CA TYR A 202 49.75 -19.70 -25.38
C TYR A 202 49.23 -21.13 -25.44
N ILE A 203 49.08 -21.75 -24.27
CA ILE A 203 48.59 -23.12 -24.15
C ILE A 203 47.40 -23.12 -23.20
N CYS A 204 46.30 -23.73 -23.63
CA CYS A 204 45.13 -23.90 -22.77
C CYS A 204 45.12 -25.32 -22.21
N ASN A 205 44.82 -25.44 -20.92
CA ASN A 205 44.83 -26.70 -20.20
C ASN A 205 43.38 -27.05 -19.85
N VAL A 206 42.84 -28.08 -20.51
CA VAL A 206 41.47 -28.53 -20.30
C VAL A 206 41.48 -29.79 -19.47
N ASN A 207 40.70 -29.81 -18.39
CA ASN A 207 40.62 -30.94 -17.48
C ASN A 207 39.17 -31.34 -17.28
N HIS A 208 38.86 -32.61 -17.56
CA HIS A 208 37.51 -33.16 -17.40
C HIS A 208 37.57 -34.32 -16.41
N LYS A 209 37.22 -34.05 -15.15
CA LYS A 209 37.32 -35.07 -14.11
C LYS A 209 36.48 -36.31 -14.37
N PRO A 210 35.21 -36.23 -14.81
CA PRO A 210 34.42 -37.47 -14.98
C PRO A 210 35.07 -38.49 -15.89
N SER A 211 35.54 -38.09 -17.06
CA SER A 211 36.19 -39.01 -17.98
C SER A 211 37.68 -39.16 -17.71
N ASN A 212 38.22 -38.43 -16.72
CA ASN A 212 39.63 -38.47 -16.35
C ASN A 212 40.51 -38.23 -17.57
N THR A 213 40.30 -37.08 -18.21
CA THR A 213 41.01 -36.68 -19.41
C THR A 213 41.69 -35.33 -19.18
N LYS A 214 42.91 -35.19 -19.68
CA LYS A 214 43.68 -33.95 -19.59
C LYS A 214 44.22 -33.62 -20.96
N VAL A 215 43.85 -32.46 -21.49
CA VAL A 215 44.25 -32.03 -22.82
C VAL A 215 45.02 -30.72 -22.69
N ASP A 216 46.18 -30.65 -23.33
CA ASP A 216 46.99 -29.44 -23.42
C ASP A 216 47.08 -29.07 -24.90
N LYS A 217 46.46 -27.95 -25.29
CA LYS A 217 46.40 -27.56 -26.68
C LYS A 217 47.17 -26.26 -26.89
N ARG A 218 48.08 -26.28 -27.87
CA ARG A 218 48.83 -25.08 -28.23
C ARG A 218 48.02 -24.23 -29.20
N VAL A 219 47.92 -22.93 -28.90
CA VAL A 219 47.17 -21.98 -29.71
C VAL A 219 48.17 -21.06 -30.41
N GLU A 220 48.30 -21.20 -31.73
CA GLU A 220 49.26 -20.43 -32.52
C GLU A 220 48.54 -19.67 -33.63
N PRO A 221 49.07 -18.50 -34.02
CA PRO A 221 48.50 -17.72 -35.12
C PRO A 221 48.58 -18.46 -36.46
N GLN B 1 -32.24 -8.20 -29.48
CA GLN B 1 -33.26 -8.16 -28.46
C GLN B 1 -34.24 -9.31 -28.62
N VAL B 2 -33.78 -10.53 -28.31
CA VAL B 2 -34.60 -11.73 -28.42
C VAL B 2 -35.41 -11.88 -27.14
N GLN B 3 -36.72 -11.67 -27.22
CA GLN B 3 -37.59 -11.79 -26.07
C GLN B 3 -38.75 -12.73 -26.38
N LEU B 4 -39.14 -13.52 -25.39
CA LEU B 4 -40.27 -14.45 -25.50
C LEU B 4 -41.27 -14.11 -24.40
N VAL B 5 -42.53 -13.94 -24.78
CA VAL B 5 -43.59 -13.49 -23.88
C VAL B 5 -44.65 -14.57 -23.77
N GLU B 6 -44.84 -15.09 -22.57
CA GLU B 6 -45.85 -16.09 -22.30
C GLU B 6 -47.16 -15.43 -21.89
N SER B 7 -48.26 -16.16 -22.06
CA SER B 7 -49.57 -15.71 -21.63
C SER B 7 -50.48 -16.93 -21.52
N GLY B 8 -51.65 -16.73 -20.90
CA GLY B 8 -52.65 -17.76 -20.78
C GLY B 8 -52.68 -18.48 -19.44
N GLY B 9 -51.69 -18.28 -18.58
CA GLY B 9 -51.66 -18.96 -17.31
C GLY B 9 -52.72 -18.45 -16.36
N GLY B 10 -52.99 -19.25 -15.33
CA GLY B 10 -53.98 -18.89 -14.33
C GLY B 10 -54.36 -20.10 -13.50
N VAL B 11 -55.50 -20.00 -12.84
CA VAL B 11 -56.03 -21.08 -12.01
C VAL B 11 -56.96 -21.93 -12.85
N VAL B 12 -56.83 -23.25 -12.73
CA VAL B 12 -57.62 -24.20 -13.50
C VAL B 12 -57.99 -25.37 -12.60
N GLN B 13 -59.23 -25.83 -12.70
CA GLN B 13 -59.68 -26.94 -11.89
C GLN B 13 -59.09 -28.25 -12.40
N PRO B 14 -58.84 -29.20 -11.50
CA PRO B 14 -58.26 -30.49 -11.92
C PRO B 14 -59.19 -31.23 -12.87
N GLY B 15 -58.63 -31.71 -13.98
CA GLY B 15 -59.37 -32.41 -14.99
C GLY B 15 -59.75 -31.57 -16.19
N ARG B 16 -59.77 -30.24 -16.05
CA ARG B 16 -60.12 -29.35 -17.13
C ARG B 16 -58.88 -28.99 -17.95
N SER B 17 -59.08 -28.15 -18.97
CA SER B 17 -58.03 -27.81 -19.91
C SER B 17 -57.70 -26.33 -19.86
N LEU B 18 -56.53 -25.99 -20.40
CA LEU B 18 -56.05 -24.63 -20.46
C LEU B 18 -55.04 -24.54 -21.59
N ARG B 19 -55.06 -23.43 -22.33
CA ARG B 19 -54.22 -23.25 -23.50
C ARG B 19 -53.26 -22.09 -23.26
N LEU B 20 -51.97 -22.35 -23.41
CA LEU B 20 -50.94 -21.35 -23.23
C LEU B 20 -50.49 -20.79 -24.58
N SER B 21 -49.91 -19.59 -24.53
CA SER B 21 -49.42 -18.90 -25.70
C SER B 21 -48.01 -18.40 -25.43
N CYS B 22 -47.25 -18.24 -26.52
CA CYS B 22 -45.88 -17.73 -26.43
C CYS B 22 -45.63 -16.91 -27.69
N GLU B 23 -45.72 -15.59 -27.55
CA GLU B 23 -45.54 -14.67 -28.66
C GLU B 23 -44.08 -14.24 -28.72
N ALA B 24 -43.42 -14.52 -29.84
CA ALA B 24 -42.00 -14.26 -30.00
C ALA B 24 -41.78 -13.00 -30.83
N SER B 25 -40.58 -12.44 -30.69
CA SER B 25 -40.17 -11.27 -31.46
C SER B 25 -38.67 -11.12 -31.34
N GLY B 26 -38.11 -10.25 -32.18
CA GLY B 26 -36.68 -9.98 -32.17
C GLY B 26 -35.83 -10.96 -32.95
N PHE B 27 -36.41 -12.00 -33.51
CA PHE B 27 -35.67 -12.98 -34.28
C PHE B 27 -36.61 -13.64 -35.28
N THR B 28 -36.03 -14.38 -36.22
CA THR B 28 -36.81 -15.10 -37.24
C THR B 28 -37.46 -16.31 -36.60
N PHE B 29 -38.75 -16.19 -36.30
CA PHE B 29 -39.46 -17.23 -35.55
C PHE B 29 -39.55 -18.54 -36.32
N SER B 30 -39.59 -18.47 -37.65
CA SER B 30 -39.77 -19.67 -38.47
C SER B 30 -38.47 -20.47 -38.64
N SER B 31 -37.35 -19.97 -38.14
CA SER B 31 -36.07 -20.65 -38.29
C SER B 31 -35.60 -21.35 -37.02
N TYR B 32 -36.42 -21.33 -35.96
CA TYR B 32 -36.02 -21.92 -34.68
C TYR B 32 -37.15 -22.77 -34.11
N GLY B 33 -36.78 -23.91 -33.54
CA GLY B 33 -37.72 -24.68 -32.75
C GLY B 33 -37.82 -24.14 -31.33
N ILE B 34 -38.99 -24.34 -30.72
CA ILE B 34 -39.28 -23.79 -29.41
C ILE B 34 -39.66 -24.92 -28.47
N HIS B 35 -39.21 -24.83 -27.22
CA HIS B 35 -39.50 -25.80 -26.17
C HIS B 35 -40.46 -25.23 -25.14
N TRP B 36 -40.93 -26.11 -24.26
CA TRP B 36 -41.59 -25.72 -23.02
C TRP B 36 -40.87 -26.38 -21.86
N VAL B 37 -40.52 -25.58 -20.85
CA VAL B 37 -39.85 -26.07 -19.64
C VAL B 37 -40.63 -25.55 -18.44
N ARG B 38 -40.94 -26.43 -17.50
CA ARG B 38 -41.73 -26.06 -16.33
C ARG B 38 -40.92 -26.27 -15.06
N GLN B 39 -41.33 -25.53 -14.03
CA GLN B 39 -40.67 -25.56 -12.72
C GLN B 39 -41.72 -25.50 -11.64
N ALA B 40 -41.90 -26.60 -10.91
CA ALA B 40 -42.87 -26.63 -9.83
C ALA B 40 -42.42 -25.70 -8.70
N PRO B 41 -43.36 -25.19 -7.90
CA PRO B 41 -42.98 -24.27 -6.81
C PRO B 41 -41.99 -24.92 -5.86
N GLY B 42 -40.82 -24.28 -5.72
CA GLY B 42 -39.78 -24.78 -4.87
C GLY B 42 -39.01 -25.97 -5.40
N LYS B 43 -39.35 -26.46 -6.58
CA LYS B 43 -38.76 -27.66 -7.15
C LYS B 43 -37.70 -27.28 -8.19
N GLY B 44 -37.27 -28.27 -8.98
CA GLY B 44 -36.28 -28.07 -10.01
C GLY B 44 -36.91 -27.99 -11.40
N LEU B 45 -36.04 -27.96 -12.40
CA LEU B 45 -36.46 -27.84 -13.79
C LEU B 45 -36.71 -29.20 -14.43
N GLU B 46 -37.74 -29.26 -15.29
CA GLU B 46 -38.08 -30.47 -16.02
C GLU B 46 -38.51 -30.08 -17.43
N TRP B 47 -37.92 -30.72 -18.43
CA TRP B 47 -38.30 -30.46 -19.82
C TRP B 47 -39.67 -31.05 -20.11
N VAL B 48 -40.47 -30.35 -20.92
CA VAL B 48 -41.83 -30.76 -21.20
C VAL B 48 -41.99 -31.19 -22.65
N ALA B 49 -41.89 -30.25 -23.59
CA ALA B 49 -42.20 -30.53 -24.98
C ALA B 49 -41.23 -29.78 -25.89
N VAL B 50 -41.26 -30.14 -27.18
CA VAL B 50 -40.46 -29.50 -28.20
C VAL B 50 -41.22 -29.55 -29.51
N ILE B 51 -41.06 -28.54 -30.34
CA ILE B 51 -41.66 -28.50 -31.67
C ILE B 51 -40.64 -27.97 -32.66
N TRP B 52 -40.61 -28.57 -33.85
CA TRP B 52 -39.66 -28.21 -34.89
C TRP B 52 -39.94 -26.79 -35.40
N TYR B 53 -39.01 -26.29 -36.22
CA TYR B 53 -39.14 -24.94 -36.76
C TYR B 53 -40.37 -24.83 -37.68
N ASP B 54 -40.67 -25.87 -38.44
CA ASP B 54 -41.81 -25.87 -39.34
C ASP B 54 -43.03 -26.56 -38.75
N GLY B 55 -42.97 -27.00 -37.50
CA GLY B 55 -44.09 -27.67 -36.87
C GLY B 55 -44.30 -29.10 -37.29
N SER B 56 -43.32 -29.71 -37.98
CA SER B 56 -43.50 -31.06 -38.49
C SER B 56 -43.49 -32.09 -37.36
N ASN B 57 -42.47 -32.04 -36.51
CA ASN B 57 -42.28 -33.04 -35.46
C ASN B 57 -42.64 -32.44 -34.10
N LYS B 58 -43.24 -33.27 -33.25
CA LYS B 58 -43.68 -32.84 -31.92
C LYS B 58 -43.34 -33.96 -30.94
N TYR B 59 -42.34 -33.73 -30.09
CA TYR B 59 -41.92 -34.70 -29.08
C TYR B 59 -42.19 -34.16 -27.69
N TYR B 60 -42.60 -35.05 -26.78
CA TYR B 60 -42.99 -34.67 -25.43
C TYR B 60 -42.21 -35.49 -24.40
N ALA B 61 -42.40 -35.15 -23.14
CA ALA B 61 -41.87 -35.91 -22.02
C ALA B 61 -42.93 -36.88 -21.49
N ASP B 62 -42.45 -37.99 -20.92
CA ASP B 62 -43.37 -39.05 -20.48
C ASP B 62 -44.36 -38.56 -19.44
N SER B 63 -43.98 -37.55 -18.65
CA SER B 63 -44.86 -37.03 -17.60
C SER B 63 -46.13 -36.37 -18.18
N VAL B 64 -46.10 -35.95 -19.44
CA VAL B 64 -47.21 -35.21 -20.04
C VAL B 64 -47.71 -35.88 -21.31
N LYS B 65 -47.19 -37.07 -21.61
CA LYS B 65 -47.54 -37.75 -22.85
C LYS B 65 -49.03 -38.09 -22.89
N GLY B 66 -49.66 -37.84 -24.03
CA GLY B 66 -51.08 -38.09 -24.19
C GLY B 66 -51.99 -37.04 -23.59
N ARG B 67 -51.43 -36.01 -22.94
CA ARG B 67 -52.22 -34.95 -22.33
C ARG B 67 -51.92 -33.58 -22.91
N PHE B 68 -50.65 -33.30 -23.26
CA PHE B 68 -50.27 -32.02 -23.83
C PHE B 68 -50.10 -32.14 -25.34
N THR B 69 -50.42 -31.05 -26.04
CA THR B 69 -50.30 -30.97 -27.49
C THR B 69 -49.66 -29.64 -27.82
N ILE B 70 -48.48 -29.67 -28.45
CA ILE B 70 -47.75 -28.46 -28.81
C ILE B 70 -47.96 -28.18 -30.29
N SER B 71 -48.24 -26.91 -30.60
CA SER B 71 -48.44 -26.47 -31.98
C SER B 71 -47.96 -25.04 -32.12
N ARG B 72 -47.75 -24.61 -33.36
CA ARG B 72 -47.25 -23.27 -33.63
C ARG B 72 -47.92 -22.69 -34.88
N ASP B 73 -47.72 -21.39 -35.06
CA ASP B 73 -48.23 -20.64 -36.21
C ASP B 73 -47.19 -19.57 -36.55
N ASN B 74 -46.30 -19.90 -37.50
CA ASN B 74 -45.17 -19.04 -37.81
C ASN B 74 -45.58 -17.71 -38.43
N SER B 75 -46.79 -17.62 -38.99
CA SER B 75 -47.23 -16.36 -39.59
C SER B 75 -47.56 -15.32 -38.53
N LYS B 76 -48.03 -15.74 -37.37
CA LYS B 76 -48.39 -14.83 -36.29
C LYS B 76 -47.33 -14.73 -35.21
N ASN B 77 -46.19 -15.43 -35.38
CA ASN B 77 -45.10 -15.44 -34.39
C ASN B 77 -45.61 -15.84 -33.01
N THR B 78 -46.29 -16.98 -32.94
CA THR B 78 -46.92 -17.42 -31.70
C THR B 78 -46.82 -18.92 -31.56
N LEU B 79 -46.47 -19.37 -30.36
CA LEU B 79 -46.44 -20.79 -30.00
C LEU B 79 -47.58 -21.09 -29.04
N TYR B 80 -48.06 -22.32 -29.08
CA TYR B 80 -49.17 -22.74 -28.25
C TYR B 80 -48.80 -24.02 -27.49
N LEU B 81 -49.50 -24.23 -26.36
CA LEU B 81 -49.34 -25.45 -25.56
C LEU B 81 -50.73 -25.80 -25.01
N GLN B 82 -51.37 -26.78 -25.62
CA GLN B 82 -52.69 -27.23 -25.18
C GLN B 82 -52.54 -28.27 -24.08
N MET B 83 -53.00 -27.93 -22.88
CA MET B 83 -52.89 -28.79 -21.71
C MET B 83 -54.27 -29.37 -21.39
N ASN B 84 -54.39 -30.69 -21.49
CA ASN B 84 -55.64 -31.38 -21.24
C ASN B 84 -55.50 -32.32 -20.04
N SER B 85 -56.61 -32.52 -19.35
CA SER B 85 -56.69 -33.38 -18.17
C SER B 85 -55.57 -33.05 -17.17
N LEU B 86 -55.63 -31.82 -16.67
CA LEU B 86 -54.58 -31.31 -15.80
C LEU B 86 -54.68 -31.91 -14.40
N ARG B 87 -53.52 -32.16 -13.80
CA ARG B 87 -53.42 -32.74 -12.46
C ARG B 87 -52.76 -31.74 -11.52
N ALA B 88 -52.83 -32.04 -10.22
CA ALA B 88 -52.28 -31.12 -9.23
C ALA B 88 -50.77 -30.98 -9.38
N GLU B 89 -50.08 -32.09 -9.69
CA GLU B 89 -48.64 -32.06 -9.84
C GLU B 89 -48.17 -31.30 -11.08
N ASP B 90 -49.07 -30.89 -11.96
CA ASP B 90 -48.72 -30.07 -13.10
C ASP B 90 -48.64 -28.59 -12.76
N THR B 91 -48.94 -28.22 -11.52
CA THR B 91 -48.82 -26.84 -11.08
C THR B 91 -47.36 -26.43 -11.10
N ALA B 92 -47.03 -25.44 -11.94
CA ALA B 92 -45.65 -25.01 -12.12
C ALA B 92 -45.65 -23.71 -12.91
N VAL B 93 -44.48 -23.10 -13.00
CA VAL B 93 -44.26 -21.95 -13.89
C VAL B 93 -43.76 -22.50 -15.23
N TYR B 94 -44.42 -22.11 -16.32
CA TYR B 94 -44.12 -22.64 -17.64
C TYR B 94 -43.37 -21.59 -18.44
N TYR B 95 -42.17 -21.94 -18.89
CA TYR B 95 -41.36 -21.09 -19.75
C TYR B 95 -41.33 -21.67 -21.16
N CYS B 96 -41.42 -20.80 -22.16
CA CYS B 96 -41.10 -21.19 -23.52
C CYS B 96 -39.67 -20.73 -23.81
N ALA B 97 -38.83 -21.66 -24.24
CA ALA B 97 -37.42 -21.40 -24.46
C ALA B 97 -37.06 -21.71 -25.91
N ARG B 98 -36.21 -20.87 -26.48
CA ARG B 98 -35.78 -21.08 -27.86
C ARG B 98 -34.63 -22.09 -27.92
N ALA B 99 -34.61 -22.87 -28.99
CA ALA B 99 -33.58 -23.89 -29.15
C ALA B 99 -32.25 -23.26 -29.52
N GLY B 100 -31.17 -23.94 -29.13
CA GLY B 100 -29.84 -23.43 -29.35
C GLY B 100 -29.14 -24.08 -30.53
N TYR B 101 -28.08 -23.42 -30.97
CA TYR B 101 -27.28 -23.90 -32.10
C TYR B 101 -26.53 -25.15 -31.68
N SER B 102 -26.86 -26.27 -32.31
CA SER B 102 -26.22 -27.55 -32.04
C SER B 102 -26.46 -28.49 -33.20
N ASN B 103 -25.69 -29.57 -33.22
CA ASN B 103 -25.89 -30.60 -34.23
C ASN B 103 -27.01 -31.55 -33.83
N TYR B 104 -27.10 -31.87 -32.55
CA TYR B 104 -28.17 -32.72 -32.03
C TYR B 104 -28.25 -32.51 -30.52
N GLY B 105 -29.39 -32.05 -30.05
CA GLY B 105 -29.56 -31.82 -28.62
C GLY B 105 -30.47 -30.65 -28.37
N HIS B 106 -31.04 -30.63 -27.17
CA HIS B 106 -32.01 -29.61 -26.76
C HIS B 106 -31.44 -28.87 -25.55
N TYR B 107 -30.84 -27.71 -25.80
CA TYR B 107 -30.48 -26.77 -24.75
C TYR B 107 -31.14 -25.43 -25.05
N PHE B 108 -31.31 -24.62 -24.02
CA PHE B 108 -32.18 -23.45 -24.05
C PHE B 108 -31.34 -22.20 -23.84
N ASP B 109 -31.13 -21.44 -24.91
CA ASP B 109 -30.26 -20.27 -24.85
C ASP B 109 -31.01 -18.99 -24.49
N TYR B 110 -32.31 -18.91 -24.76
CA TYR B 110 -33.12 -17.76 -24.39
C TYR B 110 -34.44 -18.24 -23.82
N TRP B 111 -34.81 -17.71 -22.67
CA TRP B 111 -36.03 -18.07 -21.96
C TRP B 111 -36.97 -16.87 -21.92
N GLY B 112 -38.20 -17.12 -21.47
CA GLY B 112 -39.18 -16.09 -21.24
C GLY B 112 -39.41 -15.84 -19.76
N GLN B 113 -40.27 -14.86 -19.47
CA GLN B 113 -40.58 -14.56 -18.08
C GLN B 113 -41.28 -15.71 -17.39
N GLY B 114 -42.08 -16.47 -18.12
CA GLY B 114 -42.80 -17.58 -17.53
C GLY B 114 -44.17 -17.17 -17.04
N THR B 115 -45.10 -18.10 -17.12
CA THR B 115 -46.47 -17.88 -16.65
C THR B 115 -46.82 -18.96 -15.63
N LEU B 116 -47.54 -18.57 -14.58
CA LEU B 116 -47.87 -19.48 -13.49
C LEU B 116 -49.19 -20.18 -13.78
N VAL B 117 -49.16 -21.51 -13.80
CA VAL B 117 -50.35 -22.34 -13.92
C VAL B 117 -50.55 -23.04 -12.59
N THR B 118 -51.69 -22.80 -11.95
CA THR B 118 -52.02 -23.38 -10.65
C THR B 118 -53.22 -24.29 -10.83
N VAL B 119 -53.01 -25.59 -10.69
CA VAL B 119 -54.07 -26.59 -10.78
C VAL B 119 -54.54 -26.88 -9.36
N SER B 120 -55.73 -26.41 -9.01
CA SER B 120 -56.24 -26.54 -7.66
C SER B 120 -57.77 -26.55 -7.69
N SER B 121 -58.35 -27.24 -6.71
CA SER B 121 -59.80 -27.32 -6.57
C SER B 121 -60.34 -26.27 -5.61
N ALA B 122 -59.47 -25.41 -5.07
CA ALA B 122 -59.90 -24.38 -4.14
C ALA B 122 -60.56 -23.22 -4.87
N SER B 123 -61.46 -22.55 -4.18
CA SER B 123 -62.11 -21.34 -4.68
C SER B 123 -61.32 -20.11 -4.23
N THR B 124 -61.56 -18.99 -4.92
CA THR B 124 -60.89 -17.74 -4.58
C THR B 124 -61.42 -17.24 -3.25
N LYS B 125 -60.57 -17.22 -2.22
CA LYS B 125 -60.98 -16.87 -0.88
C LYS B 125 -60.07 -15.76 -0.35
N GLY B 126 -60.68 -14.80 0.35
CA GLY B 126 -59.95 -13.69 0.93
C GLY B 126 -59.23 -14.06 2.21
N PRO B 127 -58.24 -13.25 2.58
CA PRO B 127 -57.42 -13.56 3.76
C PRO B 127 -58.04 -13.07 5.06
N SER B 128 -57.73 -13.79 6.13
CA SER B 128 -58.03 -13.38 7.49
C SER B 128 -56.74 -12.86 8.11
N VAL B 129 -56.77 -11.62 8.60
CA VAL B 129 -55.58 -10.97 9.15
C VAL B 129 -55.73 -10.93 10.66
N PHE B 130 -54.74 -11.49 11.36
CA PHE B 130 -54.74 -11.53 12.81
C PHE B 130 -53.49 -10.86 13.35
N PRO B 131 -53.60 -10.15 14.48
CA PRO B 131 -52.43 -9.45 15.01
C PRO B 131 -51.49 -10.38 15.75
N LEU B 132 -50.19 -10.18 15.53
CA LEU B 132 -49.14 -10.84 16.31
C LEU B 132 -48.65 -9.80 17.32
N ALA B 133 -49.29 -9.78 18.49
CA ALA B 133 -49.04 -8.74 19.49
C ALA B 133 -47.72 -9.00 20.22
N PRO B 134 -46.91 -7.97 20.41
CA PRO B 134 -45.65 -8.13 21.16
C PRO B 134 -45.89 -8.20 22.66
N SER B 135 -44.92 -8.82 23.34
CA SER B 135 -44.97 -8.95 24.79
C SER B 135 -44.38 -7.72 25.48
N GLY B 141 -36.15 -4.42 27.88
CA GLY B 141 -36.96 -3.68 26.93
C GLY B 141 -36.14 -2.91 25.91
N GLY B 142 -35.44 -3.64 25.04
CA GLY B 142 -34.62 -3.02 24.02
C GLY B 142 -35.28 -2.95 22.66
N THR B 143 -35.50 -4.10 22.03
CA THR B 143 -36.14 -4.18 20.72
C THR B 143 -37.30 -5.16 20.80
N ALA B 144 -38.50 -4.70 20.41
CA ALA B 144 -39.68 -5.54 20.35
C ALA B 144 -39.97 -5.93 18.91
N ALA B 145 -40.81 -6.97 18.75
CA ALA B 145 -41.20 -7.47 17.45
C ALA B 145 -42.70 -7.68 17.42
N LEU B 146 -43.35 -7.18 16.36
CA LEU B 146 -44.77 -7.37 16.13
C LEU B 146 -44.98 -7.75 14.66
N GLY B 147 -46.21 -8.11 14.32
CA GLY B 147 -46.47 -8.50 12.95
C GLY B 147 -47.93 -8.83 12.71
N CYS B 148 -48.20 -9.30 11.50
CA CYS B 148 -49.53 -9.69 11.05
C CYS B 148 -49.49 -11.10 10.48
N LEU B 149 -50.54 -11.87 10.75
CA LEU B 149 -50.69 -13.23 10.25
C LEU B 149 -51.77 -13.25 9.18
N VAL B 150 -51.35 -13.37 7.93
CA VAL B 150 -52.26 -13.40 6.79
C VAL B 150 -52.57 -14.87 6.49
N LYS B 151 -53.80 -15.30 6.77
CA LYS B 151 -54.15 -16.71 6.76
C LYS B 151 -55.34 -16.99 5.85
N ASP B 152 -55.30 -18.15 5.19
CA ASP B 152 -56.44 -18.73 4.48
C ASP B 152 -56.86 -17.87 3.28
N TYR B 153 -55.95 -17.70 2.34
CA TYR B 153 -56.26 -16.99 1.09
C TYR B 153 -55.86 -17.82 -0.11
N PHE B 154 -56.47 -17.50 -1.26
CA PHE B 154 -56.22 -18.16 -2.54
C PHE B 154 -56.80 -17.31 -3.67
N PRO B 155 -56.07 -17.13 -4.78
CA PRO B 155 -54.71 -17.63 -4.96
C PRO B 155 -53.67 -16.59 -4.54
N GLU B 156 -52.41 -16.83 -4.89
CA GLU B 156 -51.36 -15.88 -4.63
C GLU B 156 -51.45 -14.72 -5.62
N PRO B 157 -50.90 -13.54 -5.26
CA PRO B 157 -50.27 -13.20 -4.00
C PRO B 157 -51.06 -12.21 -3.14
N VAL B 158 -50.59 -11.99 -1.91
CA VAL B 158 -51.03 -10.87 -1.10
C VAL B 158 -49.87 -9.90 -1.00
N THR B 159 -50.21 -8.61 -0.91
CA THR B 159 -49.24 -7.56 -0.68
C THR B 159 -49.44 -6.99 0.71
N VAL B 160 -48.35 -6.84 1.45
CA VAL B 160 -48.39 -6.38 2.83
C VAL B 160 -47.48 -5.18 2.97
N SER B 161 -48.05 -4.04 3.35
CA SER B 161 -47.29 -2.85 3.69
C SER B 161 -47.58 -2.47 5.13
N TRP B 162 -46.67 -1.68 5.71
CA TRP B 162 -46.79 -1.26 7.10
C TRP B 162 -46.94 0.25 7.16
N ASN B 163 -47.96 0.72 7.89
CA ASN B 163 -48.24 2.15 8.04
C ASN B 163 -48.39 2.84 6.69
N SER B 164 -49.12 2.17 5.79
CA SER B 164 -49.37 2.66 4.43
C SER B 164 -48.08 2.91 3.67
N GLY B 165 -47.01 2.21 4.04
CA GLY B 165 -45.73 2.32 3.36
C GLY B 165 -44.68 3.12 4.09
N ALA B 166 -45.04 3.82 5.16
CA ALA B 166 -44.08 4.66 5.87
C ALA B 166 -43.04 3.83 6.62
N LEU B 167 -43.45 2.67 7.16
CA LEU B 167 -42.55 1.82 7.94
C LEU B 167 -42.03 0.72 7.03
N THR B 168 -40.74 0.78 6.70
CA THR B 168 -40.10 -0.22 5.85
C THR B 168 -38.87 -0.81 6.53
N SER B 169 -38.24 -0.05 7.42
CA SER B 169 -37.03 -0.50 8.08
C SER B 169 -37.36 -1.67 9.01
N GLY B 170 -36.69 -2.80 8.78
CA GLY B 170 -36.90 -3.99 9.59
C GLY B 170 -38.11 -4.83 9.23
N VAL B 171 -38.72 -4.60 8.07
CA VAL B 171 -39.91 -5.34 7.66
C VAL B 171 -39.49 -6.65 6.99
N HIS B 172 -40.00 -7.76 7.49
CA HIS B 172 -39.77 -9.09 6.92
C HIS B 172 -41.11 -9.71 6.57
N THR B 173 -41.34 -9.97 5.28
CA THR B 173 -42.52 -10.70 4.83
C THR B 173 -42.06 -12.06 4.33
N PHE B 174 -42.61 -13.11 4.92
CA PHE B 174 -42.13 -14.45 4.61
C PHE B 174 -42.86 -15.02 3.40
N PRO B 175 -42.19 -15.89 2.64
CA PRO B 175 -42.88 -16.57 1.54
C PRO B 175 -44.06 -17.36 2.04
N ALA B 176 -45.14 -17.37 1.26
CA ALA B 176 -46.33 -18.10 1.64
C ALA B 176 -46.08 -19.60 1.58
N VAL B 177 -46.79 -20.32 2.43
CA VAL B 177 -46.74 -21.79 2.46
C VAL B 177 -48.12 -22.32 2.16
N LEU B 178 -48.18 -23.34 1.30
CA LEU B 178 -49.45 -23.95 0.92
C LEU B 178 -49.90 -24.89 2.03
N GLN B 179 -51.07 -24.62 2.61
CA GLN B 179 -51.57 -25.44 3.68
C GLN B 179 -52.25 -26.69 3.11
N SER B 180 -52.47 -27.68 3.99
CA SER B 180 -53.14 -28.90 3.58
C SER B 180 -54.57 -28.65 3.13
N SER B 181 -55.16 -27.51 3.51
CA SER B 181 -56.49 -27.14 3.08
C SER B 181 -56.53 -26.60 1.65
N GLY B 182 -55.38 -26.43 1.01
CA GLY B 182 -55.31 -25.84 -0.31
C GLY B 182 -55.19 -24.33 -0.33
N LEU B 183 -55.18 -23.69 0.83
CA LEU B 183 -55.08 -22.23 0.93
C LEU B 183 -53.68 -21.83 1.36
N TYR B 184 -53.32 -20.58 1.05
CA TYR B 184 -52.01 -20.03 1.35
C TYR B 184 -52.03 -19.24 2.66
N SER B 185 -50.85 -19.10 3.26
CA SER B 185 -50.70 -18.37 4.52
C SER B 185 -49.26 -17.89 4.62
N LEU B 186 -49.10 -16.64 5.06
CA LEU B 186 -47.77 -16.09 5.31
C LEU B 186 -47.84 -15.19 6.53
N SER B 187 -46.69 -14.66 6.92
CA SER B 187 -46.58 -13.72 8.03
C SER B 187 -45.68 -12.57 7.63
N SER B 188 -45.98 -11.40 8.15
CA SER B 188 -45.14 -10.21 7.99
C SER B 188 -44.82 -9.68 9.36
N VAL B 189 -43.53 -9.64 9.69
CA VAL B 189 -43.06 -9.19 11.00
C VAL B 189 -42.17 -7.97 10.79
N VAL B 190 -42.07 -7.17 11.84
CA VAL B 190 -41.23 -5.97 11.82
C VAL B 190 -40.70 -5.74 13.23
N THR B 191 -39.47 -5.25 13.31
CA THR B 191 -38.82 -4.94 14.58
C THR B 191 -38.83 -3.44 14.80
N VAL B 192 -39.27 -3.02 15.98
CA VAL B 192 -39.37 -1.61 16.33
C VAL B 192 -38.76 -1.40 17.70
N PRO B 193 -38.32 -0.18 18.00
CA PRO B 193 -37.85 0.11 19.36
C PRO B 193 -38.95 -0.07 20.39
N SER B 194 -38.61 -0.67 21.53
CA SER B 194 -39.59 -0.90 22.58
C SER B 194 -40.08 0.42 23.19
N SER B 195 -39.26 1.47 23.15
CA SER B 195 -39.65 2.75 23.72
C SER B 195 -40.77 3.43 22.95
N SER B 196 -41.17 2.91 21.79
CA SER B 196 -42.20 3.52 20.97
C SER B 196 -43.45 2.67 20.84
N LEU B 197 -43.59 1.62 21.67
CA LEU B 197 -44.77 0.77 21.58
C LEU B 197 -46.01 1.45 22.16
N GLY B 198 -45.83 2.28 23.18
CA GLY B 198 -46.94 2.98 23.79
C GLY B 198 -47.29 4.30 23.16
N THR B 199 -46.54 4.75 22.16
CA THR B 199 -46.78 6.03 21.51
C THR B 199 -47.19 5.88 20.05
N GLN B 200 -46.42 5.14 19.27
CA GLN B 200 -46.72 4.96 17.86
C GLN B 200 -47.76 3.86 17.67
N THR B 201 -48.55 3.99 16.60
CA THR B 201 -49.52 2.98 16.19
C THR B 201 -48.99 2.26 14.96
N TYR B 202 -49.01 0.93 15.00
CA TYR B 202 -48.49 0.10 13.92
C TYR B 202 -49.66 -0.60 13.24
N ILE B 203 -49.84 -0.32 11.95
CA ILE B 203 -50.94 -0.85 11.16
C ILE B 203 -50.36 -1.58 9.95
N CYS B 204 -50.81 -2.82 9.74
CA CYS B 204 -50.42 -3.58 8.55
C CYS B 204 -51.55 -3.51 7.52
N ASN B 205 -51.18 -3.27 6.27
CA ASN B 205 -52.14 -3.10 5.18
C ASN B 205 -52.00 -4.30 4.25
N VAL B 206 -52.99 -5.19 4.28
CA VAL B 206 -53.00 -6.39 3.46
C VAL B 206 -53.96 -6.16 2.31
N ASN B 207 -53.49 -6.40 1.09
CA ASN B 207 -54.29 -6.22 -0.12
C ASN B 207 -54.24 -7.51 -0.91
N HIS B 208 -55.42 -8.08 -1.19
CA HIS B 208 -55.54 -9.31 -1.97
C HIS B 208 -56.37 -8.99 -3.20
N LYS B 209 -55.68 -8.71 -4.32
CA LYS B 209 -56.37 -8.29 -5.54
C LYS B 209 -57.35 -9.34 -6.08
N PRO B 210 -57.03 -10.63 -6.14
CA PRO B 210 -58.00 -11.59 -6.72
C PRO B 210 -59.37 -11.56 -6.05
N SER B 211 -59.43 -11.58 -4.72
CA SER B 211 -60.70 -11.56 -4.01
C SER B 211 -61.20 -10.14 -3.74
N ASN B 212 -60.46 -9.13 -4.17
CA ASN B 212 -60.81 -7.73 -3.92
C ASN B 212 -61.01 -7.48 -2.42
N THR B 213 -59.94 -7.74 -1.67
CA THR B 213 -59.95 -7.61 -0.22
C THR B 213 -58.86 -6.65 0.21
N LYS B 214 -59.22 -5.73 1.11
CA LYS B 214 -58.28 -4.78 1.69
C LYS B 214 -58.52 -4.75 3.19
N VAL B 215 -57.49 -5.11 3.96
CA VAL B 215 -57.59 -5.20 5.41
C VAL B 215 -56.54 -4.27 6.03
N ASP B 216 -56.98 -3.44 6.97
CA ASP B 216 -56.09 -2.60 7.76
C ASP B 216 -56.25 -3.03 9.22
N LYS B 217 -55.21 -3.66 9.78
CA LYS B 217 -55.25 -4.21 11.12
C LYS B 217 -54.30 -3.46 12.04
N ARG B 218 -54.82 -3.00 13.18
CA ARG B 218 -53.98 -2.39 14.20
C ARG B 218 -53.36 -3.47 15.08
N VAL B 219 -52.07 -3.36 15.30
CA VAL B 219 -51.31 -4.32 16.11
C VAL B 219 -50.99 -3.62 17.43
N GLU B 220 -51.63 -4.07 18.50
CA GLU B 220 -51.48 -3.44 19.80
C GLU B 220 -51.02 -4.47 20.84
N PRO B 221 -50.21 -4.04 21.83
CA PRO B 221 -49.72 -4.92 22.90
C PRO B 221 -50.84 -5.47 23.78
N GLU C 1 -32.92 -42.35 -19.28
CA GLU C 1 -32.86 -41.03 -18.65
C GLU C 1 -31.64 -40.88 -17.78
N ILE C 2 -30.81 -39.88 -18.08
CA ILE C 2 -29.61 -39.61 -17.29
C ILE C 2 -29.99 -38.74 -16.10
N VAL C 3 -29.53 -39.13 -14.92
CA VAL C 3 -29.71 -38.32 -13.72
C VAL C 3 -28.41 -37.58 -13.45
N LEU C 4 -28.52 -36.30 -13.13
CA LEU C 4 -27.38 -35.44 -12.85
C LEU C 4 -27.34 -35.12 -11.37
N THR C 5 -26.19 -35.35 -10.75
CA THR C 5 -25.97 -35.06 -9.34
C THR C 5 -25.00 -33.89 -9.23
N GLN C 6 -25.42 -32.84 -8.53
CA GLN C 6 -24.64 -31.63 -8.36
C GLN C 6 -24.09 -31.58 -6.95
N SER C 7 -22.83 -31.15 -6.81
CA SER C 7 -22.17 -31.02 -5.53
C SER C 7 -21.31 -29.77 -5.52
N PRO C 8 -21.25 -29.05 -4.38
CA PRO C 8 -21.96 -29.37 -3.15
C PRO C 8 -23.41 -28.90 -3.19
N GLY C 9 -24.15 -29.10 -2.10
CA GLY C 9 -25.52 -28.62 -2.04
C GLY C 9 -25.60 -27.11 -2.00
N THR C 10 -24.93 -26.51 -1.01
CA THR C 10 -24.88 -25.06 -0.86
C THR C 10 -23.43 -24.65 -0.62
N LEU C 11 -22.96 -23.68 -1.40
CA LEU C 11 -21.60 -23.18 -1.32
C LEU C 11 -21.62 -21.77 -0.74
N SER C 12 -20.91 -21.59 0.38
CA SER C 12 -20.89 -20.32 1.11
C SER C 12 -19.56 -19.63 0.85
N LEU C 13 -19.60 -18.56 0.05
CA LEU C 13 -18.39 -17.84 -0.34
C LEU C 13 -18.59 -16.34 -0.13
N SER C 14 -17.48 -15.60 -0.23
CA SER C 14 -17.45 -14.15 -0.11
C SER C 14 -17.23 -13.51 -1.48
N PRO C 15 -17.67 -12.27 -1.67
CA PRO C 15 -17.42 -11.60 -2.96
C PRO C 15 -15.94 -11.51 -3.26
N GLY C 16 -15.57 -11.92 -4.48
CA GLY C 16 -14.19 -11.95 -4.89
C GLY C 16 -13.53 -13.31 -4.81
N GLU C 17 -14.17 -14.29 -4.19
CA GLU C 17 -13.60 -15.61 -4.04
C GLU C 17 -13.91 -16.49 -5.26
N ARG C 18 -13.24 -17.63 -5.30
CA ARG C 18 -13.34 -18.56 -6.41
C ARG C 18 -14.39 -19.63 -6.11
N ALA C 19 -15.24 -19.91 -7.10
CA ALA C 19 -16.34 -20.87 -6.95
C ALA C 19 -16.12 -22.05 -7.90
N THR C 20 -16.36 -23.25 -7.39
CA THR C 20 -16.22 -24.48 -8.17
C THR C 20 -17.43 -25.37 -7.92
N LEU C 21 -18.16 -25.67 -8.99
CA LEU C 21 -19.35 -26.51 -8.91
C LEU C 21 -19.14 -27.78 -9.72
N SER C 22 -19.64 -28.91 -9.20
CA SER C 22 -19.46 -30.21 -9.82
C SER C 22 -20.79 -30.74 -10.33
N CYS C 23 -20.74 -31.41 -11.49
CA CYS C 23 -21.90 -32.04 -12.09
C CYS C 23 -21.52 -33.45 -12.54
N ARG C 24 -22.21 -34.46 -11.99
CA ARG C 24 -21.91 -35.86 -12.25
C ARG C 24 -23.10 -36.54 -12.88
N ALA C 25 -22.89 -37.18 -14.03
CA ALA C 25 -23.94 -37.86 -14.77
C ALA C 25 -23.86 -39.37 -14.57
N SER C 26 -25.01 -40.04 -14.62
CA SER C 26 -25.06 -41.49 -14.47
C SER C 26 -24.59 -42.20 -15.74
N GLN C 27 -24.76 -41.57 -16.89
CA GLN C 27 -24.31 -42.11 -18.17
C GLN C 27 -23.40 -41.09 -18.84
N SER C 28 -22.60 -41.57 -19.79
CA SER C 28 -21.69 -40.70 -20.51
C SER C 28 -22.47 -39.71 -21.37
N VAL C 29 -22.17 -38.43 -21.23
CA VAL C 29 -22.82 -37.38 -22.00
C VAL C 29 -22.19 -37.31 -23.38
N SER C 30 -22.99 -37.55 -24.42
CA SER C 30 -22.47 -37.60 -25.78
C SER C 30 -22.02 -36.23 -26.25
N SER C 31 -20.85 -36.18 -26.90
CA SER C 31 -20.29 -34.97 -27.49
C SER C 31 -20.11 -33.84 -26.47
N SER C 32 -20.04 -34.18 -25.18
CA SER C 32 -19.89 -33.19 -24.11
C SER C 32 -20.95 -32.10 -24.20
N TYR C 33 -22.19 -32.51 -24.48
CA TYR C 33 -23.30 -31.57 -24.62
C TYR C 33 -23.95 -31.37 -23.25
N LEU C 34 -23.34 -30.47 -22.47
CA LEU C 34 -23.81 -30.12 -21.14
C LEU C 34 -23.92 -28.61 -21.02
N ALA C 35 -25.04 -28.14 -20.49
CA ALA C 35 -25.28 -26.72 -20.31
C ALA C 35 -25.30 -26.37 -18.83
N TRP C 36 -25.02 -25.10 -18.54
CA TRP C 36 -25.09 -24.56 -17.20
C TRP C 36 -26.05 -23.38 -17.21
N TYR C 37 -26.90 -23.30 -16.19
CA TYR C 37 -27.89 -22.25 -16.10
C TYR C 37 -27.79 -21.55 -14.76
N GLN C 38 -28.05 -20.25 -14.77
CA GLN C 38 -28.15 -19.45 -13.57
C GLN C 38 -29.61 -19.07 -13.35
N GLN C 39 -30.05 -19.12 -12.10
CA GLN C 39 -31.42 -18.74 -11.77
C GLN C 39 -31.44 -18.07 -10.40
N LYS C 40 -31.94 -16.84 -10.36
CA LYS C 40 -32.16 -16.15 -9.12
C LYS C 40 -33.62 -16.28 -8.69
N PRO C 41 -33.89 -16.24 -7.40
CA PRO C 41 -35.27 -16.48 -6.92
C PRO C 41 -36.25 -15.51 -7.54
N GLY C 42 -37.34 -16.05 -8.09
CA GLY C 42 -38.37 -15.27 -8.73
C GLY C 42 -38.09 -14.88 -10.16
N GLN C 43 -36.90 -15.20 -10.68
CA GLN C 43 -36.50 -14.82 -12.03
C GLN C 43 -36.38 -16.06 -12.91
N ALA C 44 -36.29 -15.81 -14.21
CA ALA C 44 -36.16 -16.88 -15.18
C ALA C 44 -34.72 -17.36 -15.25
N PRO C 45 -34.51 -18.61 -15.67
CA PRO C 45 -33.13 -19.07 -15.92
C PRO C 45 -32.54 -18.41 -17.16
N ARG C 46 -31.21 -18.32 -17.17
CA ARG C 46 -30.48 -17.82 -18.32
C ARG C 46 -29.32 -18.76 -18.60
N LEU C 47 -28.92 -18.83 -19.87
CA LEU C 47 -27.86 -19.75 -20.26
C LEU C 47 -26.50 -19.13 -19.99
N LEU C 48 -25.60 -19.93 -19.42
CA LEU C 48 -24.24 -19.50 -19.13
C LEU C 48 -23.22 -20.23 -19.99
N ILE C 49 -23.16 -21.55 -19.88
CA ILE C 49 -22.22 -22.37 -20.63
C ILE C 49 -23.02 -23.41 -21.40
N TYR C 50 -22.65 -23.63 -22.65
CA TYR C 50 -23.21 -24.71 -23.45
C TYR C 50 -22.05 -25.47 -24.09
N GLY C 51 -22.25 -26.77 -24.30
CA GLY C 51 -21.16 -27.58 -24.81
C GLY C 51 -20.06 -27.80 -23.82
N ALA C 52 -20.37 -27.73 -22.51
CA ALA C 52 -19.44 -27.99 -21.41
C ALA C 52 -18.42 -26.88 -21.22
N SER C 53 -18.05 -26.17 -22.29
CA SER C 53 -17.02 -25.14 -22.19
C SER C 53 -17.31 -23.86 -22.96
N SER C 54 -18.19 -23.88 -23.97
CA SER C 54 -18.48 -22.67 -24.72
C SER C 54 -19.42 -21.75 -23.95
N ARG C 55 -19.14 -20.45 -24.02
CA ARG C 55 -19.85 -19.44 -23.25
C ARG C 55 -20.96 -18.81 -24.09
N ALA C 56 -22.11 -18.59 -23.45
CA ALA C 56 -23.25 -18.01 -24.13
C ALA C 56 -23.03 -16.51 -24.38
N THR C 57 -23.85 -15.97 -25.27
CA THR C 57 -23.72 -14.56 -25.65
C THR C 57 -24.13 -13.65 -24.49
N GLY C 58 -23.31 -12.63 -24.23
CA GLY C 58 -23.60 -11.68 -23.18
C GLY C 58 -23.27 -12.14 -21.78
N ILE C 59 -22.37 -13.11 -21.64
CA ILE C 59 -21.98 -13.68 -20.35
C ILE C 59 -20.57 -13.22 -20.05
N PRO C 60 -20.28 -12.75 -18.83
CA PRO C 60 -18.94 -12.26 -18.51
C PRO C 60 -17.90 -13.37 -18.60
N ASP C 61 -16.63 -12.95 -18.61
CA ASP C 61 -15.52 -13.89 -18.76
C ASP C 61 -15.26 -14.70 -17.50
N ARG C 62 -15.69 -14.21 -16.34
CA ARG C 62 -15.42 -14.92 -15.09
C ARG C 62 -16.10 -16.29 -15.06
N PHE C 63 -17.14 -16.50 -15.85
CA PHE C 63 -17.77 -17.82 -15.95
C PHE C 63 -16.96 -18.69 -16.90
N SER C 64 -16.69 -19.93 -16.49
CA SER C 64 -15.86 -20.85 -17.26
C SER C 64 -16.38 -22.26 -17.04
N GLY C 65 -16.40 -23.04 -18.12
CA GLY C 65 -16.88 -24.41 -18.08
C GLY C 65 -15.78 -25.38 -18.48
N SER C 66 -15.83 -26.58 -17.90
CA SER C 66 -14.85 -27.62 -18.21
C SER C 66 -15.48 -28.97 -17.89
N GLY C 67 -14.78 -30.01 -18.30
CA GLY C 67 -15.21 -31.38 -18.06
C GLY C 67 -15.57 -32.09 -19.36
N SER C 68 -15.66 -33.41 -19.26
CA SER C 68 -16.00 -34.27 -20.39
C SER C 68 -16.33 -35.65 -19.85
N GLY C 69 -17.10 -36.40 -20.64
CA GLY C 69 -17.49 -37.74 -20.25
C GLY C 69 -18.60 -37.76 -19.21
N THR C 70 -18.24 -37.95 -17.94
CA THR C 70 -19.21 -38.04 -16.86
C THR C 70 -19.07 -36.96 -15.80
N ASP C 71 -17.93 -36.29 -15.72
CA ASP C 71 -17.69 -35.24 -14.72
C ASP C 71 -17.53 -33.90 -15.41
N PHE C 72 -18.21 -32.88 -14.88
CA PHE C 72 -18.17 -31.54 -15.43
C PHE C 72 -17.94 -30.55 -14.29
N THR C 73 -17.58 -29.32 -14.66
CA THR C 73 -17.22 -28.31 -13.66
C THR C 73 -17.59 -26.93 -14.16
N LEU C 74 -18.31 -26.18 -13.33
CA LEU C 74 -18.56 -24.76 -13.55
C LEU C 74 -17.69 -23.96 -12.58
N THR C 75 -16.99 -22.96 -13.09
CA THR C 75 -16.04 -22.19 -12.29
C THR C 75 -16.29 -20.70 -12.48
N ILE C 76 -16.44 -19.99 -11.38
CA ILE C 76 -16.51 -18.53 -11.36
C ILE C 76 -15.21 -18.04 -10.73
N SER C 77 -14.38 -17.36 -11.53
CA SER C 77 -13.03 -17.03 -11.07
C SER C 77 -13.07 -16.05 -9.91
N ARG C 78 -13.81 -14.94 -10.07
CA ARG C 78 -13.92 -13.92 -9.02
C ARG C 78 -15.40 -13.63 -8.82
N LEU C 79 -15.93 -13.99 -7.65
CA LEU C 79 -17.35 -13.87 -7.39
C LEU C 79 -17.77 -12.41 -7.27
N GLU C 80 -18.79 -12.03 -8.02
CA GLU C 80 -19.40 -10.70 -8.02
C GLU C 80 -20.70 -10.72 -7.23
N PRO C 81 -21.18 -9.57 -6.78
CA PRO C 81 -22.43 -9.55 -6.00
C PRO C 81 -23.62 -10.12 -6.74
N GLU C 82 -23.66 -9.99 -8.06
CA GLU C 82 -24.78 -10.50 -8.85
C GLU C 82 -24.60 -11.96 -9.27
N ASP C 83 -23.63 -12.66 -8.70
CA ASP C 83 -23.36 -14.05 -9.03
C ASP C 83 -23.92 -15.03 -8.01
N PHE C 84 -24.54 -14.54 -6.94
CA PHE C 84 -25.08 -15.41 -5.89
C PHE C 84 -26.50 -15.82 -6.29
N ALA C 85 -26.67 -17.09 -6.63
CA ALA C 85 -27.95 -17.64 -7.09
C ALA C 85 -27.83 -19.15 -7.08
N VAL C 86 -28.83 -19.82 -7.63
CA VAL C 86 -28.80 -21.27 -7.84
C VAL C 86 -28.32 -21.54 -9.25
N TYR C 87 -27.42 -22.52 -9.39
CA TYR C 87 -26.85 -22.90 -10.67
C TYR C 87 -27.20 -24.35 -10.99
N TYR C 88 -27.80 -24.55 -12.15
CA TYR C 88 -28.19 -25.88 -12.62
C TYR C 88 -27.29 -26.32 -13.76
N CYS C 89 -27.00 -27.61 -13.81
CA CYS C 89 -26.35 -28.22 -14.97
C CYS C 89 -27.35 -29.13 -15.68
N GLN C 90 -27.34 -29.06 -17.02
CA GLN C 90 -28.24 -29.82 -17.86
C GLN C 90 -27.45 -30.45 -19.00
N GLN C 91 -27.74 -31.71 -19.29
CA GLN C 91 -27.12 -32.41 -20.42
C GLN C 91 -28.12 -32.53 -21.56
N TYR C 92 -27.62 -32.39 -22.79
CA TYR C 92 -28.44 -32.59 -23.98
C TYR C 92 -27.69 -33.49 -24.96
N GLY C 93 -27.31 -34.68 -24.48
CA GLY C 93 -26.66 -35.66 -25.31
C GLY C 93 -27.44 -36.96 -25.34
N SER C 94 -28.66 -36.94 -24.80
CA SER C 94 -29.53 -38.09 -24.80
C SER C 94 -30.95 -37.64 -25.14
N SER C 95 -31.82 -38.62 -25.37
CA SER C 95 -33.17 -38.32 -25.87
C SER C 95 -33.97 -37.42 -24.94
N PRO C 96 -34.04 -37.64 -23.63
CA PRO C 96 -34.71 -36.67 -22.76
C PRO C 96 -33.72 -35.74 -22.10
N PRO C 97 -33.85 -34.43 -22.32
CA PRO C 97 -32.99 -33.49 -21.60
C PRO C 97 -33.32 -33.51 -20.11
N THR C 98 -32.27 -33.57 -19.29
CA THR C 98 -32.42 -33.71 -17.85
C THR C 98 -31.57 -32.66 -17.14
N PHE C 99 -32.10 -32.17 -16.01
CA PHE C 99 -31.44 -31.15 -15.21
C PHE C 99 -30.93 -31.76 -13.90
N GLY C 100 -29.97 -31.07 -13.29
CA GLY C 100 -29.54 -31.40 -11.95
C GLY C 100 -30.45 -30.82 -10.89
N GLN C 101 -30.16 -31.16 -9.64
CA GLN C 101 -30.95 -30.64 -8.53
C GLN C 101 -30.57 -29.21 -8.16
N GLY C 102 -29.44 -28.71 -8.66
CA GLY C 102 -29.06 -27.33 -8.41
C GLY C 102 -28.13 -27.11 -7.24
N THR C 103 -27.11 -26.28 -7.44
CA THR C 103 -26.20 -25.86 -6.39
C THR C 103 -26.46 -24.38 -6.10
N LYS C 104 -26.61 -24.04 -4.83
CA LYS C 104 -26.89 -22.67 -4.41
C LYS C 104 -25.60 -22.03 -3.90
N VAL C 105 -25.20 -20.93 -4.52
CA VAL C 105 -24.08 -20.14 -4.04
C VAL C 105 -24.62 -19.04 -3.14
N GLU C 106 -24.16 -19.02 -1.89
CA GLU C 106 -24.71 -18.18 -0.84
C GLU C 106 -23.62 -17.25 -0.29
N ILE C 107 -24.00 -16.02 0.01
CA ILE C 107 -23.06 -15.06 0.59
C ILE C 107 -22.66 -15.51 1.99
N LYS C 108 -21.36 -15.54 2.26
CA LYS C 108 -20.84 -15.88 3.57
C LYS C 108 -20.58 -14.60 4.37
N ARG C 109 -21.08 -14.57 5.60
CA ARG C 109 -20.87 -13.47 6.52
C ARG C 109 -20.51 -14.03 7.89
N THR C 110 -20.30 -13.12 8.85
CA THR C 110 -20.01 -13.54 10.21
C THR C 110 -21.24 -14.14 10.86
N VAL C 111 -21.01 -15.01 11.84
CA VAL C 111 -22.10 -15.72 12.50
C VAL C 111 -22.97 -14.74 13.27
N ALA C 112 -24.28 -14.86 13.12
CA ALA C 112 -25.25 -14.04 13.85
C ALA C 112 -26.27 -14.96 14.49
N ALA C 113 -26.44 -14.80 15.80
CA ALA C 113 -27.40 -15.63 16.50
C ALA C 113 -28.82 -15.13 16.27
N PRO C 114 -29.80 -16.04 16.21
CA PRO C 114 -31.18 -15.62 15.98
C PRO C 114 -31.81 -14.97 17.21
N SER C 115 -32.57 -13.91 16.96
CA SER C 115 -33.42 -13.32 17.97
C SER C 115 -34.78 -14.01 17.92
N VAL C 116 -35.19 -14.61 19.03
CA VAL C 116 -36.37 -15.46 19.07
C VAL C 116 -37.53 -14.68 19.68
N PHE C 117 -38.67 -14.71 19.00
CA PHE C 117 -39.92 -14.13 19.48
C PHE C 117 -41.02 -15.16 19.32
N ILE C 118 -41.95 -15.19 20.27
CA ILE C 118 -43.11 -16.07 20.23
C ILE C 118 -44.36 -15.21 20.32
N PHE C 119 -45.39 -15.61 19.59
CA PHE C 119 -46.63 -14.84 19.51
C PHE C 119 -47.81 -15.76 19.84
N PRO C 120 -48.60 -15.44 20.84
CA PRO C 120 -49.80 -16.24 21.13
C PRO C 120 -50.87 -15.99 20.09
N PRO C 121 -51.84 -16.89 19.96
CA PRO C 121 -52.95 -16.63 19.05
C PRO C 121 -53.81 -15.49 19.57
N SER C 122 -54.22 -14.62 18.65
CA SER C 122 -55.04 -13.47 19.01
C SER C 122 -56.43 -13.90 19.44
N ASP C 123 -57.10 -13.01 20.19
CA ASP C 123 -58.46 -13.30 20.64
C ASP C 123 -59.43 -13.38 19.46
N GLU C 124 -59.17 -12.62 18.40
CA GLU C 124 -60.06 -12.66 17.23
C GLU C 124 -60.00 -14.03 16.56
N GLN C 125 -58.81 -14.59 16.42
CA GLN C 125 -58.68 -15.92 15.83
C GLN C 125 -59.23 -16.99 16.75
N LEU C 126 -59.08 -16.82 18.07
CA LEU C 126 -59.58 -17.80 19.02
C LEU C 126 -61.09 -17.94 18.97
N LYS C 127 -61.80 -16.91 18.50
CA LYS C 127 -63.25 -16.98 18.36
C LYS C 127 -63.67 -17.75 17.10
N SER C 128 -62.76 -17.95 16.15
CA SER C 128 -63.09 -18.62 14.90
C SER C 128 -62.97 -20.14 14.99
N GLY C 129 -62.31 -20.66 16.03
CA GLY C 129 -62.16 -22.10 16.21
C GLY C 129 -60.79 -22.67 15.92
N THR C 130 -59.79 -21.84 15.63
CA THR C 130 -58.43 -22.32 15.38
C THR C 130 -57.44 -21.44 16.11
N ALA C 131 -56.30 -22.01 16.46
CA ALA C 131 -55.23 -21.30 17.15
C ALA C 131 -53.93 -21.44 16.36
N SER C 132 -53.25 -20.30 16.14
CA SER C 132 -51.98 -20.28 15.46
C SER C 132 -50.94 -19.62 16.35
N VAL C 133 -49.95 -20.38 16.78
CA VAL C 133 -48.84 -19.86 17.58
C VAL C 133 -47.63 -19.71 16.68
N VAL C 134 -47.05 -18.51 16.66
CA VAL C 134 -45.96 -18.18 15.74
C VAL C 134 -44.69 -17.95 16.54
N CYS C 135 -43.65 -18.69 16.19
CA CYS C 135 -42.31 -18.50 16.73
C CYS C 135 -41.46 -17.87 15.63
N LEU C 136 -40.73 -16.81 15.99
CA LEU C 136 -40.01 -16.00 15.00
C LEU C 136 -38.51 -16.02 15.29
N LEU C 137 -37.73 -16.47 14.32
CA LEU C 137 -36.27 -16.39 14.35
C LEU C 137 -35.83 -15.29 13.38
N ASN C 138 -35.10 -14.31 13.90
CA ASN C 138 -34.84 -13.08 13.16
C ASN C 138 -33.35 -12.83 13.01
N ASN C 139 -32.91 -12.65 11.76
CA ASN C 139 -31.57 -12.18 11.42
C ASN C 139 -30.49 -13.10 12.01
N PHE C 140 -30.41 -14.30 11.43
CA PHE C 140 -29.43 -15.29 11.88
C PHE C 140 -28.63 -15.80 10.70
N TYR C 141 -27.39 -16.21 10.99
CA TYR C 141 -26.52 -16.84 10.02
C TYR C 141 -25.56 -17.74 10.78
N PRO C 142 -25.23 -18.92 10.25
CA PRO C 142 -25.69 -19.51 8.99
C PRO C 142 -27.14 -20.00 8.99
N ARG C 143 -27.55 -20.61 7.87
CA ARG C 143 -28.95 -20.96 7.66
C ARG C 143 -29.43 -22.06 8.58
N GLU C 144 -28.56 -23.02 8.93
CA GLU C 144 -28.98 -24.18 9.69
C GLU C 144 -29.45 -23.79 11.09
N ALA C 145 -30.67 -24.20 11.43
CA ALA C 145 -31.25 -23.94 12.74
C ALA C 145 -32.35 -24.97 12.98
N LYS C 146 -32.64 -25.19 14.26
CA LYS C 146 -33.66 -26.15 14.67
C LYS C 146 -34.68 -25.45 15.55
N VAL C 147 -35.95 -25.74 15.32
CA VAL C 147 -37.06 -25.17 16.09
C VAL C 147 -37.93 -26.33 16.56
N GLN C 148 -37.97 -26.57 17.86
CA GLN C 148 -38.80 -27.60 18.44
C GLN C 148 -39.91 -26.96 19.27
N TRP C 149 -41.14 -27.43 19.05
CA TRP C 149 -42.29 -26.95 19.81
C TRP C 149 -42.52 -27.84 21.03
N LYS C 150 -42.94 -27.22 22.13
CA LYS C 150 -43.23 -27.94 23.36
C LYS C 150 -44.57 -27.47 23.91
N VAL C 151 -45.57 -28.36 23.89
CA VAL C 151 -46.89 -28.09 24.45
C VAL C 151 -47.02 -28.94 25.71
N ASP C 152 -47.04 -28.28 26.86
CA ASP C 152 -47.00 -28.95 28.17
C ASP C 152 -45.76 -29.85 28.29
N ASN C 153 -44.62 -29.35 27.80
CA ASN C 153 -43.35 -30.07 27.83
C ASN C 153 -43.41 -31.39 27.07
N ALA C 154 -44.24 -31.45 26.02
CA ALA C 154 -44.34 -32.61 25.15
C ALA C 154 -43.91 -32.21 23.75
N LEU C 155 -43.04 -33.04 23.15
CA LEU C 155 -42.47 -32.72 21.85
C LEU C 155 -43.51 -32.88 20.75
N GLN C 156 -43.86 -31.78 20.10
CA GLN C 156 -44.82 -31.80 19.00
C GLN C 156 -44.13 -32.07 17.67
N SER C 157 -44.87 -32.69 16.75
CA SER C 157 -44.35 -33.02 15.44
C SER C 157 -45.51 -33.24 14.48
N GLY C 158 -45.37 -32.75 13.25
CA GLY C 158 -46.36 -32.95 12.22
C GLY C 158 -47.45 -31.90 12.13
N ASN C 159 -47.44 -30.89 13.01
CA ASN C 159 -48.48 -29.87 13.02
C ASN C 159 -47.89 -28.47 12.98
N SER C 160 -46.76 -28.29 12.30
CA SER C 160 -46.11 -26.99 12.19
C SER C 160 -45.56 -26.84 10.78
N GLN C 161 -45.50 -25.58 10.33
CA GLN C 161 -44.95 -25.24 9.03
C GLN C 161 -43.88 -24.15 9.19
N GLU C 162 -42.79 -24.29 8.45
CA GLU C 162 -41.69 -23.34 8.49
C GLU C 162 -41.62 -22.57 7.18
N SER C 163 -41.46 -21.25 7.27
CA SER C 163 -41.20 -20.39 6.13
C SER C 163 -39.91 -19.62 6.40
N VAL C 164 -39.08 -19.49 5.38
CA VAL C 164 -37.78 -18.84 5.51
C VAL C 164 -37.65 -17.79 4.41
N THR C 165 -37.07 -16.64 4.77
CA THR C 165 -36.85 -15.61 3.77
C THR C 165 -35.62 -15.93 2.94
N GLU C 166 -35.50 -15.24 1.81
CA GLU C 166 -34.27 -15.30 1.06
C GLU C 166 -33.19 -14.54 1.83
N GLN C 167 -31.94 -14.76 1.44
CA GLN C 167 -30.84 -14.07 2.09
C GLN C 167 -30.98 -12.56 1.85
N ASP C 168 -31.10 -11.81 2.94
CA ASP C 168 -31.38 -10.39 2.85
C ASP C 168 -30.30 -9.67 2.05
N SER C 169 -30.73 -8.70 1.24
CA SER C 169 -29.83 -7.96 0.37
C SER C 169 -28.94 -6.97 1.12
N LYS C 170 -29.28 -6.65 2.37
CA LYS C 170 -28.54 -5.66 3.15
C LYS C 170 -27.48 -6.28 4.06
N ASP C 171 -27.85 -7.27 4.87
CA ASP C 171 -26.92 -7.87 5.83
C ASP C 171 -26.70 -9.37 5.63
N SER C 172 -27.23 -9.95 4.55
CA SER C 172 -26.98 -11.34 4.19
C SER C 172 -27.44 -12.31 5.28
N THR C 173 -28.49 -11.96 6.02
CA THR C 173 -29.01 -12.80 7.09
C THR C 173 -30.24 -13.58 6.61
N TYR C 174 -30.76 -14.42 7.49
CA TYR C 174 -31.98 -15.18 7.26
C TYR C 174 -32.99 -14.88 8.36
N SER C 175 -34.27 -15.06 8.02
CA SER C 175 -35.36 -14.98 8.99
C SER C 175 -36.25 -16.19 8.79
N LEU C 176 -36.74 -16.74 9.90
CA LEU C 176 -37.56 -17.94 9.85
C LEU C 176 -38.77 -17.77 10.77
N SER C 177 -39.88 -18.39 10.36
CA SER C 177 -41.13 -18.34 11.13
C SER C 177 -41.73 -19.73 11.18
N SER C 178 -41.91 -20.26 12.38
CA SER C 178 -42.54 -21.54 12.60
C SER C 178 -43.95 -21.31 13.16
N THR C 179 -44.96 -21.87 12.49
CA THR C 179 -46.35 -21.65 12.85
C THR C 179 -46.97 -22.97 13.28
N LEU C 180 -47.33 -23.09 14.55
CA LEU C 180 -47.99 -24.27 15.09
C LEU C 180 -49.49 -24.04 15.06
N THR C 181 -50.20 -24.85 14.25
CA THR C 181 -51.64 -24.70 14.05
C THR C 181 -52.38 -25.78 14.81
N LEU C 182 -53.22 -25.38 15.76
CA LEU C 182 -54.04 -26.29 16.53
C LEU C 182 -55.50 -25.86 16.45
N SER C 183 -56.40 -26.80 16.73
CA SER C 183 -57.80 -26.48 16.84
C SER C 183 -58.10 -25.85 18.20
N LYS C 184 -59.22 -25.14 18.27
CA LYS C 184 -59.60 -24.45 19.51
C LYS C 184 -59.77 -25.43 20.66
N ALA C 185 -60.24 -26.65 20.37
CA ALA C 185 -60.39 -27.66 21.41
C ALA C 185 -59.04 -28.04 22.01
N ASP C 186 -58.07 -28.37 21.16
CA ASP C 186 -56.75 -28.77 21.64
C ASP C 186 -56.00 -27.62 22.30
N TYR C 187 -56.29 -26.38 21.90
CA TYR C 187 -55.57 -25.23 22.46
C TYR C 187 -55.96 -25.00 23.91
N GLU C 188 -57.19 -25.31 24.30
CA GLU C 188 -57.67 -25.12 25.66
C GLU C 188 -57.39 -26.33 26.54
N LYS C 189 -56.78 -27.39 25.99
CA LYS C 189 -56.41 -28.56 26.77
C LYS C 189 -55.09 -28.39 27.51
N HIS C 190 -54.24 -27.47 27.08
CA HIS C 190 -52.90 -27.30 27.63
C HIS C 190 -52.72 -25.85 28.07
N LYS C 191 -51.64 -25.61 28.81
CA LYS C 191 -51.37 -24.29 29.37
C LYS C 191 -50.05 -23.70 28.90
N VAL C 192 -48.96 -24.45 28.96
CA VAL C 192 -47.62 -23.93 28.69
C VAL C 192 -47.28 -24.18 27.22
N TYR C 193 -47.00 -23.09 26.49
CA TYR C 193 -46.56 -23.16 25.10
C TYR C 193 -45.20 -22.50 24.98
N ALA C 194 -44.26 -23.19 24.33
CA ALA C 194 -42.89 -22.73 24.22
C ALA C 194 -42.27 -23.29 22.95
N CYS C 195 -41.43 -22.49 22.29
CA CYS C 195 -40.60 -22.95 21.19
C CYS C 195 -39.14 -22.84 21.60
N GLU C 196 -38.39 -23.92 21.37
CA GLU C 196 -36.98 -24.01 21.75
C GLU C 196 -36.13 -23.98 20.49
N VAL C 197 -35.23 -23.01 20.40
CA VAL C 197 -34.41 -22.79 19.22
C VAL C 197 -32.96 -23.10 19.53
N THR C 198 -32.32 -23.88 18.66
CA THR C 198 -30.88 -24.14 18.75
C THR C 198 -30.20 -23.69 17.45
N HIS C 199 -29.08 -22.99 17.60
CA HIS C 199 -28.32 -22.47 16.47
C HIS C 199 -26.85 -22.52 16.83
N GLN C 200 -26.00 -22.61 15.80
CA GLN C 200 -24.57 -22.73 16.06
C GLN C 200 -23.98 -21.48 16.70
N GLY C 201 -24.64 -20.33 16.57
CA GLY C 201 -24.20 -19.12 17.22
C GLY C 201 -24.78 -18.90 18.60
N LEU C 202 -25.47 -19.91 19.15
CA LEU C 202 -26.07 -19.84 20.47
C LEU C 202 -25.34 -20.81 21.39
N SER C 203 -24.81 -20.29 22.50
CA SER C 203 -24.12 -21.14 23.47
C SER C 203 -25.09 -22.11 24.12
N SER C 204 -26.30 -21.65 24.42
CA SER C 204 -27.36 -22.47 25.00
C SER C 204 -28.61 -22.32 24.15
N PRO C 205 -29.49 -23.33 24.17
CA PRO C 205 -30.76 -23.19 23.43
C PRO C 205 -31.63 -22.09 24.06
N VAL C 206 -32.14 -21.22 23.21
CA VAL C 206 -33.00 -20.12 23.64
C VAL C 206 -34.45 -20.58 23.60
N THR C 207 -35.17 -20.36 24.70
CA THR C 207 -36.56 -20.79 24.83
C THR C 207 -37.43 -19.60 25.21
N LYS C 208 -38.47 -19.36 24.42
CA LYS C 208 -39.49 -18.36 24.71
C LYS C 208 -40.81 -19.06 24.95
N SER C 209 -41.59 -18.57 25.91
CA SER C 209 -42.79 -19.29 26.31
C SER C 209 -43.87 -18.32 26.78
N PHE C 210 -45.10 -18.85 26.86
CA PHE C 210 -46.22 -18.12 27.43
C PHE C 210 -47.23 -19.14 27.95
N ASN C 211 -48.09 -18.68 28.85
CA ASN C 211 -49.21 -19.47 29.36
C ASN C 211 -50.50 -18.90 28.83
N ARG C 212 -51.35 -19.76 28.25
CA ARG C 212 -52.61 -19.30 27.68
C ARG C 212 -53.49 -18.69 28.76
N GLY C 213 -53.87 -17.43 28.57
CA GLY C 213 -54.64 -16.70 29.55
C GLY C 213 -53.79 -15.63 30.22
N GLU C 214 -53.41 -14.61 29.45
CA GLU C 214 -52.59 -13.52 29.95
C GLU C 214 -52.82 -12.26 29.13
N GLU D 1 -4.63 -23.28 -8.83
CA GLU D 1 -3.20 -22.99 -8.91
C GLU D 1 -2.95 -21.50 -9.15
N ILE D 2 -2.23 -20.87 -8.22
CA ILE D 2 -1.90 -19.46 -8.33
C ILE D 2 -0.62 -19.31 -9.14
N VAL D 3 -0.65 -18.45 -10.15
CA VAL D 3 0.54 -18.11 -10.92
C VAL D 3 1.02 -16.73 -10.49
N LEU D 4 2.33 -16.60 -10.30
CA LEU D 4 2.94 -15.35 -9.87
C LEU D 4 3.70 -14.72 -11.03
N THR D 5 3.40 -13.45 -11.31
CA THR D 5 4.06 -12.70 -12.36
C THR D 5 4.91 -11.60 -11.72
N GLN D 6 6.19 -11.58 -12.05
CA GLN D 6 7.13 -10.60 -11.51
C GLN D 6 7.46 -9.58 -12.59
N SER D 7 7.53 -8.30 -12.19
CA SER D 7 7.87 -7.21 -13.08
C SER D 7 8.79 -6.24 -12.35
N PRO D 8 9.79 -5.67 -13.04
CA PRO D 8 10.08 -5.91 -14.46
C PRO D 8 10.88 -7.20 -14.66
N GLY D 9 11.23 -7.49 -15.91
CA GLY D 9 12.05 -8.65 -16.20
C GLY D 9 13.46 -8.48 -15.66
N THR D 10 14.11 -7.38 -16.07
CA THR D 10 15.44 -7.04 -15.61
C THR D 10 15.45 -5.58 -15.19
N LEU D 11 15.96 -5.31 -13.99
CA LEU D 11 16.02 -3.97 -13.44
C LEU D 11 17.48 -3.53 -13.37
N SER D 12 17.79 -2.41 -14.04
CA SER D 12 19.16 -1.90 -14.12
C SER D 12 19.26 -0.66 -13.24
N LEU D 13 19.93 -0.80 -12.09
CA LEU D 13 20.08 0.29 -11.14
C LEU D 13 21.54 0.39 -10.70
N SER D 14 21.86 1.48 -10.01
CA SER D 14 23.19 1.73 -9.49
C SER D 14 23.22 1.56 -7.98
N PRO D 15 24.37 1.22 -7.40
CA PRO D 15 24.46 1.08 -5.94
C PRO D 15 24.08 2.37 -5.24
N GLY D 16 23.20 2.26 -4.25
CA GLY D 16 22.69 3.40 -3.52
C GLY D 16 21.30 3.84 -3.97
N GLU D 17 20.80 3.31 -5.08
CA GLU D 17 19.49 3.67 -5.58
C GLU D 17 18.41 2.80 -4.93
N ARG D 18 17.15 3.19 -5.16
CA ARG D 18 16.01 2.50 -4.59
C ARG D 18 15.48 1.48 -5.58
N ALA D 19 15.22 0.26 -5.10
CA ALA D 19 14.73 -0.83 -5.93
C ALA D 19 13.35 -1.24 -5.46
N THR D 20 12.43 -1.43 -6.41
CA THR D 20 11.08 -1.87 -6.13
C THR D 20 10.71 -2.96 -7.12
N LEU D 21 10.35 -4.13 -6.60
CA LEU D 21 10.01 -5.28 -7.42
C LEU D 21 8.54 -5.62 -7.17
N SER D 22 7.84 -6.03 -8.24
CA SER D 22 6.41 -6.30 -8.17
C SER D 22 6.14 -7.80 -8.35
N CYS D 23 5.16 -8.30 -7.60
CA CYS D 23 4.70 -9.68 -7.68
C CYS D 23 3.19 -9.64 -7.77
N ARG D 24 2.64 -10.20 -8.85
CA ARG D 24 1.21 -10.14 -9.13
C ARG D 24 0.66 -11.55 -9.19
N ALA D 25 -0.35 -11.83 -8.38
CA ALA D 25 -0.93 -13.16 -8.30
C ALA D 25 -2.27 -13.20 -9.04
N SER D 26 -2.56 -14.38 -9.61
CA SER D 26 -3.82 -14.55 -10.33
C SER D 26 -4.99 -14.70 -9.38
N GLN D 27 -4.76 -15.23 -8.18
CA GLN D 27 -5.79 -15.33 -7.16
C GLN D 27 -5.27 -14.65 -5.90
N SER D 28 -6.20 -14.30 -5.01
CA SER D 28 -5.82 -13.65 -3.76
C SER D 28 -5.05 -14.63 -2.88
N VAL D 29 -3.88 -14.20 -2.42
CA VAL D 29 -3.06 -15.01 -1.53
C VAL D 29 -3.62 -14.89 -0.12
N SER D 30 -4.08 -16.00 0.44
CA SER D 30 -4.73 -15.98 1.74
C SER D 30 -3.73 -15.60 2.83
N SER D 31 -4.18 -14.74 3.74
CA SER D 31 -3.40 -14.29 4.90
C SER D 31 -2.09 -13.60 4.49
N SER D 32 -2.02 -13.09 3.27
CA SER D 32 -0.83 -12.41 2.77
C SER D 32 0.42 -13.28 2.94
N TYR D 33 0.28 -14.56 2.61
CA TYR D 33 1.38 -15.52 2.76
C TYR D 33 2.21 -15.52 1.48
N LEU D 34 3.12 -14.55 1.39
CA LEU D 34 4.02 -14.44 0.25
C LEU D 34 5.45 -14.29 0.76
N ALA D 35 6.36 -15.09 0.20
CA ALA D 35 7.76 -15.07 0.57
C ALA D 35 8.61 -14.54 -0.58
N TRP D 36 9.78 -14.01 -0.23
CA TRP D 36 10.74 -13.52 -1.20
C TRP D 36 12.08 -14.22 -1.01
N TYR D 37 12.71 -14.59 -2.13
CA TYR D 37 13.98 -15.30 -2.09
C TYR D 37 15.01 -14.57 -2.92
N GLN D 38 16.26 -14.62 -2.47
CA GLN D 38 17.40 -14.11 -3.21
C GLN D 38 18.23 -15.28 -3.71
N GLN D 39 18.68 -15.20 -4.95
CA GLN D 39 19.52 -16.25 -5.52
C GLN D 39 20.53 -15.63 -6.48
N LYS D 40 21.81 -15.91 -6.24
CA LYS D 40 22.95 -15.56 -7.06
C LYS D 40 23.36 -16.75 -7.94
N PRO D 41 23.96 -16.49 -9.10
CA PRO D 41 24.28 -17.59 -10.03
C PRO D 41 25.18 -18.63 -9.36
N GLY D 42 24.76 -19.89 -9.48
CA GLY D 42 25.50 -21.00 -8.90
C GLY D 42 25.26 -21.26 -7.43
N GLN D 43 24.48 -20.41 -6.75
CA GLN D 43 24.23 -20.54 -5.33
C GLN D 43 22.77 -20.89 -5.08
N ALA D 44 22.49 -21.31 -3.85
CA ALA D 44 21.14 -21.68 -3.44
C ALA D 44 20.32 -20.43 -3.13
N PRO D 45 18.99 -20.53 -3.23
CA PRO D 45 18.14 -19.42 -2.78
C PRO D 45 18.19 -19.28 -1.27
N ARG D 46 17.93 -18.07 -0.79
CA ARG D 46 17.84 -17.81 0.63
C ARG D 46 16.59 -16.98 0.91
N LEU D 47 16.05 -17.13 2.13
CA LEU D 47 14.83 -16.45 2.51
C LEU D 47 15.13 -15.02 2.96
N LEU D 48 14.32 -14.08 2.47
CA LEU D 48 14.42 -12.68 2.85
C LEU D 48 13.19 -12.23 3.63
N ILE D 49 12.02 -12.33 3.03
CA ILE D 49 10.77 -11.90 3.63
C ILE D 49 9.80 -13.07 3.64
N TYR D 50 9.09 -13.24 4.75
CA TYR D 50 8.01 -14.22 4.86
C TYR D 50 6.79 -13.53 5.44
N GLY D 51 5.61 -14.00 5.03
CA GLY D 51 4.39 -13.33 5.44
C GLY D 51 4.19 -11.98 4.79
N ALA D 52 4.80 -11.77 3.62
CA ALA D 52 4.67 -10.56 2.80
C ALA D 52 5.39 -9.36 3.39
N SER D 53 5.51 -9.30 4.72
CA SER D 53 6.13 -8.14 5.36
C SER D 53 7.09 -8.47 6.50
N SER D 54 6.99 -9.64 7.12
CA SER D 54 7.91 -9.99 8.19
C SER D 54 9.26 -10.37 7.60
N ARG D 55 10.33 -9.91 8.23
CA ARG D 55 11.69 -10.07 7.73
C ARG D 55 12.34 -11.30 8.35
N ALA D 56 13.08 -12.05 7.55
CA ALA D 56 13.73 -13.24 8.04
C ALA D 56 14.93 -12.90 8.92
N THR D 57 15.38 -13.90 9.67
CA THR D 57 16.49 -13.70 10.60
C THR D 57 17.78 -13.44 9.85
N GLY D 58 18.51 -12.40 10.27
CA GLY D 58 19.77 -12.07 9.66
C GLY D 58 19.68 -11.30 8.35
N ILE D 59 18.57 -10.61 8.12
CA ILE D 59 18.33 -9.88 6.88
C ILE D 59 18.44 -8.39 7.19
N PRO D 60 19.16 -7.61 6.39
CA PRO D 60 19.33 -6.18 6.68
C PRO D 60 18.01 -5.41 6.61
N ASP D 61 18.05 -4.19 7.14
CA ASP D 61 16.86 -3.35 7.21
C ASP D 61 16.47 -2.78 5.85
N ARG D 62 17.41 -2.67 4.92
CA ARG D 62 17.08 -2.09 3.61
C ARG D 62 16.05 -2.91 2.86
N PHE D 63 15.93 -4.19 3.18
CA PHE D 63 14.89 -5.03 2.58
C PHE D 63 13.56 -4.79 3.28
N SER D 64 12.50 -4.62 2.50
CA SER D 64 11.19 -4.31 3.05
C SER D 64 10.12 -4.95 2.18
N GLY D 65 9.10 -5.49 2.83
CA GLY D 65 8.00 -6.14 2.14
C GLY D 65 6.67 -5.45 2.43
N SER D 66 5.79 -5.47 1.43
CA SER D 66 4.47 -4.88 1.56
C SER D 66 3.56 -5.54 0.54
N GLY D 67 2.27 -5.24 0.65
CA GLY D 67 1.29 -5.75 -0.29
C GLY D 67 0.33 -6.72 0.38
N SER D 68 -0.78 -6.97 -0.31
CA SER D 68 -1.81 -7.88 0.15
C SER D 68 -2.75 -8.17 -1.02
N GLY D 69 -3.47 -9.29 -0.92
CA GLY D 69 -4.40 -9.67 -1.95
C GLY D 69 -3.75 -10.25 -3.18
N THR D 70 -3.60 -9.44 -4.23
CA THR D 70 -3.03 -9.89 -5.48
C THR D 70 -1.74 -9.18 -5.89
N ASP D 71 -1.46 -8.00 -5.34
CA ASP D 71 -0.28 -7.24 -5.69
C ASP D 71 0.63 -7.13 -4.47
N PHE D 72 1.92 -7.40 -4.67
CA PHE D 72 2.92 -7.33 -3.61
C PHE D 72 4.14 -6.57 -4.11
N THR D 73 5.00 -6.17 -3.18
CA THR D 73 6.14 -5.33 -3.49
C THR D 73 7.29 -5.64 -2.54
N LEU D 74 8.46 -5.89 -3.10
CA LEU D 74 9.71 -5.96 -2.35
C LEU D 74 10.51 -4.70 -2.64
N THR D 75 11.02 -4.07 -1.58
CA THR D 75 11.70 -2.78 -1.71
C THR D 75 13.06 -2.82 -1.03
N ILE D 76 14.10 -2.43 -1.77
CA ILE D 76 15.44 -2.23 -1.22
C ILE D 76 15.71 -0.75 -1.23
N SER D 77 15.84 -0.16 -0.03
CA SER D 77 15.92 1.29 0.09
C SER D 77 17.21 1.82 -0.55
N ARG D 78 18.35 1.25 -0.17
CA ARG D 78 19.65 1.66 -0.73
C ARG D 78 20.36 0.40 -1.20
N LEU D 79 20.55 0.29 -2.51
CA LEU D 79 21.11 -0.92 -3.09
C LEU D 79 22.59 -1.05 -2.76
N GLU D 80 22.98 -2.22 -2.25
CA GLU D 80 24.35 -2.54 -1.90
C GLU D 80 24.95 -3.43 -2.98
N PRO D 81 26.29 -3.47 -3.08
CA PRO D 81 26.92 -4.29 -4.13
C PRO D 81 26.55 -5.77 -4.06
N GLU D 82 26.29 -6.30 -2.87
CA GLU D 82 25.93 -7.70 -2.71
C GLU D 82 24.44 -7.96 -2.85
N ASP D 83 23.66 -6.96 -3.30
CA ASP D 83 22.23 -7.11 -3.45
C ASP D 83 21.80 -7.37 -4.88
N PHE D 84 22.75 -7.43 -5.81
CA PHE D 84 22.45 -7.66 -7.22
C PHE D 84 22.40 -9.17 -7.47
N ALA D 85 21.21 -9.67 -7.73
CA ALA D 85 20.96 -11.09 -7.92
C ALA D 85 19.55 -11.24 -8.51
N VAL D 86 19.08 -12.47 -8.59
CA VAL D 86 17.71 -12.76 -9.00
C VAL D 86 16.85 -12.90 -7.74
N TYR D 87 15.66 -12.30 -7.77
CA TYR D 87 14.72 -12.34 -6.65
C TYR D 87 13.44 -13.04 -7.10
N TYR D 88 13.05 -14.08 -6.36
CA TYR D 88 11.82 -14.81 -6.61
C TYR D 88 10.81 -14.51 -5.52
N CYS D 89 9.54 -14.43 -5.90
CA CYS D 89 8.44 -14.36 -4.95
C CYS D 89 7.67 -15.68 -4.98
N GLN D 90 7.26 -16.14 -3.80
CA GLN D 90 6.56 -17.40 -3.66
C GLN D 90 5.35 -17.21 -2.77
N GLN D 91 4.23 -17.81 -3.17
CA GLN D 91 3.00 -17.78 -2.38
C GLN D 91 2.79 -19.14 -1.74
N TYR D 92 2.30 -19.15 -0.50
CA TYR D 92 1.96 -20.38 0.21
C TYR D 92 0.58 -20.25 0.82
N GLY D 93 -0.40 -19.95 -0.03
CA GLY D 93 -1.79 -19.87 0.36
C GLY D 93 -2.67 -20.82 -0.43
N SER D 94 -2.04 -21.72 -1.19
CA SER D 94 -2.76 -22.72 -1.97
C SER D 94 -2.06 -24.07 -1.82
N SER D 95 -2.72 -25.12 -2.28
CA SER D 95 -2.21 -26.47 -2.05
C SER D 95 -0.82 -26.70 -2.64
N PRO D 96 -0.51 -26.32 -3.88
CA PRO D 96 0.87 -26.39 -4.34
C PRO D 96 1.55 -25.04 -4.22
N PRO D 97 2.65 -24.95 -3.48
CA PRO D 97 3.42 -23.70 -3.44
C PRO D 97 4.01 -23.41 -4.82
N THR D 98 3.89 -22.16 -5.24
CA THR D 98 4.28 -21.75 -6.58
C THR D 98 5.18 -20.53 -6.52
N PHE D 99 6.13 -20.49 -7.45
CA PHE D 99 7.12 -19.41 -7.57
C PHE D 99 6.83 -18.55 -8.79
N GLY D 100 7.37 -17.33 -8.75
CA GLY D 100 7.38 -16.47 -9.91
C GLY D 100 8.53 -16.84 -10.84
N GLN D 101 8.57 -16.14 -11.98
CA GLN D 101 9.65 -16.37 -12.93
C GLN D 101 10.95 -15.69 -12.54
N GLY D 102 10.92 -14.77 -11.57
CA GLY D 102 12.13 -14.14 -11.09
C GLY D 102 12.45 -12.79 -11.72
N THR D 103 12.83 -11.82 -10.89
CA THR D 103 13.28 -10.51 -11.34
C THR D 103 14.77 -10.38 -11.06
N LYS D 104 15.53 -9.97 -12.07
CA LYS D 104 16.97 -9.80 -11.94
C LYS D 104 17.31 -8.31 -11.80
N VAL D 105 17.96 -7.96 -10.70
CA VAL D 105 18.51 -6.62 -10.52
C VAL D 105 19.98 -6.64 -10.93
N GLU D 106 20.34 -5.74 -11.85
CA GLU D 106 21.64 -5.76 -12.50
C GLU D 106 22.38 -4.46 -12.20
N ILE D 107 23.69 -4.56 -12.02
CA ILE D 107 24.51 -3.36 -11.80
C ILE D 107 24.48 -2.52 -13.06
N LYS D 108 24.20 -1.22 -12.90
CA LYS D 108 24.22 -0.29 -14.01
C LYS D 108 25.56 0.42 -14.07
N ARG D 109 26.16 0.42 -15.25
CA ARG D 109 27.42 1.13 -15.51
C ARG D 109 27.27 1.90 -16.81
N THR D 110 28.33 2.61 -17.19
CA THR D 110 28.31 3.35 -18.43
C THR D 110 28.35 2.39 -19.62
N VAL D 111 27.83 2.85 -20.75
CA VAL D 111 27.72 2.01 -21.94
C VAL D 111 29.11 1.70 -22.49
N ALA D 112 29.36 0.43 -22.79
CA ALA D 112 30.60 -0.02 -23.40
C ALA D 112 30.26 -0.84 -24.63
N ALA D 113 30.83 -0.47 -25.76
CA ALA D 113 30.57 -1.20 -26.99
C ALA D 113 31.36 -2.51 -27.03
N PRO D 114 30.81 -3.55 -27.63
CA PRO D 114 31.52 -4.83 -27.71
C PRO D 114 32.66 -4.79 -28.72
N SER D 115 33.78 -5.42 -28.35
CA SER D 115 34.86 -5.68 -29.29
C SER D 115 34.60 -7.03 -29.95
N VAL D 116 34.53 -7.02 -31.28
CA VAL D 116 34.09 -8.19 -32.04
C VAL D 116 35.31 -8.90 -32.60
N PHE D 117 35.35 -10.22 -32.41
CA PHE D 117 36.37 -11.09 -32.98
C PHE D 117 35.69 -12.28 -33.62
N ILE D 118 36.24 -12.75 -34.74
CA ILE D 118 35.74 -13.94 -35.42
C ILE D 118 36.88 -14.93 -35.57
N PHE D 119 36.57 -16.21 -35.42
CA PHE D 119 37.57 -17.27 -35.44
C PHE D 119 37.14 -18.32 -36.45
N PRO D 120 37.98 -18.64 -37.45
CA PRO D 120 37.64 -19.71 -38.39
C PRO D 120 37.78 -21.05 -37.71
N PRO D 121 37.13 -22.09 -38.24
CA PRO D 121 37.32 -23.43 -37.67
C PRO D 121 38.74 -23.92 -37.92
N SER D 122 39.32 -24.56 -36.92
CA SER D 122 40.68 -25.05 -37.04
C SER D 122 40.75 -26.19 -38.06
N ASP D 123 41.96 -26.41 -38.58
CA ASP D 123 42.15 -27.48 -39.54
C ASP D 123 41.92 -28.85 -38.91
N GLU D 124 42.23 -29.00 -37.61
CA GLU D 124 42.03 -30.28 -36.95
C GLU D 124 40.55 -30.63 -36.84
N GLN D 125 39.71 -29.64 -36.53
CA GLN D 125 38.28 -29.90 -36.46
C GLN D 125 37.70 -30.20 -37.84
N LEU D 126 38.24 -29.56 -38.89
CA LEU D 126 37.73 -29.80 -40.23
C LEU D 126 37.94 -31.23 -40.69
N LYS D 127 38.88 -31.96 -40.07
CA LYS D 127 39.08 -33.36 -40.42
C LYS D 127 38.04 -34.27 -39.80
N SER D 128 37.29 -33.80 -38.80
CA SER D 128 36.32 -34.62 -38.10
C SER D 128 34.95 -34.63 -38.77
N GLY D 129 34.69 -33.70 -39.71
CA GLY D 129 33.44 -33.66 -40.42
C GLY D 129 32.49 -32.55 -40.00
N THR D 130 32.91 -31.67 -39.09
CA THR D 130 32.09 -30.55 -38.66
C THR D 130 32.93 -29.28 -38.61
N ALA D 131 32.28 -28.14 -38.77
CA ALA D 131 32.93 -26.84 -38.73
C ALA D 131 32.24 -25.97 -37.70
N SER D 132 33.02 -25.33 -36.84
CA SER D 132 32.51 -24.44 -35.81
C SER D 132 33.13 -23.06 -36.02
N VAL D 133 32.30 -22.09 -36.37
CA VAL D 133 32.71 -20.70 -36.54
C VAL D 133 32.29 -19.93 -35.30
N VAL D 134 33.25 -19.26 -34.66
CA VAL D 134 33.02 -18.61 -33.38
C VAL D 134 33.12 -17.10 -33.56
N CYS D 135 32.07 -16.38 -33.19
CA CYS D 135 32.04 -14.93 -33.14
C CYS D 135 32.05 -14.51 -31.68
N LEU D 136 32.93 -13.57 -31.33
CA LEU D 136 33.15 -13.19 -29.94
C LEU D 136 32.81 -11.71 -29.73
N LEU D 137 31.87 -11.46 -28.82
CA LEU D 137 31.56 -10.11 -28.35
C LEU D 137 32.13 -9.99 -26.94
N ASN D 138 33.00 -9.01 -26.74
CA ASN D 138 33.81 -8.94 -25.54
C ASN D 138 33.59 -7.62 -24.83
N ASN D 139 33.22 -7.70 -23.54
CA ASN D 139 33.18 -6.56 -22.63
C ASN D 139 32.25 -5.45 -23.14
N PHE D 140 30.96 -5.76 -23.11
CA PHE D 140 29.95 -4.80 -23.54
C PHE D 140 28.88 -4.63 -22.48
N TYR D 141 28.27 -3.44 -22.49
CA TYR D 141 27.15 -3.10 -21.64
C TYR D 141 26.38 -2.02 -22.40
N PRO D 142 25.04 -2.06 -22.39
CA PRO D 142 24.17 -3.04 -21.73
C PRO D 142 24.13 -4.43 -22.38
N ARG D 143 23.30 -5.29 -21.81
CA ARG D 143 23.28 -6.70 -22.19
C ARG D 143 22.69 -6.93 -23.58
N GLU D 144 21.71 -6.13 -23.98
CA GLU D 144 21.00 -6.37 -25.23
C GLU D 144 21.94 -6.21 -26.43
N ALA D 145 22.01 -7.24 -27.26
CA ALA D 145 22.84 -7.22 -28.47
C ALA D 145 22.29 -8.23 -29.46
N LYS D 146 22.61 -8.01 -30.73
CA LYS D 146 22.19 -8.87 -31.82
C LYS D 146 23.40 -9.38 -32.58
N VAL D 147 23.38 -10.68 -32.91
CA VAL D 147 24.44 -11.33 -33.66
C VAL D 147 23.79 -12.08 -34.81
N GLN D 148 24.02 -11.61 -36.03
CA GLN D 148 23.50 -12.26 -37.23
C GLN D 148 24.64 -12.88 -38.01
N TRP D 149 24.47 -14.14 -38.41
CA TRP D 149 25.47 -14.83 -39.21
C TRP D 149 25.15 -14.69 -40.70
N LYS D 150 26.19 -14.57 -41.51
CA LYS D 150 26.05 -14.45 -42.95
C LYS D 150 27.07 -15.37 -43.62
N VAL D 151 26.59 -16.40 -44.30
CA VAL D 151 27.43 -17.31 -45.06
C VAL D 151 27.20 -17.01 -46.53
N ASP D 152 28.22 -16.44 -47.19
CA ASP D 152 28.09 -15.93 -48.56
C ASP D 152 26.98 -14.87 -48.64
N ASN D 153 26.93 -14.01 -47.63
CA ASN D 153 25.95 -12.93 -47.55
C ASN D 153 24.52 -13.45 -47.51
N ALA D 154 24.32 -14.63 -46.93
CA ALA D 154 23.01 -15.23 -46.75
C ALA D 154 22.70 -15.34 -45.26
N LEU D 155 21.52 -14.90 -44.86
CA LEU D 155 21.15 -14.85 -43.46
C LEU D 155 20.91 -16.27 -42.92
N GLN D 156 21.74 -16.70 -41.99
CA GLN D 156 21.63 -18.01 -41.38
C GLN D 156 20.70 -17.98 -40.17
N SER D 157 20.06 -19.11 -39.90
CA SER D 157 19.15 -19.21 -38.77
C SER D 157 18.95 -20.68 -38.42
N GLY D 158 18.90 -20.96 -37.11
CA GLY D 158 18.66 -22.29 -36.62
C GLY D 158 19.89 -23.15 -36.43
N ASN D 159 21.07 -22.64 -36.74
CA ASN D 159 22.31 -23.40 -36.66
C ASN D 159 23.37 -22.65 -35.86
N SER D 160 22.96 -21.87 -34.86
CA SER D 160 23.89 -21.14 -34.02
C SER D 160 23.39 -21.16 -32.58
N GLN D 161 24.34 -21.10 -31.64
CA GLN D 161 24.05 -21.04 -30.22
C GLN D 161 24.83 -19.89 -29.60
N GLU D 162 24.19 -19.18 -28.69
CA GLU D 162 24.81 -18.06 -27.98
C GLU D 162 25.01 -18.43 -26.52
N SER D 163 26.20 -18.13 -26.00
CA SER D 163 26.48 -18.25 -24.58
C SER D 163 26.94 -16.89 -24.06
N VAL D 164 26.46 -16.51 -22.88
CA VAL D 164 26.77 -15.21 -22.30
C VAL D 164 27.28 -15.41 -20.88
N THR D 165 28.30 -14.64 -20.51
CA THR D 165 28.83 -14.69 -19.16
C THR D 165 27.94 -13.91 -18.21
N GLU D 166 28.15 -14.14 -16.92
CA GLU D 166 27.53 -13.29 -15.92
C GLU D 166 28.19 -11.91 -15.93
N GLN D 167 27.53 -10.96 -15.30
CA GLN D 167 28.09 -9.61 -15.22
C GLN D 167 29.41 -9.66 -14.47
N ASP D 168 30.48 -9.22 -15.13
CA ASP D 168 31.82 -9.34 -14.57
C ASP D 168 31.91 -8.62 -13.23
N SER D 169 32.62 -9.24 -12.28
CA SER D 169 32.72 -8.69 -10.93
C SER D 169 33.62 -7.47 -10.86
N LYS D 170 34.46 -7.25 -11.87
CA LYS D 170 35.41 -6.15 -11.85
C LYS D 170 34.90 -4.91 -12.57
N ASP D 171 34.42 -5.06 -13.81
CA ASP D 171 33.97 -3.93 -14.60
C ASP D 171 32.50 -4.02 -15.00
N SER D 172 31.75 -4.99 -14.47
CA SER D 172 30.31 -5.09 -14.66
C SER D 172 29.92 -5.22 -16.13
N THR D 173 30.78 -5.86 -16.92
CA THR D 173 30.51 -6.01 -18.34
C THR D 173 29.95 -7.39 -18.66
N TYR D 174 29.62 -7.60 -19.93
CA TYR D 174 29.15 -8.87 -20.43
C TYR D 174 30.05 -9.30 -21.59
N SER D 175 30.12 -10.62 -21.78
CA SER D 175 30.78 -11.19 -22.95
C SER D 175 29.87 -12.25 -23.54
N LEU D 176 29.84 -12.30 -24.87
CA LEU D 176 28.94 -13.20 -25.59
C LEU D 176 29.71 -13.88 -26.70
N SER D 177 29.33 -15.13 -26.98
CA SER D 177 29.97 -15.92 -28.02
C SER D 177 28.90 -16.62 -28.84
N SER D 178 28.89 -16.34 -30.14
CA SER D 178 27.97 -17.01 -31.07
C SER D 178 28.75 -18.05 -31.85
N THR D 179 28.28 -19.30 -31.79
CA THR D 179 28.96 -20.42 -32.43
C THR D 179 28.07 -21.00 -33.51
N LEU D 180 28.50 -20.86 -34.77
CA LEU D 180 27.77 -21.41 -35.91
C LEU D 180 28.35 -22.79 -36.24
N THR D 181 27.51 -23.82 -36.14
CA THR D 181 27.93 -25.21 -36.35
C THR D 181 27.45 -25.67 -37.71
N LEU D 182 28.40 -26.02 -38.58
CA LEU D 182 28.10 -26.55 -39.91
C LEU D 182 28.81 -27.87 -40.12
N SER D 183 28.30 -28.65 -41.06
CA SER D 183 28.98 -29.85 -41.49
C SER D 183 30.11 -29.49 -42.45
N LYS D 184 31.07 -30.40 -42.59
CA LYS D 184 32.20 -30.14 -43.49
C LYS D 184 31.73 -29.94 -44.93
N ALA D 185 30.66 -30.63 -45.34
CA ALA D 185 30.12 -30.45 -46.68
C ALA D 185 29.59 -29.04 -46.88
N ASP D 186 28.73 -28.57 -45.97
CA ASP D 186 28.17 -27.24 -46.11
C ASP D 186 29.23 -26.15 -45.93
N TYR D 187 30.26 -26.42 -45.14
CA TYR D 187 31.28 -25.39 -44.90
C TYR D 187 32.15 -25.14 -46.12
N GLU D 188 32.41 -26.17 -46.91
CA GLU D 188 33.28 -26.04 -48.08
C GLU D 188 32.52 -25.63 -49.34
N LYS D 189 31.20 -25.43 -49.25
CA LYS D 189 30.44 -24.92 -50.38
C LYS D 189 30.53 -23.41 -50.52
N HIS D 190 30.90 -22.70 -49.46
CA HIS D 190 30.90 -21.25 -49.45
C HIS D 190 32.27 -20.74 -49.06
N LYS D 191 32.48 -19.43 -49.24
CA LYS D 191 33.77 -18.79 -49.00
C LYS D 191 33.71 -17.72 -47.94
N VAL D 192 32.74 -16.81 -47.99
CA VAL D 192 32.70 -15.65 -47.12
C VAL D 192 31.85 -15.99 -45.89
N TYR D 193 32.47 -15.90 -44.71
CA TYR D 193 31.79 -16.10 -43.43
C TYR D 193 31.93 -14.82 -42.62
N ALA D 194 30.81 -14.35 -42.07
CA ALA D 194 30.82 -13.07 -41.37
C ALA D 194 29.72 -13.05 -40.32
N CYS D 195 30.02 -12.43 -39.18
CA CYS D 195 29.03 -12.13 -38.16
C CYS D 195 28.89 -10.62 -38.03
N GLU D 196 27.66 -10.14 -38.03
CA GLU D 196 27.33 -8.72 -37.97
C GLU D 196 26.73 -8.44 -36.60
N VAL D 197 27.34 -7.52 -35.85
CA VAL D 197 26.96 -7.23 -34.47
C VAL D 197 26.37 -5.82 -34.41
N THR D 198 25.22 -5.70 -33.77
CA THR D 198 24.58 -4.42 -33.50
C THR D 198 24.43 -4.26 -31.99
N HIS D 199 24.75 -3.07 -31.50
CA HIS D 199 24.68 -2.78 -30.08
C HIS D 199 24.24 -1.33 -29.93
N GLN D 200 23.60 -1.03 -28.80
CA GLN D 200 23.09 0.33 -28.61
C GLN D 200 24.21 1.35 -28.51
N GLY D 201 25.42 0.93 -28.16
CA GLY D 201 26.58 1.79 -28.11
C GLY D 201 27.40 1.86 -29.38
N LEU D 202 26.94 1.27 -30.48
CA LEU D 202 27.62 1.30 -31.76
C LEU D 202 26.80 2.10 -32.75
N SER D 203 27.42 3.13 -33.34
CA SER D 203 26.72 3.95 -34.33
C SER D 203 26.38 3.14 -35.58
N SER D 204 27.27 2.26 -36.00
CA SER D 204 27.05 1.39 -37.13
C SER D 204 27.28 -0.06 -36.72
N PRO D 205 26.66 -1.01 -37.41
CA PRO D 205 26.92 -2.42 -37.12
C PRO D 205 28.36 -2.79 -37.44
N VAL D 206 29.01 -3.48 -36.51
CA VAL D 206 30.38 -3.93 -36.69
C VAL D 206 30.35 -5.32 -37.30
N THR D 207 31.08 -5.51 -38.39
CA THR D 207 31.10 -6.78 -39.10
C THR D 207 32.53 -7.28 -39.24
N LYS D 208 32.78 -8.51 -38.81
CA LYS D 208 34.05 -9.18 -38.99
C LYS D 208 33.84 -10.38 -39.90
N SER D 209 34.82 -10.64 -40.78
CA SER D 209 34.64 -11.65 -41.80
C SER D 209 35.98 -12.27 -42.15
N PHE D 210 35.91 -13.41 -42.83
CA PHE D 210 37.09 -14.07 -43.37
C PHE D 210 36.67 -14.88 -44.59
N ASN D 211 37.65 -15.23 -45.42
CA ASN D 211 37.42 -16.09 -46.57
C ASN D 211 38.08 -17.44 -46.31
N ARG D 212 37.30 -18.51 -46.53
CA ARG D 212 37.81 -19.86 -46.30
C ARG D 212 38.99 -20.15 -47.20
N GLY D 213 40.15 -20.41 -46.59
CA GLY D 213 41.37 -20.65 -47.35
C GLY D 213 42.38 -19.52 -47.28
N GLN E 1 12.21 43.84 -14.17
CA GLN E 1 11.20 44.31 -13.24
C GLN E 1 10.05 43.32 -13.18
N VAL E 2 10.33 42.14 -12.63
CA VAL E 2 9.34 41.07 -12.52
C VAL E 2 8.55 41.27 -11.24
N GLN E 3 7.27 41.61 -11.36
CA GLN E 3 6.42 41.79 -10.20
C GLN E 3 5.16 40.95 -10.34
N LEU E 4 4.74 40.34 -9.23
CA LEU E 4 3.52 39.56 -9.14
C LEU E 4 2.67 40.14 -8.02
N VAL E 5 1.41 40.45 -8.32
CA VAL E 5 0.53 41.14 -7.39
C VAL E 5 -0.68 40.26 -7.09
N GLU E 6 -0.82 39.87 -5.82
CA GLU E 6 -1.94 39.07 -5.38
C GLU E 6 -3.11 39.96 -4.95
N SER E 7 -4.31 39.39 -4.99
CA SER E 7 -5.50 40.08 -4.52
C SER E 7 -6.58 39.03 -4.26
N GLY E 8 -7.65 39.47 -3.60
CA GLY E 8 -8.79 38.62 -3.33
C GLY E 8 -8.86 38.04 -1.94
N GLY E 9 -7.81 38.19 -1.13
CA GLY E 9 -7.83 37.65 0.21
C GLY E 9 -8.77 38.41 1.12
N GLY E 10 -9.12 37.78 2.23
CA GLY E 10 -10.02 38.37 3.20
C GLY E 10 -10.53 37.32 4.16
N VAL E 11 -11.62 37.66 4.84
CA VAL E 11 -12.27 36.76 5.80
C VAL E 11 -13.34 35.97 5.08
N VAL E 12 -13.38 34.66 5.33
CA VAL E 12 -14.36 33.77 4.72
C VAL E 12 -14.80 32.74 5.75
N GLN E 13 -16.11 32.49 5.82
CA GLN E 13 -16.61 31.53 6.79
C GLN E 13 -16.33 30.10 6.32
N PRO E 14 -16.14 29.17 7.26
CA PRO E 14 -15.82 27.79 6.87
C PRO E 14 -16.92 27.15 6.04
N GLY E 15 -16.52 26.51 4.93
CA GLY E 15 -17.43 25.85 4.02
C GLY E 15 -17.77 26.63 2.78
N ARG E 16 -17.58 27.95 2.79
CA ARG E 16 -17.88 28.77 1.61
C ARG E 16 -16.64 28.90 0.74
N SER E 17 -16.75 29.68 -0.33
CA SER E 17 -15.70 29.76 -1.34
C SER E 17 -15.12 31.17 -1.40
N LEU E 18 -13.94 31.25 -2.01
CA LEU E 18 -13.22 32.51 -2.20
C LEU E 18 -12.24 32.33 -3.36
N ARG E 19 -12.12 33.35 -4.20
CA ARG E 19 -11.30 33.30 -5.40
C ARG E 19 -10.18 34.31 -5.30
N LEU E 20 -8.94 33.84 -5.46
CA LEU E 20 -7.75 34.68 -5.43
C LEU E 20 -7.29 34.99 -6.85
N SER E 21 -6.56 36.09 -6.99
CA SER E 21 -6.04 36.53 -8.28
C SER E 21 -4.56 36.88 -8.14
N CYS E 22 -3.85 36.81 -9.26
CA CYS E 22 -2.42 37.14 -9.30
C CYS E 22 -2.15 37.76 -10.66
N GLU E 23 -2.05 39.09 -10.68
CA GLU E 23 -1.82 39.84 -11.91
C GLU E 23 -0.31 40.04 -12.09
N ALA E 24 0.22 39.55 -13.20
CA ALA E 24 1.64 39.59 -13.47
C ALA E 24 1.98 40.69 -14.48
N SER E 25 3.25 41.09 -14.47
CA SER E 25 3.75 42.08 -15.41
C SER E 25 5.27 42.05 -15.36
N GLY E 26 5.89 42.74 -16.33
CA GLY E 26 7.33 42.82 -16.40
C GLY E 26 8.02 41.67 -17.10
N PHE E 27 7.28 40.65 -17.51
CA PHE E 27 7.87 39.51 -18.21
C PHE E 27 6.79 38.87 -19.07
N THR E 28 7.22 37.97 -19.96
CA THR E 28 6.29 37.27 -20.84
C THR E 28 5.55 36.21 -20.02
N PHE E 29 4.32 36.53 -19.63
CA PHE E 29 3.56 35.68 -18.72
C PHE E 29 3.24 34.32 -19.33
N SER E 30 3.08 34.26 -20.65
CA SER E 30 2.66 33.03 -21.31
C SER E 30 3.78 32.01 -21.47
N SER E 31 5.02 32.35 -21.12
CA SER E 31 6.15 31.45 -21.28
C SER E 31 6.61 30.80 -19.97
N TYR E 32 5.91 31.07 -18.86
CA TYR E 32 6.31 30.55 -17.56
C TYR E 32 5.11 29.96 -16.85
N GLY E 33 5.34 28.82 -16.17
CA GLY E 33 4.34 28.30 -15.28
C GLY E 33 4.38 28.99 -13.93
N ILE E 34 3.23 29.05 -13.28
CA ILE E 34 3.08 29.79 -12.02
C ILE E 34 2.58 28.83 -10.95
N HIS E 35 3.08 28.99 -9.73
CA HIS E 35 2.68 28.18 -8.60
C HIS E 35 1.86 29.01 -7.62
N TRP E 36 1.28 28.32 -6.64
CA TRP E 36 0.74 28.92 -5.44
C TRP E 36 1.41 28.25 -4.24
N VAL E 37 1.96 29.04 -3.34
CA VAL E 37 2.60 28.55 -2.13
C VAL E 37 2.03 29.32 -0.96
N ARG E 38 1.65 28.62 0.10
CA ARG E 38 1.04 29.25 1.26
C ARG E 38 1.88 29.03 2.51
N GLN E 39 1.68 29.92 3.48
CA GLN E 39 2.44 29.91 4.72
C GLN E 39 1.48 30.22 5.86
N ALA E 40 1.18 29.21 6.68
CA ALA E 40 0.28 29.40 7.80
C ALA E 40 0.91 30.31 8.83
N PRO E 41 0.10 30.99 9.66
CA PRO E 41 0.66 31.90 10.67
C PRO E 41 1.62 31.17 11.60
N GLY E 42 2.86 31.66 11.64
CA GLY E 42 3.89 31.08 12.47
C GLY E 42 4.44 29.75 11.98
N LYS E 43 3.94 29.22 10.87
CA LYS E 43 4.32 27.91 10.38
C LYS E 43 5.30 28.06 9.23
N GLY E 44 5.53 26.97 8.50
CA GLY E 44 6.43 26.97 7.37
C GLY E 44 5.69 27.08 6.04
N LEU E 45 6.46 26.94 4.97
CA LEU E 45 5.95 27.07 3.62
C LEU E 45 5.42 25.73 3.12
N GLU E 46 4.33 25.78 2.35
CA GLU E 46 3.72 24.58 1.79
C GLU E 46 3.27 24.87 0.37
N TRP E 47 3.70 24.01 -0.56
CA TRP E 47 3.29 24.16 -1.94
C TRP E 47 1.82 23.77 -2.11
N VAL E 48 1.12 24.50 -2.96
CA VAL E 48 -0.31 24.32 -3.15
C VAL E 48 -0.58 23.76 -4.53
N ALA E 49 -0.33 24.57 -5.56
CA ALA E 49 -0.70 24.20 -6.92
C ALA E 49 0.37 24.66 -7.90
N VAL E 50 0.25 24.15 -9.12
CA VAL E 50 1.10 24.53 -10.24
C VAL E 50 0.26 24.42 -11.50
N ILE E 51 0.53 25.29 -12.47
CA ILE E 51 -0.16 25.26 -13.75
C ILE E 51 0.87 25.49 -14.84
N TRP E 52 0.72 24.75 -15.95
CA TRP E 52 1.65 24.84 -17.06
C TRP E 52 1.60 26.21 -17.70
N TYR E 53 2.58 26.48 -18.58
CA TYR E 53 2.61 27.77 -19.27
C TYR E 53 1.41 27.94 -20.17
N ASP E 54 0.97 26.86 -20.82
CA ASP E 54 -0.18 26.88 -21.71
C ASP E 54 -1.47 26.41 -21.05
N GLY E 55 -1.44 26.14 -19.75
CA GLY E 55 -2.62 25.68 -19.05
C GLY E 55 -2.98 24.23 -19.27
N SER E 56 -2.08 23.43 -19.84
CA SER E 56 -2.42 22.05 -20.17
C SER E 56 -2.53 21.21 -18.90
N ASN E 57 -1.50 21.22 -18.06
CA ASN E 57 -1.47 20.41 -16.85
C ASN E 57 -1.60 21.27 -15.61
N LYS E 58 -2.31 20.76 -14.60
CA LYS E 58 -2.53 21.46 -13.34
C LYS E 58 -2.42 20.43 -12.22
N TYR E 59 -1.36 20.54 -11.42
CA TYR E 59 -1.14 19.61 -10.30
C TYR E 59 -1.28 20.33 -8.96
N TYR E 60 -1.79 19.61 -7.98
CA TYR E 60 -2.09 20.15 -6.67
C TYR E 60 -1.41 19.32 -5.58
N ALA E 61 -1.51 19.81 -4.36
CA ALA E 61 -1.04 19.08 -3.18
C ALA E 61 -2.21 18.36 -2.54
N ASP E 62 -1.91 17.24 -1.89
CA ASP E 62 -2.96 16.40 -1.31
C ASP E 62 -3.78 17.14 -0.26
N SER E 63 -3.18 18.13 0.40
CA SER E 63 -3.91 18.89 1.41
C SER E 63 -5.06 19.69 0.81
N VAL E 64 -5.02 19.97 -0.49
CA VAL E 64 -6.02 20.82 -1.13
C VAL E 64 -6.65 20.10 -2.31
N LYS E 65 -6.34 18.82 -2.48
CA LYS E 65 -6.83 18.08 -3.63
C LYS E 65 -8.35 17.97 -3.60
N GLY E 66 -8.98 18.18 -4.75
CA GLY E 66 -10.42 18.11 -4.87
C GLY E 66 -11.16 19.31 -4.33
N ARG E 67 -10.46 20.30 -3.78
CA ARG E 67 -11.10 21.50 -3.25
C ARG E 67 -10.65 22.77 -3.93
N PHE E 68 -9.38 22.86 -4.32
CA PHE E 68 -8.84 24.04 -4.98
C PHE E 68 -8.72 23.80 -6.48
N THR E 69 -8.91 24.87 -7.25
CA THR E 69 -8.84 24.81 -8.71
C THR E 69 -8.00 25.97 -9.20
N ILE E 70 -6.89 25.67 -9.87
CA ILE E 70 -5.98 26.68 -10.40
C ILE E 70 -6.27 26.85 -11.89
N SER E 71 -6.34 28.11 -12.33
CA SER E 71 -6.59 28.43 -13.72
C SER E 71 -5.88 29.72 -14.04
N ARG E 72 -5.71 29.99 -15.34
CA ARG E 72 -5.00 31.18 -15.79
C ARG E 72 -5.70 31.75 -17.02
N ASP E 73 -5.32 32.98 -17.36
CA ASP E 73 -5.86 33.67 -18.53
C ASP E 73 -4.72 34.52 -19.10
N ASN E 74 -4.03 33.98 -20.10
CA ASN E 74 -2.82 34.62 -20.62
C ASN E 74 -3.10 35.95 -21.31
N SER E 75 -4.35 36.20 -21.72
CA SER E 75 -4.66 37.47 -22.37
C SER E 75 -4.66 38.63 -21.37
N LYS E 76 -5.03 38.37 -20.12
CA LYS E 76 -5.09 39.39 -19.08
C LYS E 76 -3.88 39.35 -18.15
N ASN E 77 -2.93 38.44 -18.38
CA ASN E 77 -1.76 38.28 -17.52
C ASN E 77 -2.19 38.09 -16.07
N THR E 78 -3.06 37.10 -15.86
CA THR E 78 -3.67 36.90 -14.56
C THR E 78 -3.79 35.42 -14.24
N LEU E 79 -3.45 35.07 -13.01
CA LEU E 79 -3.61 33.72 -12.49
C LEU E 79 -4.72 33.71 -11.45
N TYR E 80 -5.40 32.57 -11.35
CA TYR E 80 -6.51 32.42 -10.42
C TYR E 80 -6.32 31.20 -9.54
N LEU E 81 -6.98 31.21 -8.39
CA LEU E 81 -7.02 30.06 -7.48
C LEU E 81 -8.42 30.04 -6.86
N GLN E 82 -9.27 29.15 -7.35
CA GLN E 82 -10.62 28.99 -6.83
C GLN E 82 -10.58 28.04 -5.64
N MET E 83 -10.87 28.58 -4.45
CA MET E 83 -10.83 27.80 -3.22
C MET E 83 -12.26 27.50 -2.79
N ASN E 84 -12.62 26.22 -2.78
CA ASN E 84 -13.97 25.78 -2.44
C ASN E 84 -13.94 24.94 -1.17
N SER E 85 -15.05 24.97 -0.43
CA SER E 85 -15.21 24.24 0.83
C SER E 85 -14.02 24.48 1.76
N LEU E 86 -13.86 25.75 2.13
CA LEU E 86 -12.71 26.15 2.91
C LEU E 86 -12.83 25.70 4.36
N ARG E 87 -11.71 25.31 4.94
CA ARG E 87 -11.61 24.87 6.32
C ARG E 87 -10.65 25.78 7.09
N ALA E 88 -10.64 25.61 8.41
CA ALA E 88 -9.84 26.49 9.26
C ALA E 88 -8.34 26.34 8.98
N GLU E 89 -7.89 25.12 8.67
CA GLU E 89 -6.48 24.88 8.42
C GLU E 89 -5.98 25.52 7.14
N ASP E 90 -6.86 26.08 6.31
CA ASP E 90 -6.45 26.78 5.10
C ASP E 90 -6.10 28.24 5.35
N THR E 91 -6.24 28.72 6.58
CA THR E 91 -5.87 30.10 6.91
C THR E 91 -4.36 30.26 6.81
N ALA E 92 -3.91 31.11 5.88
CA ALA E 92 -2.49 31.30 5.62
C ALA E 92 -2.33 32.50 4.70
N VAL E 93 -1.07 32.90 4.51
CA VAL E 93 -0.69 33.88 3.50
C VAL E 93 -0.36 33.12 2.21
N TYR E 94 -1.00 33.51 1.11
CA TYR E 94 -0.86 32.83 -0.17
C TYR E 94 -0.01 33.67 -1.10
N TYR E 95 1.10 33.09 -1.57
CA TYR E 95 1.97 33.73 -2.55
C TYR E 95 1.82 33.03 -3.89
N CYS E 96 1.78 33.80 -4.97
CA CYS E 96 1.95 33.26 -6.31
C CYS E 96 3.40 33.41 -6.74
N ALA E 97 4.03 32.32 -7.13
CA ALA E 97 5.43 32.30 -7.47
C ALA E 97 5.63 31.77 -8.88
N ARG E 98 6.57 32.36 -9.61
CA ARG E 98 6.89 31.92 -10.96
C ARG E 98 7.87 30.74 -10.91
N ALA E 99 7.71 29.82 -11.85
CA ALA E 99 8.55 28.64 -11.90
C ALA E 99 9.95 28.95 -12.41
N GLY E 100 10.93 28.16 -11.96
CA GLY E 100 12.31 28.36 -12.33
C GLY E 100 12.78 27.39 -13.41
N TYR E 101 13.92 27.73 -14.01
CA TYR E 101 14.51 26.91 -15.06
C TYR E 101 15.03 25.60 -14.49
N SER E 102 14.45 24.48 -14.92
CA SER E 102 14.89 23.16 -14.48
C SER E 102 14.42 22.12 -15.49
N ASN E 103 15.01 20.93 -15.38
CA ASN E 103 14.58 19.81 -16.22
C ASN E 103 13.36 19.12 -15.61
N TYR E 104 13.32 19.02 -14.28
CA TYR E 104 12.19 18.44 -13.57
C TYR E 104 12.27 18.92 -12.13
N GLY E 105 11.27 19.65 -11.69
CA GLY E 105 11.25 20.15 -10.32
C GLY E 105 10.60 21.51 -10.27
N HIS E 106 10.12 21.86 -9.08
CA HIS E 106 9.41 23.11 -8.85
C HIS E 106 10.16 23.92 -7.79
N TYR E 107 10.93 24.91 -8.23
CA TYR E 107 11.48 25.92 -7.35
C TYR E 107 11.01 27.29 -7.84
N PHE E 108 10.99 28.25 -6.93
CA PHE E 108 10.28 29.51 -7.12
C PHE E 108 11.29 30.66 -7.09
N ASP E 109 11.55 31.26 -8.25
CA ASP E 109 12.58 32.29 -8.35
C ASP E 109 12.05 33.70 -8.12
N TYR E 110 10.76 33.94 -8.33
CA TYR E 110 10.17 35.25 -8.08
C TYR E 110 8.83 35.07 -7.39
N TRP E 111 8.65 35.78 -6.29
CA TRP E 111 7.44 35.69 -5.48
C TRP E 111 6.68 37.00 -5.52
N GLY E 112 5.47 36.99 -4.96
CA GLY E 112 4.65 38.16 -4.80
C GLY E 112 4.59 38.62 -3.34
N GLN E 113 3.91 39.75 -3.14
CA GLN E 113 3.76 40.28 -1.80
C GLN E 113 2.94 39.35 -0.91
N GLY E 114 1.99 38.63 -1.49
CA GLY E 114 1.17 37.71 -0.72
C GLY E 114 -0.09 38.36 -0.19
N THR E 115 -1.15 37.55 -0.09
CA THR E 115 -2.42 37.98 0.45
C THR E 115 -2.84 37.04 1.57
N LEU E 116 -3.42 37.60 2.62
CA LEU E 116 -3.80 36.84 3.82
C LEU E 116 -5.24 36.35 3.67
N VAL E 117 -5.42 35.03 3.77
CA VAL E 117 -6.74 34.41 3.76
C VAL E 117 -7.02 33.89 5.16
N THR E 118 -8.09 34.39 5.78
CA THR E 118 -8.49 34.01 7.13
C THR E 118 -9.84 33.30 7.06
N VAL E 119 -9.84 32.00 7.33
CA VAL E 119 -11.07 31.21 7.34
C VAL E 119 -11.57 31.11 8.78
N SER E 120 -12.65 31.81 9.08
CA SER E 120 -13.19 31.84 10.43
C SER E 120 -14.69 32.10 10.39
N SER E 121 -15.40 31.54 11.36
CA SER E 121 -16.85 31.71 11.47
C SER E 121 -17.24 32.83 12.42
N ALA E 122 -16.29 33.53 13.03
CA ALA E 122 -16.62 34.60 13.94
C ALA E 122 -17.02 35.85 13.17
N SER E 123 -17.87 36.67 13.80
CA SER E 123 -18.26 37.93 13.22
C SER E 123 -17.32 39.04 13.68
N THR E 124 -17.32 40.14 12.92
CA THR E 124 -16.42 41.26 13.19
C THR E 124 -16.81 41.97 14.48
N LYS E 125 -15.91 41.93 15.47
CA LYS E 125 -16.15 42.48 16.79
C LYS E 125 -15.02 43.44 17.16
N GLY E 126 -15.38 44.52 17.83
CA GLY E 126 -14.42 45.50 18.30
C GLY E 126 -13.69 45.02 19.54
N PRO E 127 -12.56 45.63 19.84
CA PRO E 127 -11.72 45.16 20.94
C PRO E 127 -12.15 45.70 22.30
N SER E 128 -11.84 44.91 23.33
CA SER E 128 -11.95 45.34 24.72
C SER E 128 -10.56 45.68 25.23
N VAL E 129 -10.40 46.91 25.72
CA VAL E 129 -9.10 47.43 26.16
C VAL E 129 -9.09 47.49 27.68
N PHE E 130 -8.09 46.85 28.29
CA PHE E 130 -7.92 46.84 29.73
C PHE E 130 -6.55 47.36 30.12
N PRO E 131 -6.46 48.11 31.21
CA PRO E 131 -5.17 48.69 31.61
C PRO E 131 -4.25 47.68 32.30
N LEU E 132 -2.96 47.76 31.95
CA LEU E 132 -1.90 47.06 32.66
C LEU E 132 -1.26 48.09 33.58
N ALA E 133 -1.77 48.18 34.82
CA ALA E 133 -1.40 49.21 35.77
C ALA E 133 -0.02 48.92 36.38
N PRO E 134 0.82 49.95 36.50
CA PRO E 134 2.13 49.75 37.13
C PRO E 134 2.02 49.64 38.65
N SER E 135 3.02 49.00 39.24
CA SER E 135 3.06 48.79 40.67
C SER E 135 3.70 49.98 41.38
N SER E 136 3.27 50.21 42.62
CA SER E 136 3.76 51.32 43.43
C SER E 136 4.63 50.83 44.58
N SER E 140 9.54 56.62 44.52
CA SER E 140 10.43 55.47 44.61
C SER E 140 10.38 54.56 43.41
N GLY E 141 11.54 54.24 42.86
CA GLY E 141 11.62 53.43 41.65
C GLY E 141 12.45 54.09 40.57
N GLY E 142 13.07 53.26 39.73
CA GLY E 142 13.87 53.76 38.63
C GLY E 142 13.11 53.80 37.33
N THR E 143 12.71 52.64 36.82
CA THR E 143 11.93 52.52 35.60
C THR E 143 10.70 51.67 35.88
N ALA E 144 9.53 52.22 35.56
CA ALA E 144 8.26 51.52 35.70
C ALA E 144 7.79 51.02 34.34
N ALA E 145 6.83 50.10 34.37
CA ALA E 145 6.25 49.53 33.15
C ALA E 145 4.74 49.51 33.27
N LEU E 146 4.07 50.01 32.24
CA LEU E 146 2.61 49.94 32.13
C LEU E 146 2.27 49.53 30.71
N GLY E 147 0.98 49.30 30.46
CA GLY E 147 0.57 48.89 29.13
C GLY E 147 -0.93 48.71 29.03
N CYS E 148 -1.35 48.22 27.86
CA CYS E 148 -2.76 47.97 27.56
C CYS E 148 -2.93 46.54 27.08
N LEU E 149 -4.05 45.93 27.48
CA LEU E 149 -4.40 44.57 27.10
C LEU E 149 -5.56 44.67 26.11
N VAL E 150 -5.27 44.47 24.83
CA VAL E 150 -6.28 44.55 23.78
C VAL E 150 -6.82 43.13 23.54
N LYS E 151 -8.05 42.89 23.96
CA LYS E 151 -8.60 41.54 24.03
C LYS E 151 -9.92 41.44 23.28
N ASP E 152 -10.15 40.27 22.67
CA ASP E 152 -11.45 39.86 22.14
C ASP E 152 -11.87 40.75 20.96
N TYR E 153 -11.04 40.74 19.92
CA TYR E 153 -11.35 41.44 18.68
C TYR E 153 -11.19 40.50 17.50
N PHE E 154 -11.85 40.87 16.39
CA PHE E 154 -11.79 40.11 15.16
C PHE E 154 -12.31 40.97 14.03
N PRO E 155 -11.67 40.98 12.86
CA PRO E 155 -10.42 40.25 12.63
C PRO E 155 -9.19 41.11 12.88
N GLU E 156 -8.03 40.61 12.45
CA GLU E 156 -6.82 41.39 12.52
C GLU E 156 -6.79 42.43 11.41
N PRO E 157 -6.04 43.53 11.59
CA PRO E 157 -5.25 43.84 12.79
C PRO E 157 -5.80 45.02 13.59
N VAL E 158 -5.22 45.24 14.77
CA VAL E 158 -5.40 46.48 15.51
C VAL E 158 -4.09 47.23 15.49
N THR E 159 -4.19 48.56 15.49
CA THR E 159 -3.03 49.44 15.62
C THR E 159 -3.09 50.10 16.98
N VAL E 160 -1.96 50.11 17.68
CA VAL E 160 -1.88 50.62 19.05
C VAL E 160 -0.81 51.70 19.09
N SER E 161 -1.21 52.91 19.44
CA SER E 161 -0.29 54.02 19.68
C SER E 161 -0.46 54.51 21.12
N TRP E 162 0.56 55.22 21.61
CA TRP E 162 0.54 55.75 22.96
C TRP E 162 0.57 57.28 22.92
N ASN E 163 -0.36 57.89 23.66
CA ASN E 163 -0.49 59.35 23.73
C ASN E 163 -0.62 59.97 22.35
N SER E 164 -1.43 59.34 21.50
CA SER E 164 -1.70 59.82 20.14
C SER E 164 -0.43 59.97 19.31
N GLY E 165 0.61 59.20 19.62
CA GLY E 165 1.84 59.21 18.87
C GLY E 165 2.98 59.95 19.52
N ALA E 166 2.72 60.67 20.62
CA ALA E 166 3.78 61.42 21.27
C ALA E 166 4.77 60.49 21.96
N LEU E 167 4.30 59.39 22.52
CA LEU E 167 5.14 58.43 23.23
C LEU E 167 5.47 57.26 22.30
N THR E 168 6.74 57.17 21.89
CA THR E 168 7.18 56.08 21.03
C THR E 168 8.38 55.36 21.63
N SER E 169 9.19 56.08 22.41
CA SER E 169 10.39 55.49 23.00
C SER E 169 10.00 54.47 24.06
N GLY E 170 10.50 53.24 23.90
CA GLY E 170 10.22 52.18 24.84
C GLY E 170 8.91 51.46 24.65
N VAL E 171 8.24 51.64 23.52
CA VAL E 171 6.94 51.02 23.25
C VAL E 171 7.18 49.63 22.69
N HIS E 172 6.57 48.62 23.30
CA HIS E 172 6.61 47.25 22.82
C HIS E 172 5.18 46.75 22.61
N THR E 173 4.84 46.44 21.37
CA THR E 173 3.55 45.85 21.02
C THR E 173 3.77 44.41 20.58
N PHE E 174 3.11 43.47 21.25
CA PHE E 174 3.37 42.08 20.96
C PHE E 174 2.46 41.56 19.85
N PRO E 175 2.93 40.56 19.09
CA PRO E 175 2.07 39.93 18.09
C PRO E 175 0.82 39.32 18.71
N ALA E 176 -0.29 39.42 17.98
CA ALA E 176 -1.54 38.87 18.46
C ALA E 176 -1.51 37.34 18.44
N VAL E 177 -2.25 36.74 19.37
CA VAL E 177 -2.41 35.30 19.46
C VAL E 177 -3.89 34.97 19.33
N LEU E 178 -4.20 33.94 18.54
CA LEU E 178 -5.60 33.53 18.36
C LEU E 178 -6.05 32.72 19.57
N GLN E 179 -7.07 33.21 20.26
CA GLN E 179 -7.59 32.52 21.43
C GLN E 179 -8.59 31.45 21.02
N SER E 180 -8.88 30.56 21.96
CA SER E 180 -9.84 29.48 21.71
C SER E 180 -11.24 30.00 21.43
N SER E 181 -11.54 31.24 21.79
CA SER E 181 -12.85 31.81 21.52
C SER E 181 -13.03 32.21 20.06
N GLY E 182 -11.98 32.11 19.24
CA GLY E 182 -12.03 32.57 17.87
C GLY E 182 -11.68 34.02 17.69
N LEU E 183 -11.41 34.74 18.77
CA LEU E 183 -11.05 36.16 18.74
C LEU E 183 -9.56 36.31 19.01
N TYR E 184 -9.02 37.45 18.59
CA TYR E 184 -7.60 37.76 18.74
C TYR E 184 -7.35 38.61 19.98
N SER E 185 -6.11 38.56 20.46
CA SER E 185 -5.71 39.30 21.65
C SER E 185 -4.22 39.56 21.63
N LEU E 186 -3.83 40.78 22.01
CA LEU E 186 -2.42 41.15 22.16
C LEU E 186 -2.29 42.10 23.34
N SER E 187 -1.04 42.49 23.62
CA SER E 187 -0.74 43.47 24.66
C SER E 187 0.29 44.44 24.12
N SER E 188 0.17 45.70 24.56
CA SER E 188 1.15 46.73 24.23
C SER E 188 1.65 47.35 25.52
N VAL E 189 2.95 47.26 25.76
CA VAL E 189 3.56 47.74 26.99
C VAL E 189 4.58 48.82 26.66
N VAL E 190 4.85 49.68 27.64
CA VAL E 190 5.82 50.77 27.49
C VAL E 190 6.47 51.02 28.84
N THR E 191 7.75 51.38 28.81
CA THR E 191 8.51 51.69 30.02
C THR E 191 8.68 53.19 30.15
N VAL E 192 8.37 53.72 31.34
CA VAL E 192 8.45 55.15 31.60
C VAL E 192 9.17 55.37 32.93
N PRO E 193 9.75 56.55 33.13
CA PRO E 193 10.35 56.85 34.44
C PRO E 193 9.30 56.85 35.54
N SER E 194 9.66 56.26 36.69
CA SER E 194 8.73 56.19 37.81
C SER E 194 8.42 57.57 38.37
N SER E 195 9.35 58.52 38.21
CA SER E 195 9.15 59.87 38.71
C SER E 195 8.06 60.62 37.95
N SER E 196 7.52 60.05 36.88
CA SER E 196 6.51 60.71 36.06
C SER E 196 5.15 60.02 36.12
N LEU E 197 4.95 59.13 37.08
CA LEU E 197 3.67 58.43 37.17
C LEU E 197 2.57 59.34 37.70
N GLY E 198 2.90 60.27 38.58
CA GLY E 198 1.91 61.19 39.13
C GLY E 198 1.70 62.47 38.37
N THR E 199 2.45 62.69 37.29
CA THR E 199 2.36 63.92 36.51
C THR E 199 1.90 63.68 35.08
N GLN E 200 2.54 62.76 34.37
CA GLN E 200 2.16 62.48 32.99
C GLN E 200 0.92 61.57 32.97
N THR E 201 0.12 61.75 31.92
CA THR E 201 -1.02 60.90 31.67
C THR E 201 -0.67 59.97 30.50
N TYR E 202 -0.85 58.68 30.69
CA TYR E 202 -0.52 57.70 29.67
C TYR E 202 -1.81 57.10 29.14
N ILE E 203 -2.06 57.31 27.85
CA ILE E 203 -3.24 56.85 27.16
C ILE E 203 -2.79 55.99 25.98
N CYS E 204 -3.36 54.80 25.87
CA CYS E 204 -3.12 53.94 24.71
C CYS E 204 -4.28 54.09 23.74
N ASN E 205 -3.95 54.23 22.47
CA ASN E 205 -4.93 54.49 21.42
C ASN E 205 -5.04 53.23 20.57
N VAL E 206 -6.17 52.53 20.71
CA VAL E 206 -6.42 51.30 19.97
C VAL E 206 -7.37 51.62 18.83
N ASN E 207 -7.00 51.22 17.62
CA ASN E 207 -7.81 51.47 16.43
C ASN E 207 -8.05 50.15 15.73
N HIS E 208 -9.31 49.80 15.53
CA HIS E 208 -9.70 48.56 14.85
C HIS E 208 -10.52 48.96 13.62
N LYS E 209 -9.86 49.05 12.47
CA LYS E 209 -10.52 49.51 11.26
C LYS E 209 -11.69 48.62 10.82
N PRO E 210 -11.59 47.29 10.81
CA PRO E 210 -12.74 46.49 10.33
C PRO E 210 -14.05 46.78 11.04
N SER E 211 -14.05 46.82 12.38
CA SER E 211 -15.25 47.13 13.13
C SER E 211 -15.46 48.62 13.34
N ASN E 212 -14.54 49.45 12.85
CA ASN E 212 -14.60 50.91 13.00
C ASN E 212 -14.79 51.30 14.47
N THR E 213 -13.84 50.85 15.28
CA THR E 213 -13.83 51.11 16.71
C THR E 213 -12.53 51.78 17.11
N LYS E 214 -12.64 52.79 17.96
CA LYS E 214 -11.48 53.50 18.49
C LYS E 214 -11.66 53.63 19.99
N VAL E 215 -10.73 53.06 20.75
CA VAL E 215 -10.78 53.05 22.21
C VAL E 215 -9.56 53.79 22.73
N ASP E 216 -9.79 54.74 23.64
CA ASP E 216 -8.74 55.48 24.32
C ASP E 216 -8.85 55.18 25.80
N LYS E 217 -7.88 54.44 26.34
CA LYS E 217 -7.88 54.03 27.74
C LYS E 217 -6.74 54.70 28.47
N ARG E 218 -7.05 55.35 29.58
CA ARG E 218 -6.02 55.92 30.44
C ARG E 218 -5.51 54.84 31.38
N VAL E 219 -4.18 54.70 31.46
CA VAL E 219 -3.54 53.70 32.30
C VAL E 219 -2.93 54.44 33.47
N GLU E 220 -3.54 54.30 34.64
CA GLU E 220 -3.13 54.99 35.85
C GLU E 220 -2.91 53.99 36.98
N PRO E 221 -1.98 54.30 37.91
CA PRO E 221 -1.70 53.43 39.05
C PRO E 221 -2.91 53.27 39.98
N GLU F 1 7.44 11.49 -0.06
CA GLU F 1 7.68 12.89 0.28
C GLU F 1 8.92 13.02 1.14
N ILE F 2 9.89 13.81 0.67
CA ILE F 2 11.15 14.00 1.38
C ILE F 2 10.99 15.09 2.43
N VAL F 3 11.46 14.80 3.64
CA VAL F 3 11.50 15.77 4.73
C VAL F 3 12.92 16.32 4.85
N LEU F 4 13.03 17.63 5.01
CA LEU F 4 14.31 18.31 5.12
C LEU F 4 14.52 18.78 6.55
N THR F 5 15.67 18.45 7.12
CA THR F 5 16.04 18.86 8.47
C THR F 5 17.17 19.88 8.39
N GLN F 6 16.96 21.04 9.00
CA GLN F 6 17.94 22.11 8.99
C GLN F 6 18.60 22.23 10.36
N SER F 7 19.91 22.47 10.36
CA SER F 7 20.68 22.65 11.58
C SER F 7 21.68 23.78 11.36
N PRO F 8 21.91 24.63 12.38
CA PRO F 8 21.24 24.58 13.67
C PRO F 8 19.86 25.22 13.66
N GLY F 9 19.20 25.25 14.80
CA GLY F 9 17.91 25.91 14.90
C GLY F 9 18.03 27.41 14.77
N THR F 10 18.87 28.02 15.61
CA THR F 10 19.12 29.45 15.59
C THR F 10 20.62 29.70 15.64
N LEU F 11 21.12 30.53 14.72
CA LEU F 11 22.53 30.85 14.61
C LEU F 11 22.73 32.30 15.03
N SER F 12 23.57 32.50 16.05
CA SER F 12 23.81 33.83 16.63
C SER F 12 25.20 34.30 16.21
N LEU F 13 25.25 35.24 15.27
CA LEU F 13 26.51 35.76 14.74
C LEU F 13 26.48 37.27 14.72
N SER F 14 27.65 37.86 14.48
CA SER F 14 27.85 39.29 14.35
C SER F 14 28.13 39.67 12.91
N PRO F 15 27.85 40.91 12.51
CA PRO F 15 28.16 41.33 11.13
C PRO F 15 29.64 41.17 10.84
N GLY F 16 29.94 40.54 9.71
CA GLY F 16 31.30 40.24 9.33
C GLY F 16 31.73 38.81 9.60
N GLU F 17 30.93 38.04 10.34
CA GLU F 17 31.28 36.66 10.65
C GLU F 17 30.80 35.72 9.54
N ARG F 18 31.29 34.49 9.60
CA ARG F 18 31.00 33.48 8.58
C ARG F 18 29.85 32.61 9.07
N ALA F 19 28.87 32.38 8.19
CA ALA F 19 27.68 31.61 8.52
C ALA F 19 27.62 30.36 7.67
N THR F 20 27.31 29.22 8.31
CA THR F 20 27.17 27.95 7.61
C THR F 20 25.91 27.26 8.12
N LEU F 21 24.98 26.99 7.21
CA LEU F 21 23.71 26.34 7.53
C LEU F 21 23.66 24.98 6.84
N SER F 22 23.09 24.00 7.51
CA SER F 22 23.03 22.64 7.02
C SER F 22 21.60 22.25 6.67
N CYS F 23 21.45 21.49 5.59
CA CYS F 23 20.17 20.95 5.16
C CYS F 23 20.37 19.47 4.89
N ARG F 24 19.67 18.63 5.64
CA ARG F 24 19.83 17.18 5.58
C ARG F 24 18.50 16.54 5.22
N ALA F 25 18.51 15.72 4.17
CA ALA F 25 17.32 15.06 3.68
C ALA F 25 17.31 13.59 4.09
N SER F 26 16.10 13.05 4.30
CA SER F 26 15.96 11.65 4.66
C SER F 26 16.18 10.73 3.48
N GLN F 27 15.93 11.21 2.26
CA GLN F 27 16.18 10.46 1.05
C GLN F 27 17.10 11.26 0.14
N SER F 28 17.72 10.57 -0.81
CA SER F 28 18.63 11.24 -1.73
C SER F 28 17.86 12.21 -2.62
N VAL F 29 18.32 13.46 -2.66
CA VAL F 29 17.71 14.49 -3.49
C VAL F 29 18.21 14.30 -4.91
N SER F 30 17.30 14.02 -5.84
CA SER F 30 17.69 13.72 -7.21
C SER F 30 18.29 14.94 -7.90
N SER F 31 19.39 14.71 -8.63
CA SER F 31 20.08 15.72 -9.43
C SER F 31 20.56 16.91 -8.60
N SER F 32 20.70 16.72 -7.28
CA SER F 32 21.16 17.78 -6.38
C SER F 32 20.32 19.05 -6.55
N TYR F 33 19.01 18.86 -6.65
CA TYR F 33 18.07 19.96 -6.86
C TYR F 33 17.61 20.49 -5.50
N LEU F 34 18.40 21.41 -4.95
CA LEU F 34 18.08 22.04 -3.68
C LEU F 34 18.14 23.55 -3.82
N ALA F 35 17.12 24.24 -3.32
CA ALA F 35 17.06 25.68 -3.37
C ALA F 35 17.15 26.25 -1.95
N TRP F 36 17.60 27.49 -1.86
CA TRP F 36 17.70 28.22 -0.61
C TRP F 36 16.91 29.52 -0.72
N TYR F 37 16.16 29.84 0.33
CA TYR F 37 15.32 31.03 0.35
C TYR F 37 15.62 31.86 1.58
N GLN F 38 15.53 33.17 1.42
CA GLN F 38 15.62 34.12 2.51
C GLN F 38 14.24 34.69 2.78
N GLN F 39 13.88 34.81 4.05
CA GLN F 39 12.60 35.40 4.42
C GLN F 39 12.76 36.16 5.72
N LYS F 40 12.40 37.42 5.69
CA LYS F 40 12.35 38.33 6.83
C LYS F 40 10.93 38.42 7.36
N PRO F 41 10.76 38.70 8.65
CA PRO F 41 9.41 38.69 9.24
C PRO F 41 8.48 39.66 8.54
N GLY F 42 7.31 39.16 8.15
CA GLY F 42 6.31 39.97 7.47
C GLY F 42 6.53 40.16 5.99
N GLN F 43 7.64 39.69 5.44
CA GLN F 43 7.95 39.87 4.03
C GLN F 43 7.94 38.53 3.30
N ALA F 44 7.92 38.61 1.98
CA ALA F 44 7.88 37.42 1.15
C ALA F 44 9.27 36.79 1.06
N PRO F 45 9.34 35.49 0.79
CA PRO F 45 10.63 34.86 0.52
C PRO F 45 11.20 35.30 -0.81
N ARG F 46 12.53 35.25 -0.92
CA ARG F 46 13.21 35.51 -2.16
C ARG F 46 14.24 34.41 -2.40
N LEU F 47 14.52 34.14 -3.66
CA LEU F 47 15.42 33.05 -4.02
C LEU F 47 16.87 33.50 -3.95
N LEU F 48 17.72 32.65 -3.37
CA LEU F 48 19.16 32.89 -3.28
C LEU F 48 19.96 31.90 -4.12
N ILE F 49 19.81 30.60 -3.84
CA ILE F 49 20.56 29.55 -4.51
C ILE F 49 19.57 28.56 -5.12
N TYR F 50 19.88 28.10 -6.34
CA TYR F 50 19.12 27.03 -6.98
C TYR F 50 20.10 25.98 -7.49
N GLY F 51 19.66 24.73 -7.49
CA GLY F 51 20.56 23.65 -7.88
C GLY F 51 21.65 23.38 -6.87
N ALA F 52 21.41 23.72 -5.60
CA ALA F 52 22.29 23.47 -4.47
C ALA F 52 23.53 24.37 -4.47
N SER F 53 23.98 24.79 -5.66
CA SER F 53 25.19 25.59 -5.74
C SER F 53 25.12 26.75 -6.72
N SER F 54 24.21 26.74 -7.69
CA SER F 54 24.11 27.84 -8.63
C SER F 54 23.42 29.04 -7.98
N ARG F 55 23.91 30.23 -8.28
CA ARG F 55 23.44 31.45 -7.63
C ARG F 55 22.34 32.10 -8.47
N ALA F 56 21.32 32.60 -7.78
CA ALA F 56 20.21 33.25 -8.46
C ALA F 56 20.62 34.62 -8.97
N THR F 57 19.79 35.16 -9.87
CA THR F 57 20.10 36.44 -10.48
C THR F 57 19.98 37.57 -9.46
N GLY F 58 20.99 38.44 -9.42
CA GLY F 58 20.98 39.57 -8.51
C GLY F 58 21.35 39.27 -7.08
N ILE F 59 22.10 38.20 -6.84
CA ILE F 59 22.47 37.78 -5.50
C ILE F 59 23.94 38.10 -5.27
N PRO F 60 24.30 38.69 -4.12
CA PRO F 60 25.70 39.05 -3.87
C PRO F 60 26.61 37.82 -3.81
N ASP F 61 27.92 38.10 -3.86
CA ASP F 61 28.92 37.04 -3.89
C ASP F 61 29.10 36.35 -2.54
N ARG F 62 28.75 37.02 -1.44
CA ARG F 62 28.93 36.42 -0.12
C ARG F 62 28.08 35.17 0.08
N PHE F 63 26.98 35.04 -0.65
CA PHE F 63 26.16 33.84 -0.56
C PHE F 63 26.75 32.73 -1.43
N SER F 64 26.82 31.52 -0.86
CA SER F 64 27.42 30.38 -1.53
C SER F 64 26.69 29.11 -1.12
N GLY F 65 26.45 28.24 -2.09
CA GLY F 65 25.77 26.98 -1.84
C GLY F 65 26.65 25.81 -2.21
N SER F 66 26.48 24.71 -1.49
CA SER F 66 27.25 23.50 -1.74
C SER F 66 26.46 22.30 -1.20
N GLY F 67 26.94 21.11 -1.54
CA GLY F 67 26.35 19.88 -1.09
C GLY F 67 25.74 19.10 -2.25
N SER F 68 25.47 17.82 -1.97
CA SER F 68 24.88 16.92 -2.96
C SER F 68 24.41 15.67 -2.23
N GLY F 69 23.47 14.97 -2.87
CA GLY F 69 22.95 13.74 -2.30
C GLY F 69 21.97 13.96 -1.17
N THR F 70 22.45 13.83 0.06
CA THR F 70 21.59 13.98 1.24
C THR F 70 21.99 15.12 2.16
N ASP F 71 23.23 15.62 2.08
CA ASP F 71 23.72 16.69 2.92
C ASP F 71 24.03 17.90 2.06
N PHE F 72 23.57 19.08 2.49
CA PHE F 72 23.80 20.32 1.79
C PHE F 72 24.25 21.39 2.77
N THR F 73 24.79 22.48 2.23
CA THR F 73 25.34 23.54 3.06
C THR F 73 25.19 24.88 2.35
N LEU F 74 24.63 25.87 3.05
CA LEU F 74 24.60 27.25 2.61
C LEU F 74 25.62 28.05 3.42
N THR F 75 26.43 28.84 2.74
CA THR F 75 27.53 29.55 3.37
C THR F 75 27.47 31.03 3.01
N ILE F 76 27.50 31.89 4.03
CA ILE F 76 27.63 33.33 3.88
C ILE F 76 29.01 33.71 4.38
N SER F 77 29.87 34.18 3.47
CA SER F 77 31.26 34.40 3.82
C SER F 77 31.41 35.54 4.83
N ARG F 78 30.81 36.70 4.55
CA ARG F 78 30.88 37.85 5.43
C ARG F 78 29.45 38.37 5.64
N LEU F 79 28.95 38.22 6.86
CA LEU F 79 27.57 38.56 7.15
C LEU F 79 27.37 40.07 7.13
N GLU F 80 26.35 40.52 6.40
CA GLU F 80 25.97 41.92 6.31
C GLU F 80 24.75 42.19 7.19
N PRO F 81 24.52 43.45 7.56
CA PRO F 81 23.37 43.75 8.44
C PRO F 81 22.03 43.33 7.87
N GLU F 82 21.86 43.34 6.55
CA GLU F 82 20.59 42.97 5.93
C GLU F 82 20.47 41.47 5.67
N ASP F 83 21.39 40.66 6.20
CA ASP F 83 21.38 39.22 5.97
C ASP F 83 20.80 38.44 7.13
N PHE F 84 20.38 39.10 8.20
CA PHE F 84 19.83 38.41 9.37
C PHE F 84 18.34 38.19 9.16
N ALA F 85 17.96 36.93 8.97
CA ALA F 85 16.58 36.53 8.70
C ALA F 85 16.49 35.02 8.87
N VAL F 86 15.35 34.45 8.49
CA VAL F 86 15.16 33.01 8.46
C VAL F 86 15.47 32.49 7.07
N TYR F 87 16.18 31.37 6.99
CA TYR F 87 16.58 30.78 5.73
C TYR F 87 15.97 29.39 5.60
N TYR F 88 15.26 29.16 4.51
CA TYR F 88 14.65 27.86 4.23
C TYR F 88 15.40 27.17 3.10
N CYS F 89 15.54 25.85 3.20
CA CYS F 89 16.03 25.04 2.10
C CYS F 89 14.87 24.22 1.55
N GLN F 90 14.82 24.10 0.23
CA GLN F 90 13.74 23.41 -0.45
C GLN F 90 14.31 22.46 -1.50
N GLN F 91 13.73 21.27 -1.57
CA GLN F 91 14.10 20.30 -2.58
C GLN F 91 13.04 20.24 -3.65
N TYR F 92 13.48 20.09 -4.91
CA TYR F 92 12.58 19.91 -6.03
C TYR F 92 13.05 18.73 -6.88
N GLY F 93 13.20 17.58 -6.23
CA GLY F 93 13.58 16.35 -6.90
C GLY F 93 12.58 15.25 -6.68
N SER F 94 11.41 15.59 -6.13
CA SER F 94 10.34 14.64 -5.90
C SER F 94 9.03 15.29 -6.31
N SER F 95 7.97 14.48 -6.37
CA SER F 95 6.69 14.97 -6.90
C SER F 95 6.16 16.17 -6.13
N PRO F 96 6.12 16.19 -4.79
CA PRO F 96 5.75 17.41 -4.09
C PRO F 96 6.99 18.15 -3.60
N PRO F 97 7.17 19.40 -4.01
CA PRO F 97 8.27 20.19 -3.46
C PRO F 97 8.04 20.45 -1.98
N THR F 98 9.09 20.28 -1.19
CA THR F 98 9.00 20.35 0.26
C THR F 98 10.07 21.30 0.79
N PHE F 99 9.71 22.00 1.87
CA PHE F 99 10.59 22.96 2.51
C PHE F 99 11.09 22.40 3.84
N GLY F 100 12.20 22.96 4.31
CA GLY F 100 12.67 22.68 5.65
C GLY F 100 11.93 23.52 6.67
N GLN F 101 12.25 23.28 7.94
CA GLN F 101 11.63 24.04 9.01
C GLN F 101 12.22 25.43 9.17
N GLY F 102 13.36 25.69 8.54
CA GLY F 102 13.96 27.03 8.56
C GLY F 102 15.01 27.21 9.64
N THR F 103 16.12 27.83 9.25
CA THR F 103 17.18 28.21 10.18
C THR F 103 17.17 29.72 10.29
N LYS F 104 17.18 30.23 11.53
CA LYS F 104 17.13 31.66 11.78
C LYS F 104 18.52 32.16 12.14
N VAL F 105 19.03 33.12 11.37
CA VAL F 105 20.27 33.80 11.67
C VAL F 105 19.95 35.07 12.44
N GLU F 106 20.51 35.19 13.64
CA GLU F 106 20.17 36.22 14.60
C GLU F 106 21.40 37.05 14.94
N ILE F 107 21.21 38.35 15.13
CA ILE F 107 22.31 39.22 15.54
C ILE F 107 22.73 38.86 16.96
N LYS F 108 24.03 38.72 17.18
CA LYS F 108 24.59 38.44 18.50
C LYS F 108 25.01 39.75 19.16
N ARG F 109 24.58 39.94 20.40
CA ARG F 109 24.96 41.10 21.21
C ARG F 109 25.35 40.62 22.62
N THR F 110 25.73 41.57 23.46
CA THR F 110 26.09 41.23 24.84
C THR F 110 24.85 40.80 25.62
N VAL F 111 25.08 39.99 26.66
CA VAL F 111 23.99 39.42 27.44
C VAL F 111 23.26 40.54 28.20
N ALA F 112 21.94 40.52 28.13
CA ALA F 112 21.09 41.45 28.85
C ALA F 112 20.04 40.65 29.60
N ALA F 113 19.96 40.87 30.90
CA ALA F 113 18.98 40.15 31.71
C ALA F 113 17.60 40.77 31.53
N PRO F 114 16.54 39.95 31.59
CA PRO F 114 15.19 40.50 31.45
C PRO F 114 14.75 41.24 32.70
N SER F 115 14.06 42.37 32.48
CA SER F 115 13.37 43.06 33.55
C SER F 115 11.96 42.48 33.64
N VAL F 116 11.60 41.98 34.81
CA VAL F 116 10.36 41.23 35.00
C VAL F 116 9.33 42.16 35.64
N PHE F 117 8.14 42.21 35.05
CA PHE F 117 7.00 42.94 35.59
C PHE F 117 5.78 42.04 35.59
N ILE F 118 4.95 42.18 36.61
CA ILE F 118 3.70 41.43 36.70
C ILE F 118 2.55 42.43 36.83
N PHE F 119 1.44 42.12 36.18
CA PHE F 119 0.28 43.00 36.12
C PHE F 119 -0.95 42.24 36.56
N PRO F 120 -1.67 42.70 37.57
CA PRO F 120 -2.92 42.05 37.95
C PRO F 120 -4.01 42.34 36.93
N PRO F 121 -5.04 41.51 36.87
CA PRO F 121 -6.17 41.82 35.97
C PRO F 121 -6.94 43.03 36.46
N SER F 122 -7.34 43.87 35.51
CA SER F 122 -8.08 45.07 35.85
C SER F 122 -9.48 44.72 36.35
N ASP F 123 -10.10 45.67 37.06
CA ASP F 123 -11.45 45.44 37.57
C ASP F 123 -12.47 45.36 36.44
N GLU F 124 -12.24 46.07 35.33
CA GLU F 124 -13.17 46.02 34.22
C GLU F 124 -13.22 44.64 33.58
N GLN F 125 -12.06 43.98 33.44
CA GLN F 125 -12.04 42.63 32.90
C GLN F 125 -12.69 41.65 33.88
N LEU F 126 -12.57 41.90 35.17
CA LEU F 126 -13.14 41.01 36.17
C LEU F 126 -14.66 40.90 36.05
N LYS F 127 -15.31 41.85 35.39
CA LYS F 127 -16.75 41.79 35.18
C LYS F 127 -17.14 40.81 34.08
N SER F 128 -16.20 40.37 33.26
CA SER F 128 -16.52 39.49 32.13
C SER F 128 -16.52 38.02 32.49
N GLY F 129 -15.94 37.65 33.63
CA GLY F 129 -15.89 36.26 34.04
C GLY F 129 -14.57 35.58 33.82
N THR F 130 -13.56 36.31 33.35
CA THR F 130 -12.23 35.77 33.14
C THR F 130 -11.20 36.74 33.68
N ALA F 131 -10.04 36.21 34.06
CA ALA F 131 -8.94 36.99 34.59
C ALA F 131 -7.71 36.72 33.75
N SER F 132 -6.99 37.78 33.39
CA SER F 132 -5.76 37.68 32.61
C SER F 132 -4.64 38.30 33.43
N VAL F 133 -3.68 37.47 33.83
CA VAL F 133 -2.49 37.91 34.55
C VAL F 133 -1.35 37.97 33.56
N VAL F 134 -0.67 39.11 33.48
CA VAL F 134 0.34 39.36 32.46
C VAL F 134 1.70 39.49 33.14
N CYS F 135 2.64 38.65 32.72
CA CYS F 135 4.03 38.73 33.13
C CYS F 135 4.85 39.24 31.94
N LEU F 136 5.69 40.23 32.18
CA LEU F 136 6.41 40.92 31.12
C LEU F 136 7.91 40.75 31.31
N LEU F 137 8.58 40.18 30.32
CA LEU F 137 10.03 40.11 30.25
C LEU F 137 10.49 41.09 29.19
N ASN F 138 11.33 42.06 29.57
CA ASN F 138 11.61 43.21 28.72
C ASN F 138 13.10 43.35 28.44
N ASN F 139 13.45 43.41 27.16
CA ASN F 139 14.79 43.74 26.68
C ASN F 139 15.84 42.78 27.25
N PHE F 140 15.77 41.54 26.78
CA PHE F 140 16.70 40.52 27.21
C PHE F 140 17.34 39.84 26.02
N TYR F 141 18.56 39.33 26.25
CA TYR F 141 19.31 38.53 25.29
C TYR F 141 20.22 37.65 26.12
N PRO F 142 20.42 36.37 25.74
CA PRO F 142 19.83 35.69 24.58
C PRO F 142 18.35 35.34 24.72
N ARG F 143 17.82 34.68 23.68
CA ARG F 143 16.38 34.45 23.59
C ARG F 143 15.88 33.42 24.59
N GLU F 144 16.69 32.42 24.93
CA GLU F 144 16.23 31.31 25.75
C GLU F 144 15.84 31.80 27.14
N ALA F 145 14.60 31.52 27.55
CA ALA F 145 14.13 31.89 28.87
C ALA F 145 12.94 31.01 29.23
N LYS F 146 12.73 30.84 30.53
CA LYS F 146 11.63 30.04 31.06
C LYS F 146 10.79 30.89 32.01
N VAL F 147 9.47 30.76 31.88
CA VAL F 147 8.53 31.49 32.72
C VAL F 147 7.55 30.47 33.30
N GLN F 148 7.61 30.28 34.61
CA GLN F 148 6.71 29.36 35.31
C GLN F 148 5.75 30.17 36.17
N TRP F 149 4.46 29.85 36.08
CA TRP F 149 3.44 30.51 36.87
C TRP F 149 3.19 29.75 38.16
N LYS F 150 2.93 30.49 39.24
CA LYS F 150 2.66 29.91 40.55
C LYS F 150 1.46 30.61 41.16
N VAL F 151 0.37 29.86 41.35
CA VAL F 151 -0.84 30.36 42.00
C VAL F 151 -0.91 29.71 43.37
N ASP F 152 -0.70 30.53 44.41
CA ASP F 152 -0.56 30.04 45.78
C ASP F 152 0.58 29.03 45.88
N ASN F 153 1.69 29.35 45.20
CA ASN F 153 2.89 28.51 45.19
C ASN F 153 2.61 27.13 44.59
N ALA F 154 1.69 27.06 43.65
CA ALA F 154 1.38 25.83 42.94
C ALA F 154 1.73 26.00 41.47
N LEU F 155 2.45 25.04 40.91
CA LEU F 155 2.96 25.16 39.55
C LEU F 155 1.81 25.00 38.55
N GLN F 156 1.53 26.07 37.81
CA GLN F 156 0.47 26.06 36.81
C GLN F 156 1.01 25.58 35.46
N SER F 157 0.13 24.99 34.66
CA SER F 157 0.51 24.49 33.34
C SER F 157 -0.73 24.33 32.50
N GLY F 158 -0.63 24.70 31.22
CA GLY F 158 -1.72 24.53 30.28
C GLY F 158 -2.69 25.69 30.18
N ASN F 159 -2.49 26.75 30.96
CA ASN F 159 -3.40 27.89 30.97
C ASN F 159 -2.66 29.20 30.76
N SER F 160 -1.58 29.18 29.99
CA SER F 160 -0.81 30.38 29.71
C SER F 160 -0.34 30.35 28.26
N GLN F 161 -0.16 31.55 27.70
CA GLN F 161 0.35 31.72 26.35
C GLN F 161 1.49 32.72 26.37
N GLU F 162 2.54 32.44 25.59
CA GLU F 162 3.69 33.32 25.49
C GLU F 162 3.72 33.94 24.10
N SER F 163 3.93 35.26 24.05
CA SER F 163 4.13 35.98 22.80
C SER F 163 5.45 36.72 22.88
N VAL F 164 6.22 36.70 21.79
CA VAL F 164 7.55 37.29 21.77
C VAL F 164 7.66 38.22 20.56
N THR F 165 8.32 39.36 20.75
CA THR F 165 8.57 40.27 19.66
C THR F 165 9.75 39.79 18.83
N GLU F 166 9.88 40.38 17.63
CA GLU F 166 11.09 40.16 16.85
C GLU F 166 12.27 40.87 17.53
N GLN F 167 13.46 40.52 17.08
CA GLN F 167 14.67 41.15 17.62
C GLN F 167 14.63 42.65 17.32
N ASP F 168 14.69 43.46 18.38
CA ASP F 168 14.53 44.90 18.23
C ASP F 168 15.61 45.45 17.30
N SER F 169 15.21 46.39 16.44
CA SER F 169 16.13 46.93 15.45
C SER F 169 17.15 47.88 16.06
N LYS F 170 16.93 48.36 17.28
CA LYS F 170 17.81 49.33 17.90
C LYS F 170 18.86 48.69 18.80
N ASP F 171 18.45 47.80 19.71
CA ASP F 171 19.37 47.19 20.67
C ASP F 171 19.44 45.66 20.55
N SER F 172 18.80 45.08 19.53
CA SER F 172 18.91 43.65 19.25
C SER F 172 18.41 42.78 20.39
N THR F 173 17.43 43.26 21.16
CA THR F 173 16.90 42.52 22.29
C THR F 173 15.60 41.81 21.94
N TYR F 174 15.07 41.07 22.91
CA TYR F 174 13.79 40.41 22.80
C TYR F 174 12.90 40.86 23.95
N SER F 175 11.59 40.82 23.73
CA SER F 175 10.61 41.04 24.77
C SER F 175 9.55 39.95 24.69
N LEU F 176 9.10 39.49 25.85
CA LEU F 176 8.19 38.37 25.94
C LEU F 176 7.10 38.70 26.94
N SER F 177 5.91 38.16 26.68
CA SER F 177 4.76 38.37 27.55
C SER F 177 4.08 37.03 27.78
N SER F 178 4.01 36.61 29.04
CA SER F 178 3.31 35.40 29.41
C SER F 178 1.98 35.80 30.04
N THR F 179 0.88 35.28 29.49
CA THR F 179 -0.46 35.66 29.91
C THR F 179 -1.15 34.43 30.49
N LEU F 180 -1.42 34.47 31.78
CA LEU F 180 -2.14 33.40 32.47
C LEU F 180 -3.62 33.74 32.51
N THR F 181 -4.45 32.90 31.87
CA THR F 181 -5.87 33.14 31.77
C THR F 181 -6.60 32.19 32.72
N LEU F 182 -7.33 32.78 33.68
CA LEU F 182 -8.12 32.02 34.63
C LEU F 182 -9.55 32.54 34.60
N SER F 183 -10.47 31.69 35.04
CA SER F 183 -11.84 32.16 35.22
C SER F 183 -11.95 32.97 36.51
N LYS F 184 -12.98 33.81 36.59
CA LYS F 184 -13.15 34.65 37.77
C LYS F 184 -13.34 33.81 39.03
N ALA F 185 -13.97 32.64 38.91
CA ALA F 185 -14.14 31.76 40.07
C ALA F 185 -12.78 31.27 40.58
N ASP F 186 -11.95 30.75 39.68
CA ASP F 186 -10.64 30.26 40.09
C ASP F 186 -9.73 31.40 40.54
N TYR F 187 -9.93 32.60 40.01
CA TYR F 187 -9.07 33.72 40.37
C TYR F 187 -9.32 34.19 41.80
N GLU F 188 -10.57 34.12 42.27
CA GLU F 188 -10.91 34.58 43.60
C GLU F 188 -10.78 33.50 44.66
N LYS F 189 -10.38 32.28 44.27
CA LYS F 189 -10.12 31.23 45.24
C LYS F 189 -8.74 31.34 45.87
N HIS F 190 -7.82 32.06 45.25
CA HIS F 190 -6.44 32.13 45.69
C HIS F 190 -6.03 33.58 45.89
N LYS F 191 -4.86 33.77 46.52
CA LYS F 191 -4.37 35.09 46.86
C LYS F 191 -3.04 35.43 46.21
N VAL F 192 -2.06 34.53 46.28
CA VAL F 192 -0.72 34.82 45.82
C VAL F 192 -0.56 34.38 44.37
N TYR F 193 -0.24 35.34 43.50
CA TYR F 193 0.03 35.09 42.09
C TYR F 193 1.44 35.56 41.76
N ALA F 194 2.20 34.71 41.09
CA ALA F 194 3.60 35.02 40.82
C ALA F 194 4.05 34.32 39.55
N CYS F 195 4.92 34.99 38.79
CA CYS F 195 5.61 34.39 37.67
C CYS F 195 7.09 34.34 37.98
N GLU F 196 7.71 33.18 37.73
CA GLU F 196 9.11 32.94 38.04
C GLU F 196 9.88 32.87 36.72
N VAL F 197 10.88 33.74 36.58
CA VAL F 197 11.65 33.87 35.35
C VAL F 197 13.05 33.37 35.60
N THR F 198 13.54 32.50 34.73
CA THR F 198 14.93 32.05 34.74
C THR F 198 15.56 32.38 33.40
N HIS F 199 16.76 32.94 33.43
CA HIS F 199 17.47 33.34 32.23
C HIS F 199 18.96 33.12 32.45
N GLN F 200 19.69 32.92 31.36
CA GLN F 200 21.11 32.59 31.49
C GLN F 200 21.91 33.74 32.08
N GLY F 201 21.41 34.97 31.99
CA GLY F 201 22.04 36.12 32.60
C GLY F 201 21.58 36.44 34.00
N LEU F 202 20.79 35.57 34.63
CA LEU F 202 20.28 35.78 35.98
C LEU F 202 20.93 34.76 36.91
N SER F 203 21.59 35.26 37.96
CA SER F 203 22.23 34.37 38.93
C SER F 203 21.19 33.56 39.70
N SER F 204 20.06 34.18 40.01
CA SER F 204 18.95 33.53 40.70
C SER F 204 17.67 33.76 39.90
N PRO F 205 16.69 32.86 40.03
CA PRO F 205 15.41 33.09 39.36
C PRO F 205 14.70 34.30 39.95
N VAL F 206 14.22 35.18 39.07
CA VAL F 206 13.52 36.39 39.48
C VAL F 206 12.02 36.10 39.59
N THR F 207 11.43 36.48 40.72
CA THR F 207 10.02 36.25 40.98
C THR F 207 9.33 37.56 41.32
N LYS F 208 8.27 37.88 40.58
CA LYS F 208 7.41 39.02 40.85
C LYS F 208 6.03 38.50 41.23
N SER F 209 5.39 39.16 42.20
CA SER F 209 4.15 38.63 42.73
C SER F 209 3.25 39.77 43.19
N PHE F 210 1.98 39.43 43.42
CA PHE F 210 1.01 40.34 44.02
C PHE F 210 -0.03 39.52 44.75
N ASN F 211 -0.72 40.17 45.68
CA ASN F 211 -1.82 39.57 46.43
C ASN F 211 -3.12 40.20 46.00
N ARG F 212 -4.11 39.37 45.66
CA ARG F 212 -5.40 39.86 45.21
C ARG F 212 -6.06 40.68 46.31
N GLY F 213 -6.29 41.97 46.02
CA GLY F 213 -6.86 42.88 47.00
C GLY F 213 -5.88 43.89 47.56
N GLU F 214 -4.62 43.89 47.09
CA GLU F 214 -3.57 44.76 47.61
C GLU F 214 -3.40 44.60 49.12
N VAL G 2 27.83 16.49 42.05
CA VAL G 2 28.19 17.58 41.14
C VAL G 2 28.84 18.72 41.91
N GLN G 3 30.16 18.79 41.87
CA GLN G 3 30.92 19.76 42.64
C GLN G 3 31.76 20.62 41.70
N LEU G 4 31.84 21.91 42.01
CA LEU G 4 32.61 22.86 41.22
C LEU G 4 33.65 23.53 42.12
N UNK G 5 34.79 23.87 41.54
CA UNK G 5 35.88 24.46 42.32
C UNK G 5 36.65 25.43 41.43
N UNK G 6 36.60 26.71 41.78
CA UNK G 6 37.34 27.71 41.03
C UNK G 6 38.78 27.77 41.51
N SER G 7 39.63 28.39 40.69
CA SER G 7 41.04 28.58 41.02
C SER G 7 41.61 29.64 40.10
N GLY G 8 42.81 30.10 40.43
CA GLY G 8 43.50 31.08 39.62
C GLY G 8 43.38 32.51 40.11
N GLY G 9 42.56 32.76 41.13
CA GLY G 9 42.41 34.10 41.65
C GLY G 9 43.65 34.56 42.40
N GLY G 10 43.69 35.88 42.65
CA GLY G 10 44.82 36.46 43.35
C GLY G 10 44.80 37.97 43.40
N UNK G 11 45.96 38.58 43.20
CA UNK G 11 46.12 40.03 43.24
C UNK G 11 46.94 40.45 42.03
N VAL G 12 46.38 41.37 41.23
CA VAL G 12 47.09 41.93 40.08
C VAL G 12 46.85 43.44 40.02
N GLN G 13 47.82 44.14 39.45
CA GLN G 13 47.76 45.58 39.35
C GLN G 13 46.95 45.99 38.13
N UNK G 14 46.52 47.25 38.05
CA UNK G 14 45.77 47.70 36.87
C UNK G 14 46.56 47.45 35.59
N GLY G 15 45.88 46.86 34.60
CA GLY G 15 46.49 46.49 33.35
C GLY G 15 46.89 45.03 33.25
N UNK G 16 47.06 44.35 34.39
CA UNK G 16 47.48 42.96 34.40
C UNK G 16 46.43 42.01 33.86
N SER G 17 46.75 40.72 33.95
CA SER G 17 45.89 39.67 33.44
C SER G 17 45.82 38.50 34.42
N LEU G 18 44.83 37.64 34.20
CA LEU G 18 44.60 36.47 35.02
C LEU G 18 43.83 35.44 34.20
N UNK G 19 43.91 34.19 34.62
CA UNK G 19 43.21 33.09 33.95
C UNK G 19 42.57 32.21 35.03
N LEU G 20 41.28 32.42 35.26
CA LEU G 20 40.54 31.61 36.21
C LEU G 20 40.19 30.25 35.59
N SER G 21 40.03 29.25 36.44
CA SER G 21 39.69 27.91 36.00
C SER G 21 38.56 27.36 36.86
N CYS G 22 37.70 26.56 36.24
CA CYS G 22 36.55 25.97 36.91
C CYS G 22 36.53 24.47 36.60
N UNK G 23 36.98 23.67 37.55
CA UNK G 23 37.00 22.22 37.41
C UNK G 23 35.68 21.63 37.88
N ALA G 24 35.33 20.48 37.34
CA ALA G 24 34.06 19.85 37.62
C ALA G 24 34.24 18.38 37.96
N UNK G 25 33.45 17.91 38.92
CA UNK G 25 33.41 16.50 39.29
C UNK G 25 31.97 16.12 39.55
N UNK G 26 31.70 14.82 39.51
CA UNK G 26 30.36 14.30 39.75
C UNK G 26 29.46 14.29 38.54
N UNK G 27 29.88 14.89 37.44
CA UNK G 27 29.09 14.94 36.21
C UNK G 27 29.99 15.40 35.08
N UNK G 28 29.72 14.90 33.88
CA UNK G 28 30.40 15.38 32.68
C UNK G 28 29.69 16.63 32.18
N UNK G 29 30.46 17.72 32.01
CA UNK G 29 29.88 19.02 31.69
C UNK G 29 29.88 19.31 30.19
N UNK G 30 30.18 18.31 29.35
CA UNK G 30 30.28 18.57 27.91
C UNK G 30 28.92 18.97 27.32
N UNK G 31 27.83 18.45 27.87
CA UNK G 31 26.49 18.72 27.35
C UNK G 31 25.81 19.91 28.02
N UNK G 32 26.49 20.60 28.93
CA UNK G 32 25.89 21.70 29.67
C UNK G 32 26.66 22.98 29.44
N UNK G 33 25.97 24.11 29.58
CA UNK G 33 26.62 25.40 29.53
C UNK G 33 27.24 25.74 30.88
N UNK G 34 28.39 26.41 30.84
CA UNK G 34 29.10 26.84 32.04
C UNK G 34 29.18 28.35 32.05
N UNK G 35 28.64 28.96 33.09
CA UNK G 35 28.59 30.42 33.20
C UNK G 35 29.57 30.90 34.25
N TRP G 36 30.06 32.11 34.06
CA TRP G 36 30.90 32.79 35.04
C TRP G 36 30.12 33.96 35.63
N UNK G 37 30.19 34.09 36.95
CA UNK G 37 29.54 35.19 37.65
C UNK G 37 30.56 35.85 38.57
N ARG G 38 30.19 37.02 39.11
CA ARG G 38 31.04 37.72 40.05
C ARG G 38 30.18 38.57 40.98
N GLN G 39 30.64 38.72 42.22
CA GLN G 39 29.92 39.48 43.23
C GLN G 39 30.87 40.51 43.83
N UNK G 40 30.69 41.77 43.45
CA UNK G 40 31.51 42.85 43.98
C UNK G 40 31.15 43.08 45.45
N PRO G 41 32.01 43.79 46.20
CA PRO G 41 31.68 44.11 47.59
C PRO G 41 30.34 44.80 47.73
N GLY G 42 29.34 44.09 48.26
CA GLY G 42 28.02 44.65 48.47
C GLY G 42 27.10 44.61 47.27
N UNK G 43 27.63 44.44 46.07
CA UNK G 43 26.85 44.49 44.84
C UNK G 43 26.18 43.14 44.58
N UNK G 44 25.48 43.06 43.46
CA UNK G 44 24.77 41.85 43.04
C UNK G 44 25.72 40.91 42.32
N ARG G 45 25.39 39.62 42.34
CA ARG G 45 26.14 38.61 41.61
C ARG G 45 25.95 38.85 40.11
N GLU G 46 26.94 39.47 39.49
CA GLU G 46 26.82 39.88 38.09
C GLU G 46 27.15 38.74 37.15
N UNK G 47 26.41 38.67 36.05
CA UNK G 47 26.76 37.77 34.97
C UNK G 47 28.01 38.27 34.26
N VAL G 48 28.90 37.34 33.91
CA VAL G 48 30.16 37.70 33.27
C VAL G 48 30.20 37.11 31.86
N UNK G 49 30.14 35.78 31.77
CA UNK G 49 30.20 35.11 30.49
C UNK G 49 29.64 33.71 30.64
N UNK G 50 29.24 33.13 29.50
CA UNK G 50 28.72 31.77 29.47
C UNK G 50 29.35 31.05 28.28
N UNK G 51 29.71 29.80 28.48
CA UNK G 51 30.27 28.95 27.44
C UNK G 51 29.29 27.80 27.22
N UNK G 52 28.49 27.91 26.16
CA UNK G 52 27.58 26.84 25.81
C UNK G 52 28.34 25.67 25.20
N UNK G 53 27.60 24.65 24.75
CA UNK G 53 28.23 23.50 24.15
C UNK G 53 29.05 23.90 22.93
N UNK G 54 30.08 23.12 22.65
CA UNK G 54 30.99 23.41 21.53
C UNK G 54 30.19 23.54 20.24
N UNK G 55 30.25 24.72 19.63
CA UNK G 55 29.49 25.03 18.44
C UNK G 55 28.31 25.95 18.68
N UNK G 56 27.88 26.11 19.92
CA UNK G 56 26.77 26.98 20.26
C UNK G 56 27.22 28.38 20.66
N UNK G 57 28.52 28.64 20.65
CA UNK G 57 29.03 29.98 20.84
C UNK G 57 29.17 30.39 22.29
N UNK G 58 29.78 31.57 22.48
CA UNK G 58 29.96 32.16 23.79
C UNK G 58 29.30 33.53 23.83
N UNK G 59 28.83 33.91 25.02
CA UNK G 59 28.11 35.15 25.23
C UNK G 59 28.71 35.87 26.43
N UNK G 60 28.81 37.20 26.34
CA UNK G 60 29.50 37.99 27.34
C UNK G 60 28.65 39.16 27.79
N UNK G 61 28.99 39.68 28.97
CA UNK G 61 28.34 40.87 29.48
C UNK G 61 28.95 42.12 28.84
N ASP G 62 28.19 43.22 28.85
CA ASP G 62 28.64 44.43 28.20
C ASP G 62 29.88 45.00 28.89
N SER G 63 29.93 44.92 30.22
CA SER G 63 31.03 45.51 30.98
C SER G 63 32.34 44.76 30.80
N UNK G 64 32.31 43.56 30.22
CA UNK G 64 33.49 42.73 30.05
C UNK G 64 33.73 42.34 28.60
N UNK G 65 32.95 42.88 27.67
CA UNK G 65 33.08 42.52 26.27
C UNK G 65 34.39 43.05 25.69
N GLY G 66 35.08 42.19 24.93
CA GLY G 66 36.33 42.52 24.31
C GLY G 66 37.55 42.26 25.17
N ARG G 67 37.38 42.26 26.49
CA ARG G 67 38.47 42.03 27.42
C ARG G 67 38.53 40.59 27.93
N PHE G 68 37.38 39.94 28.09
CA PHE G 68 37.31 38.59 28.64
C PHE G 68 37.00 37.59 27.53
N THR G 69 37.43 36.34 27.75
CA THR G 69 37.17 35.25 26.82
C THR G 69 36.95 33.97 27.62
N UNK G 70 35.83 33.30 27.37
CA UNK G 70 35.52 32.05 28.03
C UNK G 70 35.73 30.91 27.03
N SER G 71 36.16 29.77 27.55
CA SER G 71 36.47 28.61 26.70
C SER G 71 36.26 27.35 27.51
N UNK G 72 36.09 26.24 26.80
CA UNK G 72 35.86 24.94 27.41
C UNK G 72 37.03 24.01 27.13
N ASP G 73 37.14 22.98 27.97
CA ASP G 73 38.06 21.86 27.76
C ASP G 73 37.30 20.63 28.24
N UNK G 74 36.47 20.08 27.36
CA UNK G 74 35.58 18.99 27.75
C UNK G 74 36.34 17.72 28.11
N UNK G 75 37.59 17.58 27.65
CA UNK G 75 38.38 16.42 28.03
C UNK G 75 38.78 16.48 29.50
N UNK G 76 39.15 17.66 30.00
CA UNK G 76 39.50 17.83 31.39
C UNK G 76 38.30 18.23 32.25
N UNK G 77 37.11 18.33 31.67
CA UNK G 77 35.90 18.71 32.40
C UNK G 77 36.10 20.03 33.12
N UNK G 78 36.56 21.03 32.37
CA UNK G 78 36.97 22.30 32.94
C UNK G 78 36.68 23.41 31.94
N UNK G 79 36.28 24.58 32.45
CA UNK G 79 36.14 25.79 31.66
C UNK G 79 37.04 26.87 32.25
N UNK G 80 37.47 27.80 31.39
CA UNK G 80 38.41 28.84 31.77
C UNK G 80 37.79 30.21 31.49
N LEU G 81 38.36 31.23 32.12
CA LEU G 81 37.98 32.62 31.86
C LEU G 81 39.26 33.44 31.77
N GLN G 82 39.61 33.86 30.55
CA GLN G 82 40.82 34.65 30.32
C GLN G 82 40.48 36.12 30.48
N UNK G 83 41.05 36.76 31.52
CA UNK G 83 40.78 38.15 31.84
C UNK G 83 41.98 39.01 31.43
N UNK G 84 41.75 39.97 30.53
CA UNK G 84 42.77 40.89 30.07
C UNK G 84 42.36 42.32 30.37
N UNK G 85 43.35 43.20 30.50
CA UNK G 85 43.14 44.62 30.74
C UNK G 85 42.24 44.85 31.97
N LEU G 86 42.63 44.23 33.07
CA LEU G 86 41.84 44.33 34.29
C LEU G 86 41.83 45.75 34.82
N UNK G 87 40.73 46.09 35.51
CA UNK G 87 40.49 47.40 36.06
C UNK G 87 40.15 47.25 37.54
N UNK G 88 40.39 48.28 38.35
CA UNK G 88 40.08 48.16 39.79
C UNK G 88 38.60 47.89 40.05
N UNK G 89 37.73 48.13 39.08
CA UNK G 89 36.31 47.86 39.22
C UNK G 89 35.95 46.38 39.07
N ASP G 90 36.89 45.56 38.59
CA ASP G 90 36.65 44.12 38.44
C ASP G 90 36.86 43.35 39.74
N UNK G 91 37.20 44.03 40.83
CA UNK G 91 37.39 43.38 42.12
C UNK G 91 36.10 42.72 42.61
N ALA G 92 36.09 41.40 42.66
CA ALA G 92 34.92 40.65 43.09
C ALA G 92 35.33 39.20 43.31
N UNK G 93 34.42 38.43 43.89
CA UNK G 93 34.57 36.99 44.02
C UNK G 93 33.91 36.36 42.78
N TYR G 94 34.70 35.63 42.00
CA TYR G 94 34.25 35.08 40.72
C TYR G 94 33.81 33.64 40.91
N TYR G 95 32.52 33.39 40.66
CA TYR G 95 31.94 32.06 40.74
C TYR G 95 31.67 31.52 39.35
N CYS G 96 31.76 30.21 39.20
CA CYS G 96 31.28 29.53 38.00
C CYS G 96 30.09 28.67 38.37
N UNK G 97 29.13 28.59 37.46
CA UNK G 97 27.92 27.81 37.68
C UNK G 97 27.63 26.99 36.43
N UNK G 98 27.03 25.82 36.64
CA UNK G 98 26.66 24.93 35.56
C UNK G 98 25.16 25.13 35.28
N UNK G 99 24.81 25.25 34.00
CA UNK G 99 23.42 25.38 33.59
C UNK G 99 22.84 23.98 33.41
N UNK G 100 22.01 23.56 34.37
CA UNK G 100 21.46 22.22 34.36
C UNK G 100 20.46 21.99 33.23
N UNK G 101 19.98 23.05 32.58
CA UNK G 101 19.09 22.91 31.44
C UNK G 101 19.92 22.81 30.18
N UNK G 102 19.75 21.71 29.44
CA UNK G 102 20.43 21.56 28.16
C UNK G 102 19.91 22.54 27.11
N UNK G 103 18.76 23.15 27.35
CA UNK G 103 18.16 24.10 26.42
C UNK G 103 18.46 25.56 26.78
N UNK G 104 19.38 25.78 27.73
CA UNK G 104 19.98 27.10 27.98
C UNK G 104 19.01 28.09 28.62
N UNK G 105 18.11 27.62 29.47
CA UNK G 105 17.23 28.54 30.18
C UNK G 105 17.87 29.15 31.41
N UNK G 106 19.14 28.85 31.69
CA UNK G 106 19.80 29.43 32.85
C UNK G 106 19.36 28.85 34.17
N UNK G 107 19.22 27.52 34.25
CA UNK G 107 18.89 26.83 35.49
C UNK G 107 20.19 26.47 36.18
N UNK G 108 20.64 27.34 37.08
CA UNK G 108 21.93 27.18 37.75
C UNK G 108 21.70 26.48 39.09
N UNK G 109 21.91 25.16 39.10
CA UNK G 109 21.70 24.37 40.32
C UNK G 109 22.92 24.38 41.22
N UNK G 110 24.10 24.14 40.65
CA UNK G 110 25.32 23.96 41.41
C UNK G 110 26.29 25.10 41.16
N TRP G 111 26.93 25.58 42.23
CA TRP G 111 27.89 26.66 42.17
C TRP G 111 29.21 26.22 42.78
N GLY G 112 30.27 26.95 42.45
CA GLY G 112 31.54 26.78 43.11
C GLY G 112 31.66 27.70 44.32
N UNK G 113 32.75 27.51 45.06
CA UNK G 113 32.99 28.32 46.25
C UNK G 113 33.55 29.70 45.93
N GLY G 114 34.01 29.91 44.71
CA GLY G 114 34.47 31.23 44.28
C GLY G 114 35.94 31.46 44.59
N THR G 115 36.54 32.36 43.82
CA THR G 115 37.91 32.80 44.03
C THR G 115 37.95 34.32 44.01
N UNK G 116 38.73 34.90 44.93
CA UNK G 116 38.83 36.34 45.06
C UNK G 116 39.79 36.90 44.02
N VAL G 117 39.35 37.92 43.29
CA VAL G 117 40.18 38.65 42.35
C VAL G 117 40.14 40.11 42.76
N THR G 118 41.28 40.62 43.25
CA THR G 118 41.40 41.99 43.73
C THR G 118 42.36 42.74 42.82
N VAL G 119 41.97 43.95 42.42
CA VAL G 119 42.78 44.82 41.57
C VAL G 119 42.95 46.15 42.26
N SER G 120 44.19 46.49 42.62
CA SER G 120 44.48 47.76 43.29
C SER G 120 45.41 48.63 42.45
N VAL H 2 9.90 8.75 -41.55
CA VAL H 2 10.55 8.86 -40.26
C VAL H 2 11.75 9.80 -40.35
N GLN H 3 11.55 11.04 -39.93
CA GLN H 3 12.55 12.08 -40.07
C GLN H 3 12.92 12.65 -38.70
N LEU H 4 14.20 12.96 -38.52
CA LEU H 4 14.71 13.51 -37.27
C LEU H 4 15.39 14.85 -37.53
N UNK H 5 15.29 15.75 -36.55
CA UNK H 5 15.86 17.09 -36.70
C UNK H 5 16.33 17.60 -35.34
N UNK H 6 17.63 17.81 -35.21
CA UNK H 6 18.19 18.34 -33.98
C UNK H 6 18.09 19.87 -33.96
N SER H 7 18.24 20.43 -32.76
CA SER H 7 18.25 21.87 -32.59
C SER H 7 18.82 22.19 -31.21
N GLY H 8 19.13 23.47 -31.00
CA GLY H 8 19.65 23.96 -29.74
C GLY H 8 21.15 24.11 -29.68
N GLY H 9 21.87 23.68 -30.71
CA GLY H 9 23.31 23.81 -30.72
C GLY H 9 23.77 25.24 -30.96
N GLY H 10 25.06 25.46 -30.71
CA GLY H 10 25.65 26.77 -30.89
C GLY H 10 27.07 26.84 -30.37
N UNK H 11 27.44 27.94 -29.73
CA UNK H 11 28.77 28.12 -29.18
C UNK H 11 28.67 28.68 -27.77
N VAL H 12 29.27 27.98 -26.81
CA VAL H 12 29.37 28.44 -25.44
C VAL H 12 30.76 28.10 -24.92
N GLN H 13 31.25 28.91 -23.99
CA GLN H 13 32.58 28.74 -23.43
C GLN H 13 32.56 27.72 -22.28
N UNK H 14 33.73 27.21 -21.87
CA UNK H 14 33.76 26.23 -20.78
C UNK H 14 33.04 26.72 -19.53
N GLY H 15 32.24 25.81 -18.96
CA GLY H 15 31.41 26.10 -17.82
C GLY H 15 29.95 26.37 -18.14
N UNK H 16 29.66 26.75 -19.39
CA UNK H 16 28.31 27.04 -19.79
C UNK H 16 27.45 25.79 -19.85
N SER H 17 26.22 25.98 -20.32
CA SER H 17 25.25 24.89 -20.39
C SER H 17 24.50 24.97 -21.72
N LEU H 18 23.85 23.88 -22.06
CA LEU H 18 23.06 23.79 -23.29
C LEU H 18 22.01 22.70 -23.12
N UNK H 19 20.95 22.80 -23.94
CA UNK H 19 19.87 21.83 -23.93
C UNK H 19 19.50 21.53 -25.38
N LEU H 20 20.02 20.42 -25.90
CA LEU H 20 19.71 20.00 -27.25
C LEU H 20 18.35 19.31 -27.29
N SER H 21 17.69 19.39 -28.45
CA SER H 21 16.39 18.77 -28.64
C SER H 21 16.40 18.03 -29.97
N CYS H 22 15.65 16.92 -30.01
CA CYS H 22 15.56 16.06 -31.18
C CYS H 22 14.08 15.81 -31.47
N UNK H 23 13.56 16.49 -32.49
CA UNK H 23 12.17 16.33 -32.89
C UNK H 23 12.05 15.21 -33.90
N ALA H 24 10.86 14.59 -33.94
CA ALA H 24 10.61 13.44 -34.79
C ALA H 24 9.29 13.61 -35.52
N UNK H 25 9.26 13.15 -36.77
CA UNK H 25 8.05 13.14 -37.57
C UNK H 25 8.00 11.83 -38.36
N UNK H 26 6.81 11.48 -38.82
CA UNK H 26 6.61 10.28 -39.59
C UNK H 26 6.38 9.03 -38.78
N UNK H 27 6.56 9.08 -37.46
CA UNK H 27 6.36 7.94 -36.58
C UNK H 27 6.33 8.44 -35.14
N UNK H 28 5.55 7.74 -34.31
CA UNK H 28 5.55 8.03 -32.88
C UNK H 28 6.71 7.30 -32.22
N UNK H 29 7.55 8.04 -31.50
CA UNK H 29 8.78 7.50 -30.94
C UNK H 29 8.62 7.05 -29.50
N UNK H 30 7.38 6.98 -29.00
CA UNK H 30 7.18 6.63 -27.60
C UNK H 30 7.63 5.20 -27.29
N UNK H 31 7.55 4.31 -28.27
CA UNK H 31 7.90 2.90 -28.07
C UNK H 31 9.33 2.58 -28.44
N UNK H 32 10.14 3.56 -28.85
CA UNK H 32 11.48 3.31 -29.31
C UNK H 32 12.48 4.05 -28.43
N UNK H 33 13.69 3.52 -28.37
CA UNK H 33 14.78 4.19 -27.68
C UNK H 33 15.41 5.23 -28.59
N UNK H 34 15.80 6.36 -28.01
CA UNK H 34 16.41 7.46 -28.74
C UNK H 34 17.81 7.69 -28.20
N UNK H 35 18.81 7.58 -29.07
CA UNK H 35 20.20 7.71 -28.67
C UNK H 35 20.77 9.04 -29.15
N TRP H 36 21.75 9.55 -28.41
CA TRP H 36 22.50 10.72 -28.80
C TRP H 36 23.93 10.30 -29.14
N UNK H 37 24.45 10.82 -30.23
CA UNK H 37 25.82 10.57 -30.67
C UNK H 37 26.53 11.89 -30.93
N ARG H 38 27.84 11.81 -31.10
CA ARG H 38 28.62 13.00 -31.42
C ARG H 38 29.86 12.56 -32.20
N GLN H 39 30.29 13.42 -33.12
CA GLN H 39 31.45 13.12 -33.97
C GLN H 39 32.42 14.29 -33.86
N UNK H 40 33.50 14.08 -33.11
CA UNK H 40 34.54 15.09 -32.95
C UNK H 40 35.29 15.27 -34.26
N PRO H 41 36.04 16.38 -34.39
CA PRO H 41 36.84 16.57 -35.61
C PRO H 41 37.79 15.40 -35.90
N GLY H 42 37.46 14.62 -36.93
CA GLY H 42 38.29 13.51 -37.35
C GLY H 42 38.09 12.21 -36.61
N UNK H 43 37.53 12.24 -35.39
CA UNK H 43 37.38 11.04 -34.60
C UNK H 43 36.13 10.26 -35.01
N UNK H 44 35.86 9.17 -34.29
CA UNK H 44 34.72 8.32 -34.56
C UNK H 44 33.46 8.89 -33.93
N ARG H 45 32.32 8.50 -34.50
CA ARG H 45 31.00 8.87 -33.97
C ARG H 45 30.80 8.20 -32.62
N GLU H 46 31.00 8.96 -31.54
CA GLU H 46 30.95 8.41 -30.20
C GLU H 46 29.52 8.32 -29.66
N UNK H 47 29.25 7.26 -28.92
CA UNK H 47 27.99 7.18 -28.18
C UNK H 47 28.00 8.17 -27.03
N VAL H 48 26.85 8.81 -26.80
CA VAL H 48 26.73 9.82 -25.74
C VAL H 48 25.74 9.33 -24.70
N UNK H 49 24.48 9.16 -25.09
CA UNK H 49 23.43 8.74 -24.17
C UNK H 49 22.27 8.17 -24.96
N UNK H 50 21.47 7.36 -24.28
CA UNK H 50 20.26 6.76 -24.85
C UNK H 50 19.14 6.85 -23.83
N UNK H 51 17.95 7.17 -24.32
CA UNK H 51 16.74 7.23 -23.49
C UNK H 51 15.78 6.14 -24.00
N UNK H 52 15.73 5.03 -23.29
CA UNK H 52 14.79 3.96 -23.63
C UNK H 52 13.38 4.38 -23.25
N UNK H 53 12.44 3.46 -23.43
CA UNK H 53 11.04 3.74 -23.10
C UNK H 53 10.90 4.13 -21.64
N UNK H 54 9.86 4.91 -21.35
CA UNK H 54 9.61 5.40 -19.99
C UNK H 54 9.53 4.23 -19.01
N UNK H 55 10.47 4.21 -18.06
CA UNK H 55 10.58 3.14 -17.09
C UNK H 55 11.74 2.21 -17.32
N UNK H 56 12.33 2.21 -18.52
CA UNK H 56 13.46 1.35 -18.84
C UNK H 56 14.80 2.02 -18.61
N UNK H 57 14.81 3.25 -18.12
CA UNK H 57 16.04 3.89 -17.69
C UNK H 57 16.82 4.55 -18.83
N UNK H 58 17.85 5.28 -18.43
CA UNK H 58 18.75 5.95 -19.36
C UNK H 58 20.18 5.46 -19.12
N UNK H 59 20.96 5.46 -20.19
CA UNK H 59 22.32 4.97 -20.16
C UNK H 59 23.24 5.99 -20.82
N UNK H 60 24.43 6.15 -20.27
CA UNK H 60 25.35 7.21 -20.67
C UNK H 60 26.72 6.63 -20.95
N UNK H 61 27.52 7.39 -21.71
CA UNK H 61 28.88 7.00 -21.99
C UNK H 61 29.79 7.36 -20.82
N ASP H 62 30.96 6.72 -20.77
CA ASP H 62 31.87 6.92 -19.66
C ASP H 62 32.37 8.36 -19.61
N SER H 63 32.61 8.97 -20.76
CA SER H 63 33.14 10.33 -20.82
C SER H 63 32.12 11.40 -20.46
N UNK H 64 30.83 11.06 -20.36
CA UNK H 64 29.79 12.05 -20.15
C UNK H 64 28.95 11.76 -18.92
N UNK H 65 29.34 10.77 -18.12
CA UNK H 65 28.54 10.40 -16.96
C UNK H 65 28.61 11.48 -15.88
N GLY H 66 27.44 11.81 -15.33
CA GLY H 66 27.31 12.82 -14.29
C GLY H 66 27.11 14.22 -14.79
N ARG H 67 27.55 14.52 -16.02
CA ARG H 67 27.43 15.86 -16.59
C ARG H 67 26.24 16.01 -17.53
N PHE H 68 25.87 14.95 -18.25
CA PHE H 68 24.80 15.00 -19.24
C PHE H 68 23.56 14.30 -18.71
N THR H 69 22.41 14.70 -19.25
CA THR H 69 21.13 14.12 -18.88
C THR H 69 20.24 14.06 -20.12
N UNK H 70 19.75 12.86 -20.41
CA UNK H 70 18.84 12.64 -21.54
C UNK H 70 17.43 12.43 -20.98
N SER H 71 16.44 12.90 -21.72
CA SER H 71 15.05 12.83 -21.27
C SER H 71 14.13 12.80 -22.48
N UNK H 72 12.92 12.29 -22.26
CA UNK H 72 11.91 12.18 -23.30
C UNK H 72 10.72 13.08 -23.02
N ASP H 73 9.97 13.36 -24.09
CA ASP H 73 8.66 14.02 -24.02
C ASP H 73 7.80 13.35 -25.10
N UNK H 74 7.20 12.22 -24.75
CA UNK H 74 6.48 11.42 -25.74
C UNK H 74 5.24 12.12 -26.29
N UNK H 75 4.70 13.10 -25.56
CA UNK H 75 3.55 13.85 -26.08
C UNK H 75 3.97 14.75 -27.23
N UNK H 76 5.14 15.38 -27.13
CA UNK H 76 5.65 16.25 -28.18
C UNK H 76 6.55 15.51 -29.18
N UNK H 77 6.72 14.21 -29.02
CA UNK H 77 7.56 13.41 -29.92
C UNK H 77 8.98 13.96 -30.00
N UNK H 78 9.59 14.16 -28.84
CA UNK H 78 10.88 14.82 -28.75
C UNK H 78 11.68 14.25 -27.59
N UNK H 79 13.00 14.14 -27.77
CA UNK H 79 13.91 13.82 -26.69
C UNK H 79 14.93 14.96 -26.57
N UNK H 80 15.45 15.14 -25.37
CA UNK H 80 16.36 16.24 -25.07
C UNK H 80 17.67 15.71 -24.50
N LEU H 81 18.69 16.57 -24.54
CA LEU H 81 19.99 16.27 -23.94
C LEU H 81 20.45 17.50 -23.19
N GLN H 82 20.40 17.44 -21.86
CA GLN H 82 20.83 18.54 -21.01
C GLN H 82 22.32 18.39 -20.73
N UNK H 83 23.11 19.34 -21.23
CA UNK H 83 24.56 19.29 -21.10
C UNK H 83 24.99 20.30 -20.03
N UNK H 84 25.61 19.80 -18.97
CA UNK H 84 26.10 20.62 -17.88
C UNK H 84 27.61 20.46 -17.74
N UNK H 85 28.25 21.50 -17.19
CA UNK H 85 29.69 21.51 -16.96
C UNK H 85 30.44 21.19 -18.24
N LEU H 86 30.13 21.94 -19.30
CA LEU H 86 30.74 21.70 -20.60
C LEU H 86 32.23 21.99 -20.56
N UNK H 87 32.98 21.24 -21.36
CA UNK H 87 34.43 21.36 -21.49
C UNK H 87 34.80 21.47 -22.96
N UNK H 88 35.95 22.06 -23.27
CA UNK H 88 36.32 22.25 -24.68
C UNK H 88 36.45 20.96 -25.48
N UNK H 89 36.55 19.80 -24.82
CA UNK H 89 36.65 18.54 -25.55
C UNK H 89 35.30 18.06 -26.07
N ASP H 90 34.20 18.68 -25.67
CA ASP H 90 32.88 18.30 -26.15
C ASP H 90 32.54 18.88 -27.52
N UNK H 91 33.46 19.64 -28.13
CA UNK H 91 33.22 20.21 -29.44
C UNK H 91 33.02 19.13 -30.50
N ALA H 92 31.79 18.99 -31.00
CA ALA H 92 31.46 18.00 -32.01
C ALA H 92 30.07 18.31 -32.55
N UNK H 93 29.70 17.59 -33.61
CA UNK H 93 28.35 17.64 -34.16
C UNK H 93 27.54 16.54 -33.48
N TYR H 94 26.47 16.92 -32.81
CA TYR H 94 25.67 15.98 -32.01
C TYR H 94 24.49 15.49 -32.83
N TYR H 95 24.45 14.19 -33.10
CA TYR H 95 23.37 13.56 -33.83
C TYR H 95 22.49 12.76 -32.87
N CYS H 96 21.20 12.69 -33.19
CA CYS H 96 20.29 11.78 -32.52
C CYS H 96 19.83 10.70 -33.50
N UNK H 97 19.68 9.49 -33.00
CA UNK H 97 19.25 8.36 -33.80
C UNK H 97 18.17 7.60 -33.04
N UNK H 98 17.26 6.99 -33.80
CA UNK H 98 16.18 6.18 -33.23
C UNK H 98 16.57 4.72 -33.35
N UNK H 99 16.37 3.96 -32.27
CA UNK H 99 16.62 2.53 -32.26
C UNK H 99 15.36 1.83 -32.76
N UNK H 100 15.41 1.36 -34.00
CA UNK H 100 14.23 0.73 -34.61
C UNK H 100 13.88 -0.60 -33.97
N UNK H 101 14.77 -1.18 -33.17
CA UNK H 101 14.47 -2.42 -32.48
C UNK H 101 13.81 -2.11 -31.14
N UNK H 102 12.62 -2.66 -30.93
CA UNK H 102 11.92 -2.50 -29.67
C UNK H 102 12.63 -3.21 -28.52
N UNK H 103 13.53 -4.14 -28.82
CA UNK H 103 14.26 -4.89 -27.81
C UNK H 103 15.66 -4.35 -27.56
N UNK H 104 15.98 -3.16 -28.09
CA UNK H 104 17.15 -2.39 -27.70
C UNK H 104 18.46 -3.00 -28.20
N UNK H 105 18.44 -3.60 -29.38
CA UNK H 105 19.68 -4.11 -29.95
C UNK H 105 20.50 -3.03 -30.67
N UNK H 106 20.05 -1.79 -30.65
CA UNK H 106 20.80 -0.73 -31.29
C UNK H 106 20.76 -0.74 -32.80
N UNK H 107 19.58 -0.99 -33.39
CA UNK H 107 19.40 -0.93 -34.84
C UNK H 107 19.01 0.49 -35.21
N UNK H 108 19.99 1.29 -35.61
CA UNK H 108 19.78 2.71 -35.89
C UNK H 108 19.52 2.88 -37.38
N UNK H 109 18.25 2.96 -37.75
CA UNK H 109 17.87 3.10 -39.15
C UNK H 109 17.92 4.55 -39.61
N UNK H 110 17.34 5.45 -38.82
CA UNK H 110 17.18 6.85 -39.21
C UNK H 110 18.02 7.74 -38.30
N TRP H 111 18.67 8.73 -38.90
CA TRP H 111 19.50 9.68 -38.18
C TRP H 111 19.05 11.09 -38.48
N GLY H 112 19.44 12.02 -37.61
CA GLY H 112 19.24 13.43 -37.89
C GLY H 112 20.45 14.03 -38.61
N UNK H 113 20.29 15.27 -39.03
CA UNK H 113 21.38 15.96 -39.73
C UNK H 113 22.39 16.55 -38.77
N GLY H 114 22.08 16.63 -37.49
CA GLY H 114 23.04 17.08 -36.49
C GLY H 114 23.05 18.58 -36.30
N THR H 115 23.48 18.99 -35.11
CA THR H 115 23.67 20.39 -34.77
C THR H 115 25.06 20.56 -34.16
N UNK H 116 25.74 21.64 -34.56
CA UNK H 116 27.10 21.88 -34.12
C UNK H 116 27.12 22.48 -32.71
N VAL H 117 27.94 21.90 -31.85
CA VAL H 117 28.19 22.42 -30.51
C VAL H 117 29.69 22.65 -30.39
N THR H 118 30.08 23.92 -30.35
CA THR H 118 31.49 24.30 -30.29
C THR H 118 31.77 25.00 -28.97
N VAL H 119 32.85 24.59 -28.30
CA VAL H 119 33.28 25.17 -27.04
C VAL H 119 34.74 25.58 -27.19
N SER H 120 35.00 26.89 -27.12
CA SER H 120 36.35 27.41 -27.25
C SER H 120 36.78 28.15 -25.99
N VAL I 2 -17.75 -39.01 26.54
CA VAL I 2 -17.38 -37.96 25.61
C VAL I 2 -16.93 -36.72 26.37
N GLN I 3 -15.62 -36.55 26.49
CA GLN I 3 -15.02 -35.47 27.27
C GLN I 3 -14.13 -34.62 26.40
N LEU I 4 -14.14 -33.31 26.66
CA LEU I 4 -13.33 -32.35 25.94
C LEU I 4 -12.43 -31.62 26.92
N UNK I 5 -11.24 -31.24 26.45
CA UNK I 5 -10.25 -30.62 27.33
C UNK I 5 -9.44 -29.60 26.52
N UNK I 6 -9.55 -28.33 26.89
CA UNK I 6 -8.81 -27.27 26.25
C UNK I 6 -7.41 -27.15 26.84
N SER I 7 -6.54 -26.46 26.11
CA SER I 7 -5.17 -26.19 26.55
C SER I 7 -4.60 -25.07 25.69
N GLY I 8 -3.44 -24.56 26.11
CA GLY I 8 -2.75 -23.52 25.38
C GLY I 8 -2.94 -22.12 25.91
N GLY I 9 -3.78 -21.92 26.91
CA GLY I 9 -3.99 -20.60 27.47
C GLY I 9 -2.81 -20.12 28.30
N GLY I 10 -2.83 -18.82 28.60
CA GLY I 10 -1.78 -18.20 29.38
C GLY I 10 -1.92 -16.69 29.45
N UNK I 11 -0.79 -15.98 29.37
CA UNK I 11 -0.78 -14.52 29.44
C UNK I 11 0.14 -13.99 28.34
N VAL I 12 -0.41 -13.12 27.50
CA VAL I 12 0.37 -12.43 26.47
C VAL I 12 -0.09 -10.98 26.41
N GLN I 13 0.82 -10.11 26.00
CA GLN I 13 0.51 -8.68 25.92
C GLN I 13 -0.17 -8.37 24.59
N UNK I 14 -0.78 -7.19 24.48
CA UNK I 14 -1.42 -6.82 23.20
C UNK I 14 -0.45 -6.91 22.03
N GLY I 15 -0.93 -7.53 20.94
CA GLY I 15 -0.13 -7.80 19.78
C GLY I 15 0.39 -9.22 19.69
N UNK I 16 0.45 -9.93 20.81
CA UNK I 16 0.94 -11.29 20.82
C UNK I 16 -0.01 -12.26 20.15
N SER I 17 0.34 -13.54 20.22
CA SER I 17 -0.43 -14.60 19.57
C SER I 17 -0.54 -15.79 20.50
N LEU I 18 -1.48 -16.69 20.17
CA LEU I 18 -1.71 -17.90 20.93
C LEU I 18 -2.37 -18.92 20.02
N UNK I 19 -2.25 -20.20 20.39
CA UNK I 19 -2.86 -21.28 19.62
C UNK I 19 -3.47 -22.28 20.59
N LEU I 20 -4.78 -22.17 20.79
CA LEU I 20 -5.51 -23.10 21.65
C LEU I 20 -5.79 -24.40 20.93
N SER I 21 -5.92 -25.48 21.70
CA SER I 21 -6.20 -26.80 21.18
C SER I 21 -7.30 -27.44 22.02
N CYS I 22 -8.12 -28.25 21.36
CA CYS I 22 -9.26 -28.93 21.99
C CYS I 22 -9.18 -30.41 21.64
N UNK I 23 -8.77 -31.23 22.59
CA UNK I 23 -8.70 -32.67 22.41
C UNK I 23 -10.03 -33.30 22.78
N ALA I 24 -10.33 -34.45 22.16
CA ALA I 24 -11.59 -35.13 22.34
C ALA I 24 -11.35 -36.61 22.60
N UNK I 25 -12.17 -37.19 23.48
CA UNK I 25 -12.13 -38.62 23.76
C UNK I 25 -13.55 -39.13 23.91
N UNK I 26 -13.70 -40.44 23.74
CA UNK I 26 -15.00 -41.07 23.83
C UNK I 26 -15.80 -41.09 22.55
N UNK I 27 -15.34 -40.38 21.52
CA UNK I 27 -16.04 -40.31 20.24
C UNK I 27 -15.10 -39.72 19.20
N UNK I 28 -15.26 -40.15 17.95
CA UNK I 28 -14.54 -39.56 16.83
C UNK I 28 -15.28 -38.32 16.36
N UNK I 29 -14.57 -37.20 16.31
CA UNK I 29 -15.19 -35.91 16.02
C UNK I 29 -15.09 -35.53 14.55
N UNK I 30 -14.68 -36.46 13.69
CA UNK I 30 -14.49 -36.13 12.28
C UNK I 30 -15.81 -35.77 11.61
N UNK I 31 -16.92 -36.36 12.05
CA UNK I 31 -18.22 -36.14 11.43
C UNK I 31 -19.02 -35.01 12.07
N UNK I 32 -18.47 -34.34 13.09
CA UNK I 32 -19.18 -33.32 13.83
C UNK I 32 -18.46 -31.99 13.74
N UNK I 33 -19.21 -30.90 13.86
CA UNK I 33 -18.64 -29.57 13.93
C UNK I 33 -18.16 -29.29 15.34
N UNK I 34 -17.05 -28.57 15.45
CA UNK I 34 -16.45 -28.21 16.73
C UNK I 34 -16.43 -26.69 16.83
N UNK I 35 -17.08 -26.15 17.85
CA UNK I 35 -17.21 -24.71 18.04
C UNK I 35 -16.33 -24.24 19.19
N TRP I 36 -15.89 -22.99 19.10
CA TRP I 36 -15.15 -22.33 20.16
C TRP I 36 -15.99 -21.19 20.74
N UNK I 37 -16.01 -21.10 22.07
CA UNK I 37 -16.73 -20.07 22.80
C UNK I 37 -15.78 -19.39 23.77
N ARG I 38 -16.25 -18.27 24.34
CA ARG I 38 -15.49 -17.55 25.35
C ARG I 38 -16.48 -16.82 26.25
N GLN I 39 -16.12 -16.69 27.52
CA GLN I 39 -16.97 -16.03 28.52
C GLN I 39 -16.15 -14.97 29.24
N UNK I 40 -16.37 -13.70 28.90
CA UNK I 40 -15.69 -12.59 29.53
C UNK I 40 -16.16 -12.42 30.97
N PRO I 41 -15.40 -11.69 31.81
CA PRO I 41 -15.87 -11.43 33.18
C PRO I 41 -17.23 -10.77 33.23
N GLY I 42 -18.24 -11.54 33.65
CA GLY I 42 -19.59 -11.04 33.80
C GLY I 42 -20.44 -11.04 32.54
N UNK I 43 -19.82 -11.07 31.36
CA UNK I 43 -20.56 -10.99 30.12
C UNK I 43 -21.09 -12.37 29.74
N UNK I 44 -21.75 -12.44 28.58
CA UNK I 44 -22.34 -13.68 28.09
C UNK I 44 -21.28 -14.54 27.39
N ARG I 45 -21.54 -15.85 27.34
CA ARG I 45 -20.69 -16.79 26.61
C ARG I 45 -20.80 -16.50 25.13
N GLU I 46 -19.81 -15.80 24.59
CA GLU I 46 -19.85 -15.33 23.21
C GLU I 46 -19.39 -16.43 22.25
N UNK I 47 -20.06 -16.51 21.10
CA UNK I 47 -19.59 -17.37 20.04
C UNK I 47 -18.33 -16.79 19.41
N VAL I 48 -17.38 -17.67 19.07
CA VAL I 48 -16.11 -17.25 18.49
C VAL I 48 -15.96 -17.79 17.09
N UNK I 49 -15.93 -19.12 16.96
CA UNK I 49 -15.75 -19.74 15.65
C UNK I 49 -16.21 -21.18 15.70
N UNK I 50 -16.51 -21.73 14.52
CA UNK I 50 -16.91 -23.12 14.37
C UNK I 50 -16.19 -23.70 13.16
N UNK I 51 -15.71 -24.93 13.29
CA UNK I 51 -15.04 -25.66 12.22
C UNK I 51 -15.91 -26.86 11.86
N UNK I 52 -16.66 -26.75 10.77
CA UNK I 52 -17.47 -27.87 10.31
C UNK I 52 -16.58 -28.93 9.67
N UNK I 53 -17.21 -29.97 9.14
CA UNK I 53 -16.47 -31.06 8.50
C UNK I 53 -15.60 -30.54 7.36
N UNK I 54 -14.50 -31.24 7.11
CA UNK I 54 -13.56 -30.83 6.07
C UNK I 54 -14.27 -30.73 4.74
N UNK I 55 -14.29 -29.51 4.18
CA UNK I 55 -15.00 -29.20 2.97
C UNK I 55 -16.27 -28.40 3.19
N UNK I 56 -16.77 -28.36 4.42
CA UNK I 56 -17.96 -27.59 4.76
C UNK I 56 -17.64 -26.21 5.29
N UNK I 57 -16.36 -25.86 5.39
CA UNK I 57 -15.95 -24.51 5.70
C UNK I 57 -15.91 -24.18 7.18
N UNK I 58 -15.38 -22.99 7.48
CA UNK I 58 -15.31 -22.45 8.82
C UNK I 58 -16.03 -21.12 8.89
N UNK I 59 -16.59 -20.82 10.06
CA UNK I 59 -17.38 -19.62 10.28
C UNK I 59 -16.91 -18.91 11.55
N UNK I 60 -16.88 -17.58 11.50
CA UNK I 60 -16.32 -16.77 12.57
C UNK I 60 -17.30 -15.68 13.00
N UNK I 61 -17.08 -15.16 14.20
CA UNK I 61 -17.86 -14.05 14.73
C UNK I 61 -17.34 -12.73 14.20
N ASP I 62 -18.20 -11.70 14.27
CA ASP I 62 -17.84 -10.38 13.74
C ASP I 62 -16.67 -9.77 14.51
N SER I 63 -16.64 -9.96 15.83
CA SER I 63 -15.61 -9.34 16.65
C SER I 63 -14.23 -9.97 16.48
N UNK I 64 -14.13 -11.14 15.85
CA UNK I 64 -12.88 -11.86 15.74
C UNK I 64 -12.52 -12.16 14.29
N UNK I 65 -13.28 -11.64 13.33
CA UNK I 65 -13.04 -11.93 11.93
C UNK I 65 -11.75 -11.25 11.45
N GLY I 66 -10.96 -12.00 10.69
CA GLY I 66 -9.69 -11.52 10.18
C GLY I 66 -8.50 -11.77 11.09
N ARG I 67 -8.73 -11.91 12.39
CA ARG I 67 -7.66 -12.15 13.34
C ARG I 67 -7.52 -13.61 13.73
N PHE I 68 -8.61 -14.37 13.79
CA PHE I 68 -8.60 -15.76 14.23
C PHE I 68 -8.79 -16.69 13.04
N THR I 69 -8.30 -17.92 13.21
CA THR I 69 -8.45 -18.98 12.23
C THR I 69 -8.63 -20.30 12.97
N UNK I 70 -9.71 -21.01 12.65
CA UNK I 70 -10.01 -22.30 13.27
C UNK I 70 -9.69 -23.40 12.27
N SER I 71 -9.23 -24.55 12.78
CA SER I 71 -8.81 -25.64 11.92
C SER I 71 -9.00 -26.96 12.66
N UNK I 72 -9.08 -28.03 11.88
CA UNK I 72 -9.26 -29.38 12.42
C UNK I 72 -8.04 -30.24 12.12
N ASP I 73 -7.91 -31.31 12.91
CA ASP I 73 -6.95 -32.39 12.67
C ASP I 73 -7.68 -33.68 13.06
N UNK I 74 -8.46 -34.21 12.11
CA UNK I 74 -9.34 -35.34 12.41
C UNK I 74 -8.55 -36.61 12.73
N UNK I 75 -7.29 -36.70 12.32
CA UNK I 75 -6.48 -37.86 12.68
C UNK I 75 -6.16 -37.86 14.17
N UNK I 76 -5.85 -36.70 14.73
CA UNK I 76 -5.53 -36.56 16.15
C UNK I 76 -6.76 -36.28 17.00
N UNK I 77 -7.95 -36.22 16.40
CA UNK I 77 -9.20 -35.95 17.10
C UNK I 77 -9.12 -34.63 17.88
N UNK I 78 -8.72 -33.57 17.17
CA UNK I 78 -8.43 -32.29 17.79
C UNK I 78 -8.79 -31.17 16.84
N UNK I 79 -9.29 -30.06 17.38
CA UNK I 79 -9.49 -28.83 16.64
C UNK I 79 -8.69 -27.73 17.32
N UNK I 80 -8.27 -26.74 16.54
CA UNK I 80 -7.43 -25.67 17.03
C UNK I 80 -8.09 -24.32 16.78
N LEU I 81 -7.61 -23.31 17.51
CA LEU I 81 -8.03 -21.93 17.32
C LEU I 81 -6.79 -21.06 17.36
N GLN I 82 -6.37 -20.56 16.20
CA GLN I 82 -5.18 -19.72 16.09
C GLN I 82 -5.59 -18.27 16.34
N UNK I 83 -5.10 -17.69 17.42
CA UNK I 83 -5.44 -16.33 17.83
C UNK I 83 -4.28 -15.40 17.49
N UNK I 84 -4.51 -14.44 16.61
CA UNK I 84 -3.50 -13.47 16.21
C UNK I 84 -3.97 -12.06 16.55
N UNK I 85 -3.00 -11.17 16.77
CA UNK I 85 -3.26 -9.76 17.08
C UNK I 85 -4.24 -9.61 18.24
N LEU I 86 -3.90 -10.26 19.35
CA LEU I 86 -4.78 -10.25 20.52
C LEU I 86 -4.91 -8.85 21.10
N UNK I 87 -6.06 -8.58 21.68
CA UNK I 87 -6.41 -7.31 22.30
C UNK I 87 -6.92 -7.58 23.70
N UNK I 88 -6.84 -6.59 24.61
CA UNK I 88 -7.25 -6.82 26.00
C UNK I 88 -8.69 -7.25 26.17
N UNK I 89 -9.56 -7.06 25.16
CA UNK I 89 -10.95 -7.48 25.31
C UNK I 89 -11.14 -8.98 25.10
N ASP I 90 -10.13 -9.70 24.60
CA ASP I 90 -10.24 -11.14 24.41
C ASP I 90 -9.99 -11.92 25.69
N UNK I 91 -9.71 -11.25 26.80
CA UNK I 91 -9.50 -11.92 28.08
C UNK I 91 -10.78 -12.63 28.51
N ALA I 92 -10.77 -13.97 28.48
CA ALA I 92 -11.95 -14.74 28.83
C ALA I 92 -11.53 -16.20 28.99
N UNK I 93 -12.47 -17.01 29.47
CA UNK I 93 -12.30 -18.46 29.53
C UNK I 93 -12.85 -19.04 28.25
N TYR I 94 -12.00 -19.72 27.48
CA TYR I 94 -12.35 -20.22 26.16
C TYR I 94 -12.73 -21.70 26.26
N TYR I 95 -13.99 -22.00 25.92
CA TYR I 95 -14.51 -23.36 25.91
C TYR I 95 -14.67 -23.84 24.47
N CYS I 96 -14.49 -25.14 24.27
CA CYS I 96 -14.84 -25.79 23.02
C CYS I 96 -16.00 -26.74 23.26
N UNK I 97 -16.90 -26.81 22.27
CA UNK I 97 -18.08 -27.66 22.34
C UNK I 97 -18.24 -28.40 21.02
N UNK I 98 -18.81 -29.59 21.11
CA UNK I 98 -19.08 -30.43 19.94
C UNK I 98 -20.54 -30.27 19.55
N UNK I 99 -20.79 -30.11 18.26
CA UNK I 99 -22.15 -30.02 17.73
C UNK I 99 -22.63 -31.45 17.47
N UNK I 100 -23.49 -31.95 18.34
CA UNK I 100 -23.95 -33.33 18.25
C UNK I 100 -24.86 -33.59 17.05
N UNK I 101 -25.37 -32.55 16.40
CA UNK I 101 -26.19 -32.72 15.20
C UNK I 101 -25.27 -32.69 13.97
N UNK I 102 -25.34 -33.75 13.17
CA UNK I 102 -24.56 -33.82 11.94
C UNK I 102 -25.03 -32.80 10.91
N UNK I 103 -26.23 -32.25 11.07
CA UNK I 103 -26.77 -31.26 10.14
C UNK I 103 -26.57 -29.83 10.63
N UNK I 104 -25.74 -29.63 11.65
CA UNK I 104 -25.23 -28.31 12.05
C UNK I 104 -26.31 -27.42 12.67
N UNK I 105 -27.25 -28.00 13.40
CA UNK I 105 -28.27 -27.21 14.08
C UNK I 105 -27.78 -26.63 15.41
N UNK I 106 -26.51 -26.84 15.74
CA UNK I 106 -25.96 -26.28 16.97
C UNK I 106 -26.41 -26.97 18.24
N UNK I 107 -26.45 -28.30 18.23
CA UNK I 107 -26.81 -29.07 19.42
C UNK I 107 -25.53 -29.37 20.19
N UNK I 108 -25.22 -28.53 21.18
CA UNK I 108 -23.98 -28.64 21.95
C UNK I 108 -24.27 -29.45 23.22
N UNK I 109 -23.96 -30.75 23.17
CA UNK I 109 -24.19 -31.65 24.29
C UNK I 109 -23.07 -31.62 25.32
N UNK I 110 -21.82 -31.72 24.86
CA UNK I 110 -20.68 -31.85 25.74
C UNK I 110 -19.77 -30.64 25.63
N TRP I 111 -19.26 -30.18 26.78
CA TRP I 111 -18.37 -29.04 26.86
C TRP I 111 -17.07 -29.43 27.55
N GLY I 112 -16.04 -28.62 27.32
CA GLY I 112 -14.81 -28.74 28.06
C GLY I 112 -14.82 -27.87 29.31
N UNK I 113 -13.78 -28.04 30.13
CA UNK I 113 -13.67 -27.26 31.36
C UNK I 113 -13.12 -25.86 31.14
N GLY I 114 -12.55 -25.61 29.98
CA GLY I 114 -12.10 -24.26 29.63
C GLY I 114 -10.70 -23.97 30.12
N THR I 115 -10.05 -23.03 29.43
CA THR I 115 -8.73 -22.53 29.82
C THR I 115 -8.76 -21.01 29.83
N UNK I 116 -8.14 -20.42 30.85
CA UNK I 116 -8.15 -18.98 31.00
C UNK I 116 -7.09 -18.35 30.09
N VAL I 117 -7.51 -17.36 29.31
CA VAL I 117 -6.62 -16.60 28.45
C VAL I 117 -6.75 -15.14 28.83
N THR I 118 -5.69 -14.57 29.41
CA THR I 118 -5.70 -13.19 29.87
C THR I 118 -4.71 -12.37 29.05
N VAL I 119 -5.17 -11.21 28.57
CA VAL I 119 -4.34 -10.28 27.81
C VAL I 119 -4.48 -8.92 28.47
N SER I 120 -3.38 -8.42 29.03
CA SER I 120 -3.40 -7.12 29.71
C SER I 120 -2.43 -6.15 29.05
N ALA J 2 -5.52 -33.98 7.38
CA ALA J 2 -5.08 -34.44 6.07
C ALA J 2 -5.10 -33.31 5.05
N ASN J 3 -4.87 -32.09 5.52
CA ASN J 3 -4.84 -30.93 4.62
C ASN J 3 -3.50 -30.89 3.91
N PRO J 4 -3.47 -30.95 2.57
CA PRO J 4 -2.18 -30.86 1.86
C PRO J 4 -1.46 -29.54 2.04
N ASN J 5 -2.14 -28.48 2.48
CA ASN J 5 -1.52 -27.19 2.68
C ASN J 5 -1.24 -26.87 4.14
N ALA J 6 -1.40 -27.86 5.03
CA ALA J 6 -1.15 -27.64 6.45
C ALA J 6 0.35 -27.61 6.72
N ASN J 7 0.70 -26.93 7.82
CA ASN J 7 2.10 -26.84 8.21
C ASN J 7 2.57 -28.20 8.72
N PRO J 8 3.77 -28.64 8.34
CA PRO J 8 4.19 -29.99 8.67
C PRO J 8 5.14 -30.08 9.86
N ASN J 9 5.17 -29.03 10.67
CA ASN J 9 6.02 -29.01 11.86
C ASN J 9 5.18 -29.38 13.08
N ALA J 10 5.83 -29.44 14.25
CA ALA J 10 5.13 -29.82 15.47
C ALA J 10 4.67 -28.58 16.23
N ASN J 11 3.39 -28.60 16.63
CA ASN J 11 2.67 -27.61 17.45
C ASN J 11 2.91 -26.15 17.05
N PRO J 12 3.05 -25.80 15.76
CA PRO J 12 3.37 -24.39 15.54
C PRO J 12 2.12 -23.51 15.51
N PRO K 4 -35.97 -38.05 -31.97
CA PRO K 4 -36.47 -37.05 -31.02
C PRO K 4 -35.36 -36.27 -30.35
N ASN K 5 -34.11 -36.54 -30.73
CA ASN K 5 -32.96 -35.87 -30.16
C ASN K 5 -32.30 -34.88 -31.12
N ALA K 6 -32.75 -34.81 -32.38
CA ALA K 6 -32.15 -33.92 -33.35
C ALA K 6 -32.47 -32.46 -33.02
N ASN K 7 -31.76 -31.56 -33.70
CA ASN K 7 -31.93 -30.14 -33.48
C ASN K 7 -33.17 -29.64 -34.22
N PRO K 8 -34.11 -28.98 -33.54
CA PRO K 8 -35.36 -28.57 -34.18
C PRO K 8 -35.27 -27.30 -35.01
N ASN K 9 -34.09 -26.74 -35.23
CA ASN K 9 -33.93 -25.51 -36.00
C ASN K 9 -33.47 -25.83 -37.42
N ALA K 10 -33.56 -24.83 -38.29
CA ALA K 10 -33.17 -25.00 -39.67
C ALA K 10 -31.65 -25.17 -39.79
N ASN K 11 -31.24 -26.08 -40.68
CA ASN K 11 -29.83 -26.38 -40.92
C ASN K 11 -29.10 -26.76 -39.63
N ALA L 2 2.72 15.52 -18.15
CA ALA L 2 2.76 14.08 -17.93
C ALA L 2 3.19 13.76 -16.50
N ASN L 3 4.45 14.03 -16.20
CA ASN L 3 5.00 13.79 -14.88
C ASN L 3 4.57 14.90 -13.94
N PRO L 4 3.93 14.61 -12.80
CA PRO L 4 3.56 15.69 -11.87
C PRO L 4 4.75 16.48 -11.36
N ASN L 5 5.97 15.99 -11.53
CA ASN L 5 7.18 16.70 -11.14
C ASN L 5 7.89 17.32 -12.32
N ALA L 6 7.25 17.36 -13.49
CA ALA L 6 7.87 17.93 -14.67
C ALA L 6 7.87 19.45 -14.60
N ASN L 7 8.82 20.06 -15.31
CA ASN L 7 8.92 21.50 -15.32
C ASN L 7 7.79 22.12 -16.14
N PRO L 8 7.19 23.22 -15.68
CA PRO L 8 6.01 23.77 -16.35
C PRO L 8 6.31 24.99 -17.21
N ASN L 9 7.57 25.20 -17.59
CA ASN L 9 7.94 26.36 -18.39
C ASN L 9 8.06 25.99 -19.88
N ALA L 10 8.43 26.99 -20.67
CA ALA L 10 8.55 26.88 -22.11
C ALA L 10 9.97 26.48 -22.48
N ASN L 11 10.10 25.68 -23.53
CA ASN L 11 11.38 25.16 -24.00
C ASN L 11 12.11 24.44 -22.88
#